data_1AW1
#
_entry.id   1AW1
#
_cell.length_a   89.508
_cell.length_b   138.076
_cell.length_c   89.524
_cell.angle_alpha   90.00
_cell.angle_beta   91.00
_cell.angle_gamma   90.00
#
_symmetry.space_group_name_H-M   'P 1 21 1'
#
loop_
_entity.id
_entity.type
_entity.pdbx_description
1 polymer 'TRIOSEPHOSPHATE ISOMERASE'
2 non-polymer '2-PHOSPHOGLYCOLIC ACID'
3 water water
#
_entity_poly.entity_id   1
_entity_poly.type   'polypeptide(L)'
_entity_poly.pdbx_seq_one_letter_code
;MRHPVVMGNWKLNGSKEMVVDLLNGLNAELEGVTGVDVAVAPPALFVDLAERTLTEAGSAIILGAQNTDLNNSGAFTGDM
SPAMLKEFGATHIIIGHSERREYHAESDEFVAKKFAFLKENGLTPVLCIGESDAQNEAGETMAVCARQLDAVINTQGVEA
LEGAIIAYEPIWAIGTGKAATAEDAQRIHAQIRAHIAEKSEAVAKNVVIQYGGSVKPENAAAYFAQPDIDGALVGGAALD
AKSFAAIAKAAAEAKA
;
_entity_poly.pdbx_strand_id   A,B,D,E,G,H,J,K
#
loop_
_chem_comp.id
_chem_comp.type
_chem_comp.name
_chem_comp.formula
PGA non-polymer '2-PHOSPHOGLYCOLIC ACID' 'C2 H5 O6 P'
#
# COMPACT_ATOMS: atom_id res chain seq x y z
N ARG A 2 -6.70 4.27 33.40
CA ARG A 2 -5.55 4.00 34.32
C ARG A 2 -4.82 5.29 34.77
N HIS A 3 -4.67 5.41 36.08
CA HIS A 3 -4.04 6.56 36.73
C HIS A 3 -2.53 6.40 36.48
N PRO A 4 -1.89 7.42 35.91
CA PRO A 4 -0.48 7.24 35.66
C PRO A 4 0.38 7.11 36.90
N VAL A 5 1.46 6.35 36.75
CA VAL A 5 2.42 6.15 37.82
C VAL A 5 3.80 6.48 37.26
N VAL A 6 4.49 7.40 37.96
CA VAL A 6 5.83 7.81 37.62
C VAL A 6 6.74 7.43 38.80
N MET A 7 7.68 6.54 38.53
CA MET A 7 8.59 6.08 39.56
C MET A 7 10.05 6.42 39.28
N GLY A 8 10.74 6.91 40.31
CA GLY A 8 12.15 7.22 40.18
C GLY A 8 13.05 6.16 40.78
N ASN A 9 13.87 5.51 39.97
CA ASN A 9 14.77 4.50 40.48
C ASN A 9 16.12 5.20 40.68
N TRP A 10 16.48 5.51 41.92
CA TRP A 10 17.72 6.20 42.19
C TRP A 10 18.95 5.35 41.99
N LYS A 11 18.79 4.04 41.92
CA LYS A 11 19.92 3.16 41.74
C LYS A 11 20.92 3.37 42.86
N LEU A 12 22.21 3.31 42.53
CA LEU A 12 23.25 3.46 43.52
C LEU A 12 23.67 4.92 43.68
N ASN A 13 22.73 5.74 44.14
CA ASN A 13 22.94 7.17 44.33
C ASN A 13 22.23 7.56 45.59
N GLY A 14 22.84 8.44 46.37
CA GLY A 14 22.22 8.85 47.62
C GLY A 14 23.26 9.22 48.65
N SER A 15 22.95 10.18 49.52
CA SER A 15 23.82 10.59 50.61
C SER A 15 22.85 11.25 51.53
N LYS A 16 23.18 11.31 52.81
CA LYS A 16 22.23 11.91 53.75
C LYS A 16 21.70 13.26 53.34
N GLU A 17 22.57 14.12 52.84
CA GLU A 17 22.16 15.46 52.44
C GLU A 17 21.39 15.40 51.15
N MET A 18 21.81 14.55 50.22
CA MET A 18 21.13 14.46 48.94
C MET A 18 19.70 13.95 49.10
N VAL A 19 19.48 12.97 49.96
CA VAL A 19 18.14 12.44 50.15
C VAL A 19 17.17 13.51 50.63
N VAL A 20 17.51 14.24 51.70
CA VAL A 20 16.57 15.25 52.16
C VAL A 20 16.38 16.40 51.21
N ASP A 21 17.43 16.85 50.54
CA ASP A 21 17.20 17.94 49.59
C ASP A 21 16.34 17.55 48.41
N LEU A 22 16.61 16.40 47.82
CA LEU A 22 15.82 15.94 46.69
C LEU A 22 14.37 15.70 47.08
N LEU A 23 14.11 15.04 48.21
CA LEU A 23 12.73 14.78 48.61
C LEU A 23 12.06 16.07 49.03
N ASN A 24 12.77 16.97 49.69
CA ASN A 24 12.14 18.22 50.06
C ASN A 24 11.77 19.04 48.84
N GLY A 25 12.69 19.16 47.88
CA GLY A 25 12.41 19.93 46.68
C GLY A 25 11.35 19.36 45.77
N LEU A 26 11.40 18.05 45.62
CA LEU A 26 10.49 17.34 44.77
C LEU A 26 9.09 17.60 45.25
N ASN A 27 8.93 17.57 46.56
CA ASN A 27 7.63 17.79 47.19
C ASN A 27 7.15 19.25 47.00
N ALA A 28 8.08 20.18 46.95
CA ALA A 28 7.68 21.55 46.75
C ALA A 28 7.15 21.70 45.33
N GLU A 29 7.84 21.08 44.38
CA GLU A 29 7.47 21.13 42.97
C GLU A 29 6.13 20.52 42.63
N LEU A 30 5.66 19.56 43.42
CA LEU A 30 4.43 18.86 43.08
C LEU A 30 3.23 19.35 43.84
N GLU A 31 3.39 20.53 44.39
CA GLU A 31 2.44 21.23 45.24
C GLU A 31 1.02 21.54 44.83
N GLY A 32 0.42 20.73 43.98
CA GLY A 32 -0.97 20.95 43.58
C GLY A 32 -1.27 19.89 42.55
N VAL A 33 -0.24 19.11 42.20
CA VAL A 33 -0.25 18.04 41.23
C VAL A 33 -0.89 16.79 41.85
N THR A 34 -2.02 16.36 41.32
CA THR A 34 -2.74 15.20 41.88
C THR A 34 -3.13 14.10 40.90
N GLY A 35 -2.90 14.32 39.62
CA GLY A 35 -3.26 13.33 38.63
C GLY A 35 -2.24 12.26 38.30
N VAL A 36 -1.22 12.08 39.15
CA VAL A 36 -0.17 11.09 38.95
C VAL A 36 0.23 10.52 40.29
N ASP A 37 0.76 9.30 40.30
CA ASP A 37 1.28 8.67 41.51
C ASP A 37 2.79 8.82 41.32
N VAL A 38 3.46 9.49 42.27
CA VAL A 38 4.89 9.69 42.16
C VAL A 38 5.51 8.82 43.22
N ALA A 39 6.38 7.90 42.82
CA ALA A 39 7.02 7.03 43.79
C ALA A 39 8.49 7.24 43.65
N VAL A 40 9.22 6.92 44.70
CA VAL A 40 10.67 7.11 44.71
C VAL A 40 11.27 5.85 45.33
N ALA A 41 12.39 5.40 44.79
CA ALA A 41 13.05 4.17 45.26
C ALA A 41 14.48 4.44 45.65
N PRO A 42 14.73 4.69 46.93
CA PRO A 42 16.13 4.94 47.26
C PRO A 42 16.91 3.68 47.64
N PRO A 43 18.25 3.78 47.76
CA PRO A 43 19.05 2.61 48.14
C PRO A 43 18.55 2.17 49.51
N ALA A 44 18.57 0.86 49.81
CA ALA A 44 18.13 0.33 51.10
C ALA A 44 18.64 1.15 52.29
N LEU A 45 19.92 1.52 52.29
CA LEU A 45 20.48 2.34 53.36
C LEU A 45 19.70 3.64 53.67
N PHE A 46 19.00 4.22 52.70
CA PHE A 46 18.26 5.49 52.91
C PHE A 46 16.73 5.40 52.96
N VAL A 47 16.18 4.20 53.07
CA VAL A 47 14.73 4.05 53.16
C VAL A 47 14.23 4.69 54.45
N ASP A 48 15.01 4.59 55.52
CA ASP A 48 14.63 5.20 56.79
C ASP A 48 14.60 6.74 56.70
N LEU A 49 15.69 7.34 56.21
CA LEU A 49 15.78 8.78 56.07
C LEU A 49 14.70 9.29 55.13
N ALA A 50 14.35 8.51 54.12
CA ALA A 50 13.31 8.90 53.17
C ALA A 50 11.94 8.92 53.87
N GLU A 51 11.66 7.92 54.71
CA GLU A 51 10.39 7.90 55.42
C GLU A 51 10.31 9.09 56.35
N ARG A 52 11.38 9.33 57.12
CA ARG A 52 11.41 10.44 58.07
C ARG A 52 11.12 11.79 57.41
N THR A 53 11.75 12.04 56.27
CA THR A 53 11.59 13.26 55.53
C THR A 53 10.16 13.41 54.98
N LEU A 54 9.67 12.38 54.29
CA LEU A 54 8.34 12.42 53.70
C LEU A 54 7.27 12.56 54.75
N THR A 55 7.51 11.95 55.91
CA THR A 55 6.56 12.05 57.01
C THR A 55 6.55 13.48 57.53
N GLU A 56 7.69 14.01 57.89
CA GLU A 56 7.75 15.36 58.40
C GLU A 56 7.05 16.35 57.50
N ALA A 57 7.14 16.16 56.19
CA ALA A 57 6.52 17.05 55.23
C ALA A 57 5.08 16.71 54.91
N GLY A 58 4.63 15.53 55.32
CA GLY A 58 3.27 15.13 55.00
C GLY A 58 3.17 14.89 53.50
N SER A 59 4.27 14.46 52.89
CA SER A 59 4.28 14.23 51.46
C SER A 59 3.41 13.07 51.06
N ALA A 60 2.90 13.13 49.84
CA ALA A 60 2.08 12.06 49.29
C ALA A 60 2.95 11.17 48.42
N ILE A 61 4.21 11.54 48.25
CA ILE A 61 5.13 10.76 47.46
C ILE A 61 5.21 9.36 48.06
N ILE A 62 5.11 8.35 47.20
CA ILE A 62 5.18 6.95 47.58
C ILE A 62 6.63 6.51 47.70
N LEU A 63 6.88 5.65 48.69
CA LEU A 63 8.21 5.10 48.94
C LEU A 63 8.30 3.65 48.42
N GLY A 64 9.39 3.35 47.73
CA GLY A 64 9.60 2.02 47.20
C GLY A 64 11.02 1.61 47.47
N ALA A 65 11.45 0.49 46.86
CA ALA A 65 12.79 -0.06 47.02
C ALA A 65 13.27 -0.66 45.69
N GLN A 66 14.56 -0.94 45.59
CA GLN A 66 15.12 -1.42 44.34
C GLN A 66 15.18 -2.88 44.12
N ASN A 67 14.81 -3.65 45.13
CA ASN A 67 14.87 -5.10 45.05
C ASN A 67 14.35 -5.74 46.33
N THR A 68 14.11 -7.05 46.29
CA THR A 68 13.70 -7.81 47.47
C THR A 68 14.23 -9.23 47.39
N ASP A 69 14.25 -9.91 48.53
CA ASP A 69 14.64 -11.30 48.55
C ASP A 69 13.40 -12.11 48.90
N LEU A 70 13.56 -13.41 49.08
CA LEU A 70 12.40 -14.25 49.30
C LEU A 70 12.06 -14.63 50.73
N ASN A 71 12.60 -13.92 51.72
CA ASN A 71 12.29 -14.26 53.11
C ASN A 71 12.05 -13.03 53.94
N ASN A 72 11.21 -13.18 54.95
CA ASN A 72 10.91 -12.09 55.83
C ASN A 72 11.83 -12.05 57.01
N SER A 73 12.26 -13.21 57.45
CA SER A 73 13.18 -13.30 58.58
C SER A 73 13.87 -14.63 58.60
N GLY A 74 14.90 -14.75 59.43
CA GLY A 74 15.63 -15.99 59.48
C GLY A 74 17.10 -15.85 59.20
N ALA A 75 17.75 -16.97 58.98
CA ALA A 75 19.17 -16.99 58.73
C ALA A 75 19.52 -16.78 57.28
N PHE A 76 19.45 -15.53 56.84
CA PHE A 76 19.80 -15.22 55.47
C PHE A 76 20.57 -13.91 55.52
N THR A 77 21.85 -14.01 55.81
CA THR A 77 22.74 -12.86 55.89
C THR A 77 22.74 -12.02 54.63
N GLY A 78 22.58 -10.73 54.82
CA GLY A 78 22.61 -9.80 53.74
C GLY A 78 21.38 -9.68 52.89
N ASP A 79 20.28 -10.36 53.23
CA ASP A 79 19.05 -10.31 52.45
C ASP A 79 18.07 -9.18 52.76
N MET A 80 17.23 -8.86 51.78
CA MET A 80 16.20 -7.80 51.86
C MET A 80 14.90 -8.43 52.24
N SER A 81 14.26 -7.95 53.28
CA SER A 81 13.02 -8.53 53.73
C SER A 81 11.83 -7.64 53.54
N PRO A 82 10.79 -8.15 52.84
CA PRO A 82 9.54 -7.42 52.59
C PRO A 82 8.89 -6.94 53.88
N ALA A 83 9.00 -7.72 54.95
CA ALA A 83 8.40 -7.31 56.22
C ALA A 83 9.13 -6.10 56.84
N MET A 84 10.44 -6.03 56.65
CA MET A 84 11.26 -4.92 57.15
C MET A 84 10.97 -3.69 56.30
N LEU A 85 10.77 -3.89 55.00
CA LEU A 85 10.43 -2.78 54.10
C LEU A 85 9.10 -2.17 54.55
N LYS A 86 8.12 -3.03 54.84
CA LYS A 86 6.81 -2.59 55.30
C LYS A 86 6.85 -1.77 56.56
N GLU A 87 7.88 -1.89 57.37
CA GLU A 87 7.95 -1.07 58.58
C GLU A 87 8.25 0.37 58.28
N PHE A 88 8.78 0.62 57.09
CA PHE A 88 9.11 1.97 56.68
C PHE A 88 8.04 2.55 55.76
N GLY A 89 6.97 1.81 55.52
CA GLY A 89 5.94 2.26 54.62
C GLY A 89 6.27 2.06 53.15
N ALA A 90 7.38 1.40 52.80
CA ALA A 90 7.77 1.17 51.41
C ALA A 90 6.77 0.22 50.77
N THR A 91 6.26 0.54 49.59
CA THR A 91 5.25 -0.34 48.99
C THR A 91 5.52 -0.82 47.60
N HIS A 92 6.14 0.02 46.78
CA HIS A 92 6.44 -0.33 45.40
C HIS A 92 7.86 -0.85 45.33
N ILE A 93 8.02 -2.13 44.98
CA ILE A 93 9.35 -2.75 44.94
C ILE A 93 9.76 -3.19 43.56
N ILE A 94 10.82 -2.60 43.03
CA ILE A 94 11.31 -2.95 41.71
C ILE A 94 11.94 -4.35 41.76
N ILE A 95 11.61 -5.21 40.82
CA ILE A 95 12.20 -6.54 40.76
C ILE A 95 12.43 -6.87 39.30
N GLY A 96 13.49 -7.60 39.03
CA GLY A 96 13.81 -7.97 37.67
C GLY A 96 14.50 -6.91 36.84
N HIS A 97 14.98 -5.84 37.45
CA HIS A 97 15.64 -4.80 36.69
C HIS A 97 16.74 -5.44 35.87
N SER A 98 17.03 -4.90 34.70
CA SER A 98 18.05 -5.48 33.84
C SER A 98 19.43 -5.54 34.45
N GLU A 99 19.76 -4.55 35.26
CA GLU A 99 21.06 -4.52 35.92
C GLU A 99 21.21 -5.73 36.83
N ARG A 100 20.14 -6.12 37.52
CA ARG A 100 20.20 -7.30 38.39
C ARG A 100 20.14 -8.57 37.57
N ARG A 101 19.28 -8.60 36.56
CA ARG A 101 19.15 -9.75 35.69
C ARG A 101 20.51 -9.99 35.03
N GLU A 102 21.27 -8.93 34.83
CA GLU A 102 22.56 -9.14 34.21
C GLU A 102 23.69 -9.34 35.18
N TYR A 103 23.89 -8.37 36.06
CA TYR A 103 24.99 -8.44 37.00
C TYR A 103 24.88 -9.51 38.08
N HIS A 104 23.66 -9.89 38.45
CA HIS A 104 23.45 -10.87 39.51
C HIS A 104 22.83 -12.14 38.97
N ALA A 105 22.71 -12.20 37.65
CA ALA A 105 22.13 -13.33 36.96
C ALA A 105 20.82 -13.81 37.56
N GLU A 106 19.88 -12.89 37.71
CA GLU A 106 18.55 -13.21 38.22
C GLU A 106 17.69 -13.74 37.04
N SER A 107 17.21 -14.97 37.19
CA SER A 107 16.43 -15.63 36.16
C SER A 107 14.98 -15.27 36.23
N ASP A 108 14.21 -15.67 35.22
CA ASP A 108 12.79 -15.37 35.23
C ASP A 108 12.12 -16.08 36.38
N GLU A 109 12.60 -17.28 36.67
CA GLU A 109 12.04 -18.08 37.76
C GLU A 109 12.30 -17.42 39.11
N PHE A 110 13.50 -16.87 39.30
CA PHE A 110 13.85 -16.19 40.55
C PHE A 110 12.99 -14.92 40.64
N VAL A 111 12.93 -14.14 39.57
CA VAL A 111 12.14 -12.91 39.55
C VAL A 111 10.66 -13.21 39.81
N ALA A 112 10.12 -14.24 39.19
CA ALA A 112 8.73 -14.56 39.44
C ALA A 112 8.51 -14.98 40.90
N LYS A 113 9.51 -15.62 41.52
CA LYS A 113 9.36 -16.00 42.91
C LYS A 113 9.27 -14.72 43.74
N LYS A 114 10.06 -13.71 43.41
CA LYS A 114 9.98 -12.45 44.13
C LYS A 114 8.61 -11.77 43.93
N PHE A 115 8.00 -11.97 42.77
CA PHE A 115 6.68 -11.38 42.48
C PHE A 115 5.61 -11.95 43.40
N ALA A 116 5.66 -13.25 43.58
CA ALA A 116 4.69 -13.94 44.43
C ALA A 116 4.84 -13.59 45.89
N PHE A 117 6.08 -13.51 46.34
CA PHE A 117 6.32 -13.18 47.75
C PHE A 117 5.85 -11.75 48.04
N LEU A 118 6.06 -10.84 47.09
CA LEU A 118 5.65 -9.47 47.27
C LEU A 118 4.14 -9.47 47.40
N LYS A 119 3.48 -10.12 46.45
CA LYS A 119 2.03 -10.17 46.51
C LYS A 119 1.61 -10.74 47.86
N GLU A 120 2.20 -11.86 48.27
CA GLU A 120 1.85 -12.44 49.58
C GLU A 120 1.97 -11.45 50.72
N ASN A 121 2.93 -10.54 50.62
CA ASN A 121 3.15 -9.57 51.66
C ASN A 121 2.37 -8.29 51.55
N GLY A 122 1.52 -8.19 50.53
CA GLY A 122 0.69 -7.01 50.35
C GLY A 122 1.38 -5.84 49.71
N LEU A 123 2.54 -6.08 49.10
CA LEU A 123 3.32 -5.04 48.44
C LEU A 123 3.06 -5.04 46.94
N THR A 124 3.50 -3.96 46.29
CA THR A 124 3.29 -3.77 44.87
C THR A 124 4.53 -4.00 44.05
N PRO A 125 4.59 -5.11 43.33
CA PRO A 125 5.78 -5.36 42.51
C PRO A 125 5.79 -4.49 41.25
N VAL A 126 6.98 -4.03 40.84
CA VAL A 126 7.11 -3.25 39.62
C VAL A 126 7.98 -4.22 38.84
N LEU A 127 7.32 -5.03 38.04
CA LEU A 127 8.01 -6.06 37.28
C LEU A 127 8.69 -5.48 36.05
N CYS A 128 10.01 -5.60 35.95
CA CYS A 128 10.71 -5.09 34.78
C CYS A 128 10.89 -6.21 33.75
N ILE A 129 10.67 -5.90 32.48
CA ILE A 129 10.82 -6.86 31.38
C ILE A 129 11.43 -6.05 30.21
N GLY A 130 12.10 -6.70 29.27
CA GLY A 130 12.69 -5.96 28.16
C GLY A 130 13.65 -6.78 27.32
N GLU A 131 13.82 -6.41 26.07
CA GLU A 131 14.70 -7.17 25.18
C GLU A 131 16.06 -6.53 25.05
N SER A 132 17.06 -7.32 24.65
CA SER A 132 18.38 -6.74 24.43
C SER A 132 18.52 -6.27 22.97
N ASP A 133 19.61 -5.55 22.68
CA ASP A 133 19.91 -5.07 21.34
C ASP A 133 19.82 -6.16 20.26
N ALA A 134 20.40 -7.31 20.54
CA ALA A 134 20.40 -8.38 19.58
C ALA A 134 19.01 -8.93 19.39
N GLN A 135 18.29 -9.18 20.49
CA GLN A 135 16.91 -9.73 20.42
C GLN A 135 16.02 -8.77 19.63
N ASN A 136 16.24 -7.49 19.90
CA ASN A 136 15.52 -6.44 19.24
C ASN A 136 15.76 -6.56 17.74
N GLU A 137 17.03 -6.48 17.36
CA GLU A 137 17.43 -6.56 15.94
C GLU A 137 16.96 -7.86 15.31
N ALA A 138 17.03 -8.96 16.06
CA ALA A 138 16.59 -10.24 15.53
C ALA A 138 15.06 -10.33 15.51
N GLY A 139 14.41 -9.25 15.92
CA GLY A 139 12.96 -9.22 15.96
C GLY A 139 12.29 -10.13 16.97
N GLU A 140 12.91 -10.37 18.12
CA GLU A 140 12.30 -11.25 19.12
C GLU A 140 11.70 -10.53 20.31
N THR A 141 11.55 -9.21 20.24
CA THR A 141 10.99 -8.40 21.33
C THR A 141 9.78 -8.98 22.10
N MET A 142 8.71 -9.33 21.41
CA MET A 142 7.57 -9.90 22.11
C MET A 142 7.84 -11.30 22.59
N ALA A 143 8.74 -11.99 21.91
CA ALA A 143 9.09 -13.35 22.34
C ALA A 143 9.73 -13.26 23.74
N VAL A 144 10.71 -12.36 23.90
CA VAL A 144 11.37 -12.18 25.17
C VAL A 144 10.37 -11.68 26.25
N CYS A 145 9.63 -10.64 25.89
CA CYS A 145 8.68 -10.06 26.80
C CYS A 145 7.67 -11.08 27.24
N ALA A 146 6.98 -11.71 26.30
CA ALA A 146 5.97 -12.72 26.63
C ALA A 146 6.56 -13.77 27.54
N ARG A 147 7.81 -14.14 27.27
CA ARG A 147 8.48 -15.15 28.05
C ARG A 147 8.67 -14.70 29.48
N GLN A 148 9.15 -13.48 29.67
CA GLN A 148 9.35 -12.97 31.02
C GLN A 148 8.05 -12.76 31.84
N LEU A 149 6.96 -12.37 31.17
CA LEU A 149 5.65 -12.16 31.80
C LEU A 149 5.08 -13.50 32.17
N ASP A 150 5.18 -14.43 31.22
CA ASP A 150 4.70 -15.80 31.35
C ASP A 150 5.29 -16.53 32.53
N ALA A 151 6.45 -16.11 32.98
CA ALA A 151 7.07 -16.72 34.14
C ALA A 151 6.13 -16.50 35.36
N VAL A 152 5.41 -15.39 35.43
CA VAL A 152 4.52 -15.22 36.56
C VAL A 152 3.11 -15.67 36.21
N ILE A 153 2.69 -15.38 34.97
CA ILE A 153 1.35 -15.76 34.50
C ILE A 153 1.12 -17.27 34.52
N ASN A 154 2.08 -18.02 33.99
CA ASN A 154 1.94 -19.48 33.97
C ASN A 154 2.08 -20.20 35.30
N THR A 155 2.73 -19.58 36.26
CA THR A 155 2.91 -20.22 37.55
C THR A 155 1.95 -19.66 38.57
N GLN A 156 1.45 -18.45 38.33
CA GLN A 156 0.56 -17.83 39.28
C GLN A 156 -0.84 -17.44 38.79
N GLY A 157 -1.01 -17.24 37.49
CA GLY A 157 -2.31 -16.87 36.95
C GLY A 157 -2.39 -15.41 36.61
N VAL A 158 -3.08 -15.05 35.52
CA VAL A 158 -3.16 -13.64 35.13
C VAL A 158 -3.60 -12.72 36.22
N GLU A 159 -4.45 -13.19 37.13
CA GLU A 159 -4.93 -12.30 38.17
C GLU A 159 -3.86 -11.88 39.13
N ALA A 160 -2.70 -12.51 39.05
CA ALA A 160 -1.59 -12.13 39.91
C ALA A 160 -1.09 -10.73 39.52
N LEU A 161 -1.31 -10.32 38.26
CA LEU A 161 -0.88 -9.01 37.75
C LEU A 161 -1.75 -7.88 38.23
N GLU A 162 -2.89 -8.24 38.82
CA GLU A 162 -3.82 -7.28 39.34
C GLU A 162 -3.13 -6.56 40.51
N GLY A 163 -3.00 -5.24 40.42
CA GLY A 163 -2.34 -4.46 41.47
C GLY A 163 -0.82 -4.44 41.33
N ALA A 164 -0.32 -4.86 40.17
CA ALA A 164 1.11 -4.89 39.88
C ALA A 164 1.35 -3.85 38.80
N ILE A 165 2.61 -3.42 38.69
CA ILE A 165 3.00 -2.47 37.68
C ILE A 165 4.04 -3.25 36.87
N ILE A 166 4.02 -3.06 35.55
CA ILE A 166 4.95 -3.71 34.62
C ILE A 166 5.71 -2.57 33.96
N ALA A 167 7.02 -2.63 33.94
CA ALA A 167 7.81 -1.57 33.32
C ALA A 167 8.53 -2.19 32.17
N TYR A 168 8.15 -1.77 30.97
CA TYR A 168 8.82 -2.28 29.81
C TYR A 168 10.08 -1.44 29.60
N GLU A 169 11.25 -2.06 29.61
CA GLU A 169 12.51 -1.34 29.37
C GLU A 169 13.38 -1.94 28.26
N PRO A 170 13.51 -1.27 27.11
CA PRO A 170 14.34 -1.81 26.03
C PRO A 170 15.73 -1.68 26.58
N ILE A 171 16.35 -2.80 26.96
CA ILE A 171 17.68 -2.77 27.56
C ILE A 171 18.64 -1.76 26.96
N TRP A 172 18.74 -1.74 25.63
CA TRP A 172 19.62 -0.75 24.99
C TRP A 172 19.22 0.73 25.20
N ALA A 173 18.08 0.98 25.84
CA ALA A 173 17.62 2.36 26.05
C ALA A 173 17.98 2.84 27.44
N ILE A 174 18.33 1.89 28.29
CA ILE A 174 18.68 2.21 29.68
C ILE A 174 20.08 2.83 29.75
N GLY A 175 20.15 4.00 30.39
CA GLY A 175 21.38 4.75 30.58
C GLY A 175 22.12 5.25 29.34
N THR A 176 21.76 4.67 28.19
CA THR A 176 22.40 4.94 26.91
C THR A 176 22.09 6.25 26.19
N GLY A 177 21.03 6.94 26.62
CA GLY A 177 20.63 8.19 25.97
C GLY A 177 19.72 7.92 24.78
N LYS A 178 19.81 6.72 24.20
CA LYS A 178 19.01 6.33 23.06
C LYS A 178 17.66 5.73 23.50
N ALA A 179 16.63 6.57 23.48
CA ALA A 179 15.28 6.11 23.83
C ALA A 179 14.55 5.60 22.60
N ALA A 180 13.70 4.60 22.81
CA ALA A 180 12.88 4.07 21.73
C ALA A 180 11.94 5.24 21.31
N THR A 181 11.29 5.19 20.17
CA THR A 181 10.40 6.27 19.84
C THR A 181 9.09 5.98 20.53
N ALA A 182 8.32 7.01 20.83
CA ALA A 182 7.04 6.81 21.50
C ALA A 182 6.09 5.93 20.68
N GLU A 183 6.24 5.91 19.35
CA GLU A 183 5.39 5.11 18.50
C GLU A 183 5.75 3.63 18.62
N ASP A 184 7.05 3.30 18.65
CA ASP A 184 7.48 1.92 18.80
C ASP A 184 7.18 1.43 20.20
N ALA A 185 7.34 2.31 21.18
CA ALA A 185 7.03 2.00 22.58
C ALA A 185 5.51 1.68 22.68
N GLN A 186 4.67 2.53 22.09
CA GLN A 186 3.23 2.32 22.11
C GLN A 186 2.89 0.99 21.45
N ARG A 187 3.64 0.65 20.40
CA ARG A 187 3.43 -0.59 19.68
C ARG A 187 3.72 -1.80 20.53
N ILE A 188 4.78 -1.75 21.36
CA ILE A 188 5.13 -2.86 22.22
C ILE A 188 4.17 -2.98 23.41
N HIS A 189 3.75 -1.84 23.96
CA HIS A 189 2.83 -1.84 25.08
C HIS A 189 1.47 -2.43 24.72
N ALA A 190 0.98 -2.12 23.52
CA ALA A 190 -0.30 -2.62 23.07
C ALA A 190 -0.24 -4.14 22.94
N GLN A 191 0.91 -4.66 22.54
CA GLN A 191 1.09 -6.11 22.39
C GLN A 191 1.29 -6.78 23.76
N ILE A 192 2.01 -6.12 24.67
CA ILE A 192 2.19 -6.64 26.00
C ILE A 192 0.79 -6.72 26.59
N ARG A 193 -0.02 -5.69 26.33
CA ARG A 193 -1.38 -5.68 26.85
C ARG A 193 -2.22 -6.76 26.21
N ALA A 194 -2.07 -6.94 24.90
CA ALA A 194 -2.84 -7.95 24.19
C ALA A 194 -2.52 -9.34 24.72
N HIS A 195 -1.28 -9.58 25.11
CA HIS A 195 -0.84 -10.87 25.64
C HIS A 195 -1.55 -11.24 26.95
N ILE A 196 -1.67 -10.26 27.82
CA ILE A 196 -2.33 -10.43 29.10
C ILE A 196 -3.85 -10.59 28.86
N ALA A 197 -4.37 -9.80 27.93
CA ALA A 197 -5.79 -9.84 27.59
C ALA A 197 -6.17 -11.20 26.99
N GLU A 198 -5.22 -11.91 26.42
CA GLU A 198 -5.56 -13.19 25.86
C GLU A 198 -6.00 -14.06 27.03
N LYS A 199 -5.51 -13.76 28.22
CA LYS A 199 -5.86 -14.52 29.41
C LYS A 199 -6.93 -13.84 30.25
N SER A 200 -6.94 -12.52 30.29
CA SER A 200 -7.97 -11.73 31.01
C SER A 200 -8.07 -10.30 30.51
N GLU A 201 -9.26 -9.88 30.07
CA GLU A 201 -9.44 -8.53 29.57
C GLU A 201 -9.55 -7.56 30.73
N ALA A 202 -10.14 -8.03 31.82
CA ALA A 202 -10.31 -7.21 33.01
C ALA A 202 -8.93 -6.84 33.55
N VAL A 203 -8.05 -7.83 33.71
CA VAL A 203 -6.68 -7.55 34.20
C VAL A 203 -5.99 -6.66 33.19
N ALA A 204 -5.96 -7.04 31.92
CA ALA A 204 -5.31 -6.23 30.91
C ALA A 204 -5.75 -4.76 30.89
N LYS A 205 -7.03 -4.48 31.03
CA LYS A 205 -7.48 -3.09 30.96
C LYS A 205 -6.99 -2.23 32.09
N ASN A 206 -6.70 -2.85 33.21
CA ASN A 206 -6.32 -2.11 34.39
C ASN A 206 -4.87 -2.14 34.78
N VAL A 207 -4.07 -2.97 34.15
CA VAL A 207 -2.67 -3.05 34.54
C VAL A 207 -1.93 -1.83 34.02
N VAL A 208 -1.16 -1.20 34.91
CA VAL A 208 -0.34 -0.04 34.59
C VAL A 208 0.95 -0.55 33.94
N ILE A 209 1.20 -0.20 32.69
CA ILE A 209 2.40 -0.61 32.02
C ILE A 209 3.27 0.63 31.85
N GLN A 210 4.40 0.67 32.50
CA GLN A 210 5.28 1.81 32.39
C GLN A 210 6.33 1.65 31.31
N TYR A 211 6.82 2.78 30.80
CA TYR A 211 7.89 2.77 29.83
C TYR A 211 9.20 3.06 30.57
N GLY A 212 10.26 2.34 30.23
CA GLY A 212 11.52 2.56 30.90
C GLY A 212 12.80 2.82 30.12
N GLY A 213 12.72 3.47 28.98
CA GLY A 213 13.95 3.74 28.25
C GLY A 213 14.61 4.90 28.93
N SER A 214 15.08 5.89 28.16
CA SER A 214 15.69 7.07 28.77
C SER A 214 14.65 8.20 28.78
N VAL A 215 13.67 8.13 29.68
CA VAL A 215 12.69 9.18 29.75
C VAL A 215 13.34 10.48 30.29
N LYS A 216 13.17 11.57 29.55
CA LYS A 216 13.72 12.87 29.92
C LYS A 216 12.61 13.87 29.79
N PRO A 217 12.77 15.06 30.37
CA PRO A 217 11.70 16.05 30.26
C PRO A 217 11.45 16.42 28.80
N GLU A 218 12.47 16.31 27.95
CA GLU A 218 12.26 16.67 26.54
C GLU A 218 11.41 15.69 25.74
N ASN A 219 11.40 14.42 26.14
CA ASN A 219 10.62 13.41 25.44
C ASN A 219 9.47 12.80 26.27
N ALA A 220 9.21 13.28 27.48
CA ALA A 220 8.15 12.69 28.27
C ALA A 220 6.75 12.76 27.66
N ALA A 221 6.28 13.96 27.36
CA ALA A 221 4.90 14.15 26.79
C ALA A 221 4.57 13.32 25.57
N ALA A 222 5.58 13.09 24.74
CA ALA A 222 5.40 12.28 23.55
C ALA A 222 5.02 10.89 24.03
N TYR A 223 5.69 10.38 25.06
CA TYR A 223 5.37 9.05 25.59
C TYR A 223 4.01 9.00 26.25
N PHE A 224 3.78 9.92 27.17
CA PHE A 224 2.51 9.93 27.91
C PHE A 224 1.33 10.20 27.02
N ALA A 225 1.59 10.57 25.78
CA ALA A 225 0.54 10.81 24.81
C ALA A 225 -0.06 9.51 24.25
N GLN A 226 0.71 8.41 24.26
CA GLN A 226 0.30 7.11 23.77
C GLN A 226 -0.71 6.45 24.70
N PRO A 227 -1.77 5.87 24.14
CA PRO A 227 -2.76 5.24 25.02
C PRO A 227 -2.31 4.07 25.88
N ASP A 228 -1.35 3.29 25.42
CA ASP A 228 -0.96 2.16 26.22
C ASP A 228 0.24 2.40 27.12
N ILE A 229 0.72 3.64 27.21
CA ILE A 229 1.86 3.97 28.09
C ILE A 229 1.28 4.69 29.32
N ASP A 230 1.25 3.97 30.46
CA ASP A 230 0.67 4.44 31.75
C ASP A 230 1.60 5.16 32.75
N GLY A 231 2.86 5.35 32.39
CA GLY A 231 3.76 6.03 33.27
C GLY A 231 5.18 5.80 32.81
N ALA A 232 6.12 6.05 33.70
CA ALA A 232 7.54 5.87 33.39
C ALA A 232 8.30 5.43 34.62
N LEU A 233 9.35 4.64 34.39
CA LEU A 233 10.27 4.20 35.45
C LEU A 233 11.49 4.99 35.04
N VAL A 234 11.79 6.04 35.78
CA VAL A 234 12.88 6.95 35.48
C VAL A 234 14.14 6.66 36.28
N GLY A 235 15.29 6.76 35.61
CA GLY A 235 16.57 6.54 36.27
C GLY A 235 17.29 7.87 36.47
N GLY A 236 18.20 8.20 35.55
CA GLY A 236 18.97 9.43 35.64
C GLY A 236 18.20 10.72 35.85
N ALA A 237 17.06 10.90 35.19
CA ALA A 237 16.31 12.13 35.38
C ALA A 237 15.63 12.19 36.73
N ALA A 238 15.66 11.08 37.47
CA ALA A 238 15.03 10.97 38.79
C ALA A 238 15.81 11.69 39.87
N LEU A 239 17.09 11.90 39.60
CA LEU A 239 18.04 12.53 40.50
C LEU A 239 18.03 14.06 40.53
N ASP A 240 17.17 14.66 39.72
CA ASP A 240 17.03 16.11 39.66
C ASP A 240 15.56 16.40 39.96
N ALA A 241 15.28 17.09 41.05
CA ALA A 241 13.92 17.41 41.43
C ALA A 241 13.16 18.15 40.35
N LYS A 242 13.83 19.03 39.62
CA LYS A 242 13.16 19.79 38.57
C LYS A 242 12.85 18.95 37.36
N SER A 243 13.72 17.97 37.08
CA SER A 243 13.54 17.05 35.96
C SER A 243 12.44 16.02 36.23
N PHE A 244 12.50 15.38 37.39
CA PHE A 244 11.53 14.38 37.75
C PHE A 244 10.13 15.01 37.90
N ALA A 245 10.06 16.21 38.49
CA ALA A 245 8.78 16.90 38.63
C ALA A 245 8.18 17.27 37.27
N ALA A 246 9.03 17.58 36.29
CA ALA A 246 8.59 17.92 34.95
C ALA A 246 7.98 16.70 34.31
N ILE A 247 8.69 15.56 34.40
CA ILE A 247 8.21 14.30 33.89
C ILE A 247 6.89 13.95 34.55
N ALA A 248 6.80 14.02 35.88
CA ALA A 248 5.52 13.74 36.56
C ALA A 248 4.35 14.61 36.03
N LYS A 249 4.55 15.92 35.88
CA LYS A 249 3.51 16.82 35.39
C LYS A 249 3.01 16.47 33.98
N ALA A 250 3.92 16.17 33.06
CA ALA A 250 3.53 15.76 31.71
C ALA A 250 2.60 14.55 31.78
N ALA A 251 2.86 13.62 32.68
CA ALA A 251 1.99 12.46 32.82
C ALA A 251 0.62 12.87 33.33
N ALA A 252 0.59 13.80 34.29
CA ALA A 252 -0.68 14.26 34.89
C ALA A 252 -1.54 15.00 33.88
N GLU A 253 -0.93 15.92 33.15
CA GLU A 253 -1.67 16.65 32.15
C GLU A 253 -2.12 15.69 31.03
N ALA A 254 -1.22 14.81 30.59
CA ALA A 254 -1.50 13.87 29.49
C ALA A 254 -2.64 12.93 29.70
N LYS A 255 -2.85 12.50 30.93
CA LYS A 255 -3.89 11.53 31.21
C LYS A 255 -5.16 12.05 31.85
N ALA A 256 -5.35 13.36 31.86
CA ALA A 256 -6.57 13.96 32.41
C ALA A 256 -7.66 14.10 31.35
N ARG B 2 46.80 -10.37 70.14
CA ARG B 2 45.70 -9.72 69.32
C ARG B 2 44.53 -9.41 70.24
N HIS B 3 44.02 -8.18 70.15
CA HIS B 3 42.90 -7.75 70.95
C HIS B 3 41.68 -8.56 70.47
N PRO B 4 40.91 -9.19 71.39
CA PRO B 4 39.76 -9.94 70.88
C PRO B 4 38.64 -9.08 70.30
N VAL B 5 37.93 -9.64 69.30
CA VAL B 5 36.80 -8.98 68.63
C VAL B 5 35.60 -9.91 68.67
N VAL B 6 34.48 -9.41 69.16
CA VAL B 6 33.25 -10.22 69.18
C VAL B 6 32.21 -9.51 68.31
N MET B 7 31.71 -10.22 67.30
CA MET B 7 30.75 -9.65 66.37
C MET B 7 29.48 -10.42 66.28
N GLY B 8 28.38 -9.67 66.28
CA GLY B 8 27.08 -10.30 66.18
C GLY B 8 26.49 -10.08 64.80
N ASN B 9 26.10 -11.16 64.17
CA ASN B 9 25.50 -11.10 62.86
C ASN B 9 24.00 -11.28 63.09
N TRP B 10 23.20 -10.22 62.96
CA TRP B 10 21.76 -10.39 63.20
C TRP B 10 21.05 -11.09 62.08
N LYS B 11 21.70 -11.20 60.92
CA LYS B 11 21.08 -11.84 59.75
C LYS B 11 19.77 -11.12 59.34
N LEU B 12 18.70 -11.86 59.07
CA LEU B 12 17.45 -11.26 58.65
C LEU B 12 16.56 -11.15 59.83
N ASN B 13 16.95 -10.32 60.78
CA ASN B 13 16.19 -10.12 62.00
C ASN B 13 16.36 -8.71 62.40
N GLY B 14 15.22 -8.07 62.59
CA GLY B 14 15.21 -6.68 63.01
C GLY B 14 13.83 -6.10 62.82
N SER B 15 13.51 -5.13 63.67
CA SER B 15 12.27 -4.40 63.61
C SER B 15 12.60 -3.08 64.29
N LYS B 16 11.80 -2.05 64.07
CA LYS B 16 12.07 -0.78 64.71
C LYS B 16 12.15 -0.86 66.23
N GLU B 17 11.30 -1.69 66.87
CA GLU B 17 11.30 -1.86 68.34
C GLU B 17 12.54 -2.62 68.83
N MET B 18 12.76 -3.78 68.23
CA MET B 18 13.88 -4.64 68.55
C MET B 18 15.25 -3.98 68.42
N VAL B 19 15.52 -3.34 67.29
CA VAL B 19 16.81 -2.72 67.11
C VAL B 19 17.14 -1.79 68.26
N VAL B 20 16.17 -0.99 68.65
CA VAL B 20 16.39 -0.03 69.73
C VAL B 20 16.54 -0.74 71.04
N ASP B 21 15.60 -1.63 71.35
CA ASP B 21 15.69 -2.38 72.58
C ASP B 21 17.05 -3.06 72.72
N LEU B 22 17.37 -3.95 71.78
CA LEU B 22 18.62 -4.71 71.81
C LEU B 22 19.84 -3.83 71.99
N LEU B 23 20.00 -2.83 71.14
CA LEU B 23 21.15 -1.96 71.20
C LEU B 23 21.27 -1.21 72.51
N ASN B 24 20.14 -0.90 73.13
CA ASN B 24 20.14 -0.16 74.40
C ASN B 24 20.53 -1.09 75.54
N GLY B 25 19.89 -2.27 75.55
CA GLY B 25 20.19 -3.28 76.54
C GLY B 25 21.63 -3.68 76.43
N LEU B 26 22.07 -3.87 75.19
CA LEU B 26 23.44 -4.24 74.92
C LEU B 26 24.37 -3.26 75.60
N ASN B 27 24.16 -1.97 75.34
CA ASN B 27 25.03 -0.95 75.91
C ASN B 27 24.99 -0.92 77.43
N ALA B 28 23.84 -1.24 77.98
CA ALA B 28 23.68 -1.26 79.42
C ALA B 28 24.59 -2.36 79.98
N GLU B 29 24.41 -3.59 79.47
CA GLU B 29 25.18 -4.73 79.92
C GLU B 29 26.67 -4.62 79.71
N LEU B 30 27.11 -3.90 78.70
CA LEU B 30 28.54 -3.81 78.47
C LEU B 30 29.17 -2.66 79.19
N GLU B 31 28.33 -1.95 79.95
CA GLU B 31 28.73 -0.78 80.72
C GLU B 31 30.04 -1.02 81.48
N GLY B 32 31.11 -0.35 81.03
CA GLY B 32 32.39 -0.50 81.68
C GLY B 32 33.27 -1.67 81.28
N VAL B 33 32.75 -2.64 80.51
CA VAL B 33 33.55 -3.80 80.07
C VAL B 33 34.62 -3.33 79.09
N THR B 34 35.88 -3.68 79.36
CA THR B 34 36.96 -3.25 78.48
C THR B 34 37.73 -4.46 77.99
N GLY B 35 38.53 -4.26 76.93
CA GLY B 35 39.33 -5.35 76.41
C GLY B 35 38.78 -6.26 75.33
N VAL B 36 37.73 -5.80 74.66
CA VAL B 36 37.08 -6.53 73.59
C VAL B 36 36.45 -5.53 72.66
N ASP B 37 36.56 -5.78 71.37
CA ASP B 37 35.92 -4.95 70.39
C ASP B 37 34.59 -5.65 70.09
N VAL B 38 33.48 -5.03 70.44
CA VAL B 38 32.18 -5.63 70.18
C VAL B 38 31.61 -4.98 68.97
N ALA B 39 31.07 -5.78 68.06
CA ALA B 39 30.50 -5.26 66.83
C ALA B 39 29.14 -5.84 66.53
N VAL B 40 28.29 -5.07 65.85
CA VAL B 40 26.97 -5.59 65.45
C VAL B 40 26.72 -5.35 63.95
N ALA B 41 26.06 -6.29 63.29
CA ALA B 41 25.77 -6.18 61.86
C ALA B 41 24.30 -6.31 61.65
N PRO B 42 23.58 -5.17 61.63
CA PRO B 42 22.14 -5.18 61.42
C PRO B 42 21.85 -5.27 59.94
N PRO B 43 20.60 -5.57 59.58
CA PRO B 43 20.29 -5.63 58.16
C PRO B 43 20.48 -4.19 57.67
N ALA B 44 20.83 -3.99 56.40
CA ALA B 44 21.06 -2.64 55.85
C ALA B 44 19.92 -1.68 56.12
N LEU B 45 18.68 -2.13 56.09
CA LEU B 45 17.57 -1.21 56.38
C LEU B 45 17.62 -0.57 57.79
N PHE B 46 18.35 -1.18 58.75
CA PHE B 46 18.46 -0.66 60.12
C PHE B 46 19.80 -0.10 60.57
N VAL B 47 20.67 0.17 59.61
CA VAL B 47 21.98 0.75 59.88
C VAL B 47 21.78 2.20 60.33
N ASP B 48 20.87 2.92 59.66
CA ASP B 48 20.54 4.30 60.01
C ASP B 48 20.11 4.34 61.47
N LEU B 49 19.08 3.57 61.82
CA LEU B 49 18.57 3.45 63.19
C LEU B 49 19.70 3.11 64.16
N ALA B 50 20.44 2.04 63.85
CA ALA B 50 21.54 1.62 64.69
C ALA B 50 22.54 2.76 64.90
N GLU B 51 22.89 3.50 63.87
CA GLU B 51 23.84 4.59 64.08
C GLU B 51 23.29 5.66 65.03
N ARG B 52 22.03 6.03 64.86
CA ARG B 52 21.41 7.05 65.70
C ARG B 52 21.29 6.57 67.13
N THR B 53 20.87 5.33 67.31
CA THR B 53 20.73 4.81 68.65
C THR B 53 22.06 4.75 69.40
N LEU B 54 23.10 4.26 68.73
CA LEU B 54 24.41 4.13 69.36
C LEU B 54 25.03 5.47 69.70
N THR B 55 24.96 6.42 68.77
CA THR B 55 25.49 7.76 68.99
C THR B 55 24.82 8.39 70.20
N GLU B 56 23.49 8.34 70.25
CA GLU B 56 22.77 8.89 71.39
C GLU B 56 23.33 8.31 72.67
N ALA B 57 23.57 7.01 72.67
CA ALA B 57 24.11 6.34 73.85
C ALA B 57 25.60 6.58 74.05
N GLY B 58 26.25 7.24 73.10
CA GLY B 58 27.68 7.46 73.21
C GLY B 58 28.35 6.09 73.31
N SER B 59 27.71 5.07 72.72
CA SER B 59 28.20 3.69 72.76
C SER B 59 29.49 3.49 72.01
N ALA B 60 30.29 2.52 72.48
CA ALA B 60 31.56 2.25 71.80
C ALA B 60 31.45 1.01 70.92
N ILE B 61 30.25 0.42 70.90
CA ILE B 61 29.95 -0.74 70.06
C ILE B 61 30.22 -0.31 68.61
N ILE B 62 30.84 -1.20 67.84
CA ILE B 62 31.17 -0.93 66.44
C ILE B 62 29.99 -1.28 65.54
N LEU B 63 29.82 -0.53 64.46
CA LEU B 63 28.75 -0.78 63.52
C LEU B 63 29.27 -1.53 62.31
N GLY B 64 28.63 -2.64 61.97
CA GLY B 64 29.05 -3.37 60.81
C GLY B 64 27.87 -3.58 59.89
N ALA B 65 28.04 -4.33 58.80
CA ALA B 65 26.93 -4.64 57.89
C ALA B 65 27.18 -6.07 57.41
N GLN B 66 26.16 -6.72 56.85
CA GLN B 66 26.24 -8.11 56.42
C GLN B 66 26.69 -8.49 55.02
N ASN B 67 27.01 -7.50 54.18
CA ASN B 67 27.44 -7.78 52.83
C ASN B 67 27.84 -6.50 52.18
N THR B 68 28.44 -6.65 51.00
CA THR B 68 28.84 -5.51 50.20
C THR B 68 28.89 -5.93 48.75
N ASP B 69 28.76 -4.93 47.88
CA ASP B 69 28.83 -5.13 46.45
C ASP B 69 30.10 -4.45 45.95
N LEU B 70 30.33 -4.50 44.65
CA LEU B 70 31.56 -3.99 44.06
C LEU B 70 31.61 -2.58 43.53
N ASN B 71 30.66 -1.73 43.88
CA ASN B 71 30.68 -0.36 43.40
C ASN B 71 30.17 0.56 44.45
N ASN B 72 30.66 1.79 44.42
CA ASN B 72 30.23 2.77 45.38
C ASN B 72 29.08 3.60 44.90
N SER B 73 28.95 3.70 43.58
CA SER B 73 27.87 4.48 42.98
C SER B 73 27.68 4.16 41.52
N GLY B 74 26.56 4.57 40.96
CA GLY B 74 26.32 4.28 39.57
C GLY B 74 25.05 3.51 39.30
N ALA B 75 24.93 3.02 38.08
CA ALA B 75 23.77 2.27 37.66
C ALA B 75 23.86 0.80 38.06
N PHE B 76 23.59 0.55 39.34
CA PHE B 76 23.63 -0.77 39.86
C PHE B 76 22.47 -0.89 40.82
N THR B 77 21.28 -1.03 40.26
CA THR B 77 20.04 -1.19 41.01
C THR B 77 20.12 -2.24 42.09
N GLY B 78 19.78 -1.85 43.32
CA GLY B 78 19.78 -2.78 44.45
C GLY B 78 21.11 -3.05 45.14
N ASP B 79 22.24 -2.53 44.65
CA ASP B 79 23.54 -2.85 45.28
C ASP B 79 23.86 -2.18 46.59
N MET B 80 24.83 -2.77 47.30
CA MET B 80 25.31 -2.27 48.58
C MET B 80 26.58 -1.50 48.33
N SER B 81 26.59 -0.22 48.68
CA SER B 81 27.75 0.64 48.45
C SER B 81 28.63 0.81 49.68
N PRO B 82 29.95 0.47 49.58
CA PRO B 82 30.86 0.63 50.70
C PRO B 82 30.87 2.10 51.11
N ALA B 83 30.89 2.98 50.11
CA ALA B 83 30.91 4.41 50.38
C ALA B 83 29.69 4.90 51.16
N MET B 84 28.52 4.35 50.84
CA MET B 84 27.30 4.75 51.54
C MET B 84 27.30 4.19 52.95
N LEU B 85 27.88 3.01 53.12
CA LEU B 85 27.94 2.38 54.44
C LEU B 85 28.79 3.24 55.39
N LYS B 86 29.85 3.85 54.86
CA LYS B 86 30.75 4.73 55.60
C LYS B 86 30.02 5.93 56.14
N GLU B 87 29.01 6.39 55.41
CA GLU B 87 28.27 7.53 55.87
C GLU B 87 27.56 7.33 57.22
N PHE B 88 27.32 6.08 57.58
CA PHE B 88 26.64 5.76 58.82
C PHE B 88 27.62 5.25 59.84
N GLY B 89 28.91 5.39 59.54
CA GLY B 89 29.94 4.92 60.42
C GLY B 89 30.14 3.40 60.48
N ALA B 90 29.65 2.66 59.48
CA ALA B 90 29.83 1.21 59.47
C ALA B 90 31.27 0.90 59.03
N THR B 91 31.95 -0.02 59.71
CA THR B 91 33.34 -0.33 59.32
C THR B 91 33.64 -1.79 59.10
N HIS B 92 32.95 -2.67 59.82
CA HIS B 92 33.21 -4.11 59.69
C HIS B 92 32.17 -4.77 58.83
N ILE B 93 32.57 -5.24 57.65
CA ILE B 93 31.62 -5.84 56.71
C ILE B 93 31.77 -7.33 56.52
N ILE B 94 30.75 -8.09 56.87
CA ILE B 94 30.80 -9.55 56.69
C ILE B 94 30.70 -9.92 55.20
N ILE B 95 31.63 -10.72 54.70
CA ILE B 95 31.63 -11.13 53.30
C ILE B 95 31.95 -12.62 53.24
N GLY B 96 31.40 -13.28 52.21
CA GLY B 96 31.63 -14.69 52.03
C GLY B 96 30.88 -15.57 53.01
N HIS B 97 29.94 -15.00 53.75
CA HIS B 97 29.21 -15.84 54.68
C HIS B 97 28.63 -17.05 53.90
N SER B 98 28.53 -18.21 54.52
CA SER B 98 28.04 -19.39 53.80
C SER B 98 26.62 -19.29 53.31
N GLU B 99 25.80 -18.50 54.01
CA GLU B 99 24.40 -18.33 53.61
C GLU B 99 24.37 -17.65 52.26
N ARG B 100 25.27 -16.68 52.06
CA ARG B 100 25.34 -16.01 50.77
C ARG B 100 26.05 -16.88 49.74
N ARG B 101 26.98 -17.73 50.18
CA ARG B 101 27.68 -18.59 49.22
C ARG B 101 26.71 -19.67 48.70
N GLU B 102 25.95 -20.27 49.62
CA GLU B 102 24.96 -21.28 49.29
C GLU B 102 23.80 -20.67 48.49
N TYR B 103 23.09 -19.73 49.11
CA TYR B 103 21.92 -19.13 48.50
C TYR B 103 22.11 -18.22 47.33
N HIS B 104 23.16 -17.41 47.35
CA HIS B 104 23.42 -16.46 46.27
C HIS B 104 24.54 -16.87 45.39
N ALA B 105 24.99 -18.10 45.59
CA ALA B 105 26.06 -18.67 44.81
C ALA B 105 27.26 -17.74 44.67
N GLU B 106 27.77 -17.24 45.78
CA GLU B 106 28.93 -16.37 45.70
C GLU B 106 30.17 -17.23 45.69
N SER B 107 30.95 -17.06 44.64
CA SER B 107 32.18 -17.82 44.45
C SER B 107 33.36 -17.23 45.25
N ASP B 108 34.46 -18.00 45.36
CA ASP B 108 35.67 -17.54 46.06
C ASP B 108 36.18 -16.28 45.38
N GLU B 109 36.12 -16.22 44.05
CA GLU B 109 36.62 -15.07 43.30
C GLU B 109 35.82 -13.80 43.62
N PHE B 110 34.50 -13.94 43.64
CA PHE B 110 33.62 -12.82 43.92
C PHE B 110 33.91 -12.29 45.31
N VAL B 111 33.89 -13.19 46.29
CA VAL B 111 34.16 -12.80 47.68
C VAL B 111 35.52 -12.12 47.80
N ALA B 112 36.50 -12.52 46.99
CA ALA B 112 37.81 -11.94 47.05
C ALA B 112 37.83 -10.54 46.47
N LYS B 113 37.08 -10.31 45.39
CA LYS B 113 36.98 -8.99 44.80
C LYS B 113 36.39 -8.05 45.85
N LYS B 114 35.40 -8.54 46.57
CA LYS B 114 34.76 -7.76 47.63
C LYS B 114 35.80 -7.43 48.71
N PHE B 115 36.65 -8.40 49.05
CA PHE B 115 37.70 -8.21 50.06
C PHE B 115 38.62 -7.06 49.64
N ALA B 116 38.98 -7.05 48.36
CA ALA B 116 39.84 -6.02 47.83
C ALA B 116 39.17 -4.65 47.78
N PHE B 117 37.90 -4.61 47.36
CA PHE B 117 37.18 -3.34 47.30
C PHE B 117 37.03 -2.75 48.70
N LEU B 118 36.75 -3.59 49.70
CA LEU B 118 36.60 -3.11 51.05
C LEU B 118 37.87 -2.47 51.57
N LYS B 119 39.00 -3.12 51.31
CA LYS B 119 40.32 -2.62 51.75
C LYS B 119 40.59 -1.28 51.10
N GLU B 120 40.23 -1.19 49.82
CA GLU B 120 40.45 0.00 49.02
C GLU B 120 39.55 1.15 49.51
N ASN B 121 38.51 0.82 50.25
CA ASN B 121 37.62 1.85 50.74
C ASN B 121 37.86 2.07 52.20
N GLY B 122 38.94 1.51 52.70
CA GLY B 122 39.25 1.70 54.09
C GLY B 122 38.34 1.02 55.08
N LEU B 123 37.60 0.00 54.62
CA LEU B 123 36.72 -0.75 55.49
C LEU B 123 37.45 -2.03 55.93
N THR B 124 36.96 -2.67 56.99
CA THR B 124 37.54 -3.91 57.51
C THR B 124 36.74 -5.13 57.09
N PRO B 125 37.31 -6.02 56.27
CA PRO B 125 36.61 -7.23 55.83
C PRO B 125 36.56 -8.27 56.94
N VAL B 126 35.44 -8.96 57.08
CA VAL B 126 35.33 -10.08 58.02
C VAL B 126 35.11 -11.25 57.07
N LEU B 127 36.22 -11.81 56.57
CA LEU B 127 36.18 -12.89 55.58
C LEU B 127 35.71 -14.19 56.18
N CYS B 128 34.63 -14.74 55.64
CA CYS B 128 34.10 -16.00 56.14
C CYS B 128 34.56 -17.22 55.33
N ILE B 129 35.15 -18.18 56.03
CA ILE B 129 35.61 -19.41 55.40
C ILE B 129 35.11 -20.60 56.19
N GLY B 130 34.99 -21.76 55.56
CA GLY B 130 34.49 -22.92 56.30
C GLY B 130 34.09 -24.05 55.40
N GLU B 131 34.14 -25.29 55.92
CA GLU B 131 33.84 -26.52 55.19
C GLU B 131 32.44 -27.11 55.45
N SER B 132 31.92 -27.87 54.49
CA SER B 132 30.60 -28.46 54.70
C SER B 132 30.69 -29.72 55.53
N ASP B 133 29.57 -30.36 55.71
CA ASP B 133 29.53 -31.57 56.51
C ASP B 133 30.28 -32.68 55.78
N ALA B 134 30.00 -32.81 54.49
CA ALA B 134 30.62 -33.80 53.65
C ALA B 134 32.12 -33.59 53.55
N GLN B 135 32.54 -32.35 53.35
CA GLN B 135 33.97 -32.06 53.25
C GLN B 135 34.69 -32.41 54.55
N ASN B 136 33.98 -32.33 55.65
CA ASN B 136 34.54 -32.66 56.95
C ASN B 136 34.70 -34.18 57.09
N GLU B 137 33.64 -34.93 56.73
CA GLU B 137 33.65 -36.37 56.79
C GLU B 137 34.79 -36.90 55.98
N ALA B 138 34.99 -36.27 54.82
CA ALA B 138 36.06 -36.63 53.89
C ALA B 138 37.44 -36.19 54.33
N GLY B 139 37.54 -35.39 55.39
CA GLY B 139 38.83 -34.93 55.84
C GLY B 139 39.40 -33.83 54.97
N GLU B 140 38.53 -32.96 54.45
CA GLU B 140 38.94 -31.85 53.59
C GLU B 140 38.91 -30.47 54.21
N THR B 141 38.63 -30.40 55.50
CA THR B 141 38.54 -29.12 56.19
C THR B 141 39.58 -28.09 55.82
N MET B 142 40.85 -28.40 56.05
CA MET B 142 41.93 -27.45 55.73
C MET B 142 42.16 -27.18 54.26
N ALA B 143 41.83 -28.15 53.42
CA ALA B 143 41.97 -27.96 51.98
C ALA B 143 41.02 -26.83 51.59
N VAL B 144 39.74 -26.94 51.99
CA VAL B 144 38.72 -25.94 51.76
C VAL B 144 39.11 -24.57 52.36
N CYS B 145 39.49 -24.51 53.64
CA CYS B 145 39.92 -23.23 54.21
C CYS B 145 41.14 -22.67 53.49
N ALA B 146 42.03 -23.54 53.03
CA ALA B 146 43.22 -23.08 52.34
C ALA B 146 42.85 -22.52 50.97
N ARG B 147 41.90 -23.17 50.31
CA ARG B 147 41.45 -22.74 49.00
C ARG B 147 40.75 -21.38 49.05
N GLN B 148 39.76 -21.24 49.95
CA GLN B 148 39.03 -20.00 50.11
C GLN B 148 39.88 -18.83 50.52
N LEU B 149 40.95 -19.10 51.25
CA LEU B 149 41.86 -18.07 51.73
C LEU B 149 42.86 -17.63 50.66
N ASP B 150 43.31 -18.58 49.85
CA ASP B 150 44.29 -18.31 48.81
C ASP B 150 43.73 -17.49 47.69
N ALA B 151 42.40 -17.45 47.61
CA ALA B 151 41.72 -16.68 46.57
C ALA B 151 42.08 -15.21 46.76
N VAL B 152 42.43 -14.88 48.00
CA VAL B 152 42.84 -13.53 48.38
C VAL B 152 44.36 -13.50 48.41
N ILE B 153 44.95 -14.40 49.20
CA ILE B 153 46.40 -14.46 49.38
C ILE B 153 47.16 -14.55 48.08
N ASN B 154 46.79 -15.50 47.23
CA ASN B 154 47.49 -15.69 45.97
C ASN B 154 47.23 -14.62 44.93
N THR B 155 46.29 -13.72 45.21
CA THR B 155 46.00 -12.71 44.23
C THR B 155 46.35 -11.30 44.71
N GLN B 156 46.14 -11.05 45.99
CA GLN B 156 46.42 -9.74 46.56
C GLN B 156 47.67 -9.78 47.46
N GLY B 157 48.21 -10.97 47.69
CA GLY B 157 49.38 -11.10 48.54
C GLY B 157 48.99 -11.20 50.01
N VAL B 158 49.85 -11.82 50.81
CA VAL B 158 49.58 -12.01 52.24
C VAL B 158 49.32 -10.73 52.96
N GLU B 159 50.12 -9.71 52.68
CA GLU B 159 49.95 -8.42 53.35
C GLU B 159 48.48 -7.98 53.32
N ALA B 160 47.73 -8.40 52.29
CA ALA B 160 46.32 -8.04 52.15
C ALA B 160 45.50 -8.39 53.40
N LEU B 161 45.93 -9.40 54.13
CA LEU B 161 45.24 -9.80 55.34
C LEU B 161 45.51 -8.90 56.52
N GLU B 162 46.38 -7.91 56.40
CA GLU B 162 46.54 -7.10 57.59
C GLU B 162 45.40 -6.13 57.72
N GLY B 163 44.85 -6.13 58.92
CA GLY B 163 43.74 -5.28 59.22
C GLY B 163 42.41 -5.94 58.91
N ALA B 164 42.43 -7.20 58.52
CA ALA B 164 41.19 -7.91 58.22
C ALA B 164 40.94 -8.90 59.30
N ILE B 165 39.71 -9.39 59.36
CA ILE B 165 39.31 -10.40 60.33
C ILE B 165 38.90 -11.67 59.54
N ILE B 166 39.30 -12.83 60.03
CA ILE B 166 38.96 -14.09 59.38
C ILE B 166 38.03 -14.82 60.33
N ALA B 167 36.89 -15.25 59.82
CA ALA B 167 35.99 -15.96 60.68
C ALA B 167 35.90 -17.40 60.20
N TYR B 168 36.41 -18.33 61.01
CA TYR B 168 36.34 -19.71 60.60
C TYR B 168 35.04 -20.24 61.15
N GLU B 169 34.15 -20.68 60.26
CA GLU B 169 32.86 -21.21 60.67
C GLU B 169 32.54 -22.52 59.95
N PRO B 170 32.53 -23.65 60.68
CA PRO B 170 32.22 -24.90 59.98
C PRO B 170 30.74 -24.83 59.73
N ILE B 171 30.36 -24.96 58.46
CA ILE B 171 28.98 -24.87 58.03
C ILE B 171 27.99 -25.68 58.83
N TRP B 172 28.32 -26.91 59.18
CA TRP B 172 27.40 -27.75 59.95
C TRP B 172 27.13 -27.35 61.41
N ALA B 173 27.85 -26.32 61.89
CA ALA B 173 27.73 -25.80 63.26
C ALA B 173 26.94 -24.51 63.30
N ILE B 174 26.64 -23.96 62.12
CA ILE B 174 25.90 -22.70 62.00
C ILE B 174 24.42 -22.85 62.26
N GLY B 175 24.01 -22.33 63.41
CA GLY B 175 22.62 -22.37 63.80
C GLY B 175 22.11 -23.77 63.99
N THR B 176 23.01 -24.72 64.23
CA THR B 176 22.61 -26.11 64.41
C THR B 176 22.72 -26.55 65.85
N GLY B 177 23.52 -25.84 66.64
CA GLY B 177 23.68 -26.25 68.02
C GLY B 177 24.74 -27.34 68.11
N LYS B 178 25.23 -27.78 66.95
CA LYS B 178 26.26 -28.79 66.88
C LYS B 178 27.53 -28.01 66.63
N ALA B 179 28.08 -27.46 67.69
CA ALA B 179 29.30 -26.66 67.62
C ALA B 179 30.57 -27.51 67.62
N ALA B 180 31.63 -26.94 67.07
CA ALA B 180 32.91 -27.62 67.03
C ALA B 180 33.51 -27.60 68.45
N THR B 181 34.20 -28.65 68.87
CA THR B 181 34.80 -28.61 70.21
C THR B 181 35.85 -27.49 70.20
N ALA B 182 36.19 -26.97 71.37
CA ALA B 182 37.16 -25.89 71.45
C ALA B 182 38.52 -26.33 70.96
N GLU B 183 38.75 -27.64 71.03
CA GLU B 183 40.01 -28.28 70.63
C GLU B 183 40.15 -28.36 69.11
N ASP B 184 39.07 -28.71 68.42
CA ASP B 184 39.09 -28.77 66.97
C ASP B 184 39.27 -27.38 66.44
N ALA B 185 38.45 -26.46 66.96
CA ALA B 185 38.48 -25.08 66.57
C ALA B 185 39.90 -24.55 66.70
N GLN B 186 40.54 -24.88 67.83
CA GLN B 186 41.92 -24.42 68.04
C GLN B 186 42.87 -25.06 67.03
N ARG B 187 42.62 -26.33 66.70
CA ARG B 187 43.45 -27.11 65.76
C ARG B 187 43.41 -26.41 64.43
N ILE B 188 42.20 -26.24 63.93
CA ILE B 188 41.98 -25.57 62.68
C ILE B 188 42.55 -24.14 62.62
N HIS B 189 42.32 -23.35 63.68
CA HIS B 189 42.80 -21.96 63.69
C HIS B 189 44.30 -21.96 63.67
N ALA B 190 44.93 -22.94 64.31
CA ALA B 190 46.39 -22.98 64.32
C ALA B 190 46.92 -23.33 62.99
N GLN B 191 46.23 -24.22 62.27
CA GLN B 191 46.66 -24.59 60.93
C GLN B 191 46.40 -23.48 59.89
N ILE B 192 45.39 -22.64 60.12
CA ILE B 192 45.11 -21.53 59.19
C ILE B 192 46.19 -20.51 59.37
N ARG B 193 46.47 -20.17 60.61
CA ARG B 193 47.48 -19.20 60.95
C ARG B 193 48.77 -19.69 60.38
N ALA B 194 49.03 -21.00 60.55
CA ALA B 194 50.25 -21.64 60.03
C ALA B 194 50.38 -21.53 58.52
N HIS B 195 49.26 -21.69 57.84
CA HIS B 195 49.21 -21.60 56.38
C HIS B 195 49.61 -20.19 55.98
N ILE B 196 49.12 -19.23 56.74
CA ILE B 196 49.44 -17.85 56.49
C ILE B 196 50.92 -17.58 56.79
N ALA B 197 51.41 -18.07 57.93
CA ALA B 197 52.81 -17.87 58.36
C ALA B 197 53.82 -18.48 57.40
N GLU B 198 53.35 -19.32 56.49
CA GLU B 198 54.23 -19.92 55.53
C GLU B 198 54.56 -18.87 54.46
N LYS B 199 53.91 -17.70 54.53
CA LYS B 199 54.16 -16.59 53.61
C LYS B 199 54.55 -15.29 54.35
N SER B 200 54.13 -15.18 55.61
CA SER B 200 54.48 -14.04 56.45
C SER B 200 54.07 -14.34 57.88
N GLU B 201 55.04 -14.45 58.78
CA GLU B 201 54.72 -14.74 60.18
C GLU B 201 54.32 -13.45 60.87
N ALA B 202 54.72 -12.33 60.30
CA ALA B 202 54.38 -11.04 60.86
C ALA B 202 52.89 -10.82 60.66
N VAL B 203 52.41 -11.19 59.47
CA VAL B 203 50.99 -11.05 59.17
C VAL B 203 50.28 -12.10 59.99
N ALA B 204 50.77 -13.34 59.91
CA ALA B 204 50.16 -14.45 60.62
C ALA B 204 49.97 -14.27 62.12
N LYS B 205 50.96 -13.71 62.80
CA LYS B 205 50.76 -13.60 64.23
C LYS B 205 49.83 -12.46 64.58
N ASN B 206 49.66 -11.52 63.65
CA ASN B 206 48.78 -10.38 63.89
C ASN B 206 47.29 -10.49 63.51
N VAL B 207 46.97 -11.31 62.51
CA VAL B 207 45.60 -11.46 62.05
C VAL B 207 44.67 -12.08 63.08
N VAL B 208 43.53 -11.45 63.26
CA VAL B 208 42.52 -11.90 64.20
C VAL B 208 41.71 -12.99 63.52
N ILE B 209 41.63 -14.16 64.16
CA ILE B 209 40.88 -15.27 63.60
C ILE B 209 39.74 -15.59 64.57
N GLN B 210 38.50 -15.45 64.13
CA GLN B 210 37.35 -15.70 64.97
C GLN B 210 36.77 -17.08 64.67
N TYR B 211 36.06 -17.67 65.64
CA TYR B 211 35.42 -18.96 65.43
C TYR B 211 33.92 -18.67 65.24
N GLY B 212 33.28 -19.39 64.32
CA GLY B 212 31.89 -19.18 64.00
C GLY B 212 30.86 -20.15 64.52
N GLY B 213 31.00 -21.41 64.21
CA GLY B 213 30.06 -22.42 64.72
C GLY B 213 28.84 -22.01 65.53
N SER B 214 28.59 -22.58 66.70
CA SER B 214 27.39 -22.16 67.47
C SER B 214 27.77 -21.61 68.84
N VAL B 215 28.54 -20.54 68.87
CA VAL B 215 28.99 -19.93 70.12
C VAL B 215 27.82 -19.51 70.98
N LYS B 216 27.85 -19.89 72.25
CA LYS B 216 26.79 -19.54 73.19
C LYS B 216 27.43 -19.13 74.47
N PRO B 217 26.68 -18.45 75.34
CA PRO B 217 27.26 -18.02 76.63
C PRO B 217 27.86 -19.22 77.38
N GLU B 218 27.18 -20.35 77.34
CA GLU B 218 27.64 -21.55 78.04
C GLU B 218 28.94 -22.18 77.49
N ASN B 219 29.33 -21.87 76.25
CA ASN B 219 30.55 -22.46 75.69
C ASN B 219 31.61 -21.45 75.22
N ALA B 220 31.31 -20.17 75.35
CA ALA B 220 32.23 -19.17 74.88
C ALA B 220 33.62 -19.17 75.51
N ALA B 221 33.72 -19.34 76.83
CA ALA B 221 35.07 -19.28 77.44
C ALA B 221 36.01 -20.45 77.16
N ALA B 222 35.45 -21.61 76.83
CA ALA B 222 36.26 -22.75 76.47
C ALA B 222 37.00 -22.36 75.18
N TYR B 223 36.29 -21.70 74.27
CA TYR B 223 36.87 -21.25 73.02
C TYR B 223 37.90 -20.19 73.29
N PHE B 224 37.48 -19.17 74.03
CA PHE B 224 38.35 -18.04 74.32
C PHE B 224 39.58 -18.33 75.12
N ALA B 225 39.68 -19.56 75.62
CA ALA B 225 40.87 -19.99 76.35
C ALA B 225 41.98 -20.41 75.34
N GLN B 226 41.57 -20.98 74.19
CA GLN B 226 42.50 -21.41 73.16
C GLN B 226 43.29 -20.23 72.67
N PRO B 227 44.59 -20.38 72.50
CA PRO B 227 45.45 -19.30 72.05
C PRO B 227 45.27 -18.76 70.62
N ASP B 228 44.71 -19.55 69.72
CA ASP B 228 44.55 -19.05 68.35
C ASP B 228 43.17 -18.61 67.93
N ILE B 229 42.25 -18.62 68.88
CA ILE B 229 40.89 -18.20 68.68
C ILE B 229 40.83 -16.78 69.26
N ASP B 230 40.84 -15.76 68.40
CA ASP B 230 40.81 -14.36 68.83
C ASP B 230 39.45 -13.69 69.03
N GLY B 231 38.35 -14.44 68.95
CA GLY B 231 37.03 -13.84 69.12
C GLY B 231 35.98 -14.78 68.62
N ALA B 232 34.78 -14.29 68.37
CA ALA B 232 33.72 -15.16 67.88
C ALA B 232 32.72 -14.39 67.03
N LEU B 233 32.18 -15.03 66.00
CA LEU B 233 31.16 -14.43 65.14
C LEU B 233 29.89 -15.14 65.61
N VAL B 234 28.98 -14.39 66.21
CA VAL B 234 27.77 -14.94 66.80
C VAL B 234 26.49 -14.68 65.99
N GLY B 235 25.66 -15.69 65.87
CA GLY B 235 24.42 -15.56 65.15
C GLY B 235 23.30 -15.48 66.16
N GLY B 236 22.66 -16.61 66.46
CA GLY B 236 21.57 -16.62 67.41
C GLY B 236 21.80 -15.95 68.74
N ALA B 237 22.91 -16.23 69.41
CA ALA B 237 23.10 -15.60 70.70
C ALA B 237 23.26 -14.08 70.64
N ALA B 238 23.32 -13.53 69.43
CA ALA B 238 23.49 -12.08 69.26
C ALA B 238 22.19 -11.30 69.30
N LEU B 239 21.10 -12.02 69.22
CA LEU B 239 19.79 -11.43 69.20
C LEU B 239 19.23 -11.16 70.55
N ASP B 240 20.04 -11.41 71.57
CA ASP B 240 19.71 -11.20 72.98
C ASP B 240 20.88 -10.47 73.70
N ALA B 241 20.59 -9.37 74.38
CA ALA B 241 21.63 -8.60 75.05
C ALA B 241 22.40 -9.31 76.16
N LYS B 242 21.67 -10.09 76.95
CA LYS B 242 22.30 -10.80 78.06
C LYS B 242 23.31 -11.75 77.51
N SER B 243 22.87 -12.65 76.63
CA SER B 243 23.75 -13.64 76.01
C SER B 243 24.98 -13.04 75.37
N PHE B 244 24.77 -12.21 74.37
CA PHE B 244 25.85 -11.59 73.63
C PHE B 244 26.83 -10.78 74.51
N ALA B 245 26.33 -10.07 75.54
CA ALA B 245 27.22 -9.32 76.45
C ALA B 245 28.04 -10.35 77.22
N ALA B 246 27.39 -11.46 77.58
CA ALA B 246 28.03 -12.56 78.27
C ALA B 246 29.23 -13.00 77.41
N ILE B 247 28.95 -13.45 76.19
CA ILE B 247 29.99 -13.89 75.26
C ILE B 247 31.11 -12.84 75.16
N ALA B 248 30.73 -11.58 75.09
CA ALA B 248 31.72 -10.53 74.98
C ALA B 248 32.55 -10.45 76.25
N LYS B 249 31.91 -10.61 77.40
CA LYS B 249 32.66 -10.52 78.64
C LYS B 249 33.65 -11.66 78.77
N ALA B 250 33.22 -12.85 78.36
CA ALA B 250 34.06 -14.04 78.41
C ALA B 250 35.36 -13.79 77.65
N ALA B 251 35.26 -13.23 76.44
CA ALA B 251 36.44 -12.95 75.66
C ALA B 251 37.39 -11.98 76.34
N ALA B 252 36.81 -10.97 77.00
CA ALA B 252 37.60 -9.94 77.68
C ALA B 252 38.40 -10.57 78.83
N GLU B 253 37.71 -11.36 79.67
CA GLU B 253 38.31 -12.07 80.81
C GLU B 253 39.48 -12.91 80.30
N ALA B 254 39.17 -13.90 79.47
CA ALA B 254 40.15 -14.82 78.92
C ALA B 254 41.36 -14.20 78.26
N LYS B 255 41.18 -13.18 77.45
CA LYS B 255 42.33 -12.58 76.75
C LYS B 255 43.09 -11.51 77.54
N ARG C 2 -22.33 11.72 0.91
CA ARG C 2 -22.30 10.46 1.70
C ARG C 2 -20.93 9.75 1.66
N HIS C 3 -20.42 9.45 2.85
CA HIS C 3 -19.12 8.81 3.04
C HIS C 3 -19.33 7.33 2.66
N PRO C 4 -18.52 6.82 1.74
CA PRO C 4 -18.75 5.44 1.36
C PRO C 4 -18.49 4.43 2.46
N VAL C 5 -19.25 3.34 2.40
CA VAL C 5 -19.11 2.24 3.33
C VAL C 5 -18.94 0.96 2.53
N VAL C 6 -17.85 0.24 2.82
CA VAL C 6 -17.54 -1.04 2.20
C VAL C 6 -17.55 -2.09 3.32
N MET C 7 -18.46 -3.05 3.20
CA MET C 7 -18.60 -4.10 4.19
C MET C 7 -18.33 -5.49 3.63
N GLY C 8 -17.54 -6.29 4.37
CA GLY C 8 -17.27 -7.65 3.96
C GLY C 8 -18.11 -8.67 4.73
N ASN C 9 -18.95 -9.41 4.03
CA ASN C 9 -19.75 -10.42 4.70
C ASN C 9 -19.01 -11.74 4.50
N TRP C 10 -18.35 -12.24 5.53
CA TRP C 10 -17.59 -13.48 5.42
C TRP C 10 -18.44 -14.71 5.31
N LYS C 11 -19.71 -14.61 5.65
CA LYS C 11 -20.60 -15.75 5.59
C LYS C 11 -20.05 -16.87 6.45
N LEU C 12 -20.18 -18.12 5.98
CA LEU C 12 -19.74 -19.26 6.74
C LEU C 12 -18.29 -19.62 6.41
N ASN C 13 -17.39 -18.70 6.73
CA ASN C 13 -15.97 -18.87 6.46
C ASN C 13 -15.23 -18.30 7.65
N GLY C 14 -14.16 -18.95 8.05
CA GLY C 14 -13.40 -18.47 9.19
C GLY C 14 -12.74 -19.61 9.94
N SER C 15 -11.56 -19.36 10.51
CA SER C 15 -10.84 -20.34 11.32
C SER C 15 -9.95 -19.45 12.12
N LYS C 16 -9.51 -19.93 13.28
CA LYS C 16 -8.68 -19.09 14.12
C LYS C 16 -7.50 -18.44 13.41
N GLU C 17 -6.82 -19.19 12.56
CA GLU C 17 -5.67 -18.66 11.86
C GLU C 17 -6.11 -17.75 10.74
N MET C 18 -7.19 -18.09 10.06
CA MET C 18 -7.67 -17.26 8.97
C MET C 18 -8.13 -15.90 9.46
N VAL C 19 -8.81 -15.83 10.59
CA VAL C 19 -9.27 -14.55 11.10
C VAL C 19 -8.12 -13.59 11.37
N VAL C 20 -7.11 -14.02 12.12
CA VAL C 20 -6.02 -13.10 12.39
C VAL C 20 -5.21 -12.74 11.19
N ASP C 21 -4.96 -13.67 10.27
CA ASP C 21 -4.20 -13.28 9.09
C ASP C 21 -4.92 -12.29 8.20
N LEU C 22 -6.20 -12.54 7.95
CA LEU C 22 -6.98 -11.65 7.11
C LEU C 22 -7.11 -10.26 7.75
N LEU C 23 -7.42 -10.19 9.04
CA LEU C 23 -7.55 -8.88 9.68
C LEU C 23 -6.22 -8.19 9.79
N ASN C 24 -5.16 -8.94 10.06
CA ASN C 24 -3.86 -8.29 10.14
C ASN C 24 -3.44 -7.74 8.79
N GLY C 25 -3.60 -8.52 7.73
CA GLY C 25 -3.21 -8.06 6.40
C GLY C 25 -4.04 -6.92 5.84
N LEU C 26 -5.34 -7.03 6.07
CA LEU C 26 -6.28 -6.05 5.59
C LEU C 26 -5.89 -4.71 6.16
N ASN C 27 -5.56 -4.72 7.43
CA ASN C 27 -5.16 -3.49 8.13
C ASN C 27 -3.85 -2.92 7.60
N ALA C 28 -2.95 -3.78 7.16
CA ALA C 28 -1.71 -3.29 6.62
C ALA C 28 -1.98 -2.58 5.30
N GLU C 29 -2.84 -3.18 4.49
CA GLU C 29 -3.22 -2.65 3.19
C GLU C 29 -3.92 -1.30 3.22
N LEU C 30 -4.61 -0.98 4.31
CA LEU C 30 -5.39 0.25 4.36
C LEU C 30 -4.72 1.37 5.10
N GLU C 31 -3.42 1.20 5.26
CA GLU C 31 -2.52 2.07 5.99
C GLU C 31 -2.37 3.55 5.69
N GLY C 32 -3.40 4.21 5.20
CA GLY C 32 -3.32 5.65 4.95
C GLY C 32 -4.64 6.02 4.33
N VAL C 33 -5.47 4.99 4.08
CA VAL C 33 -6.79 5.08 3.48
C VAL C 33 -7.80 5.56 4.50
N THR C 34 -8.39 6.74 4.28
CA THR C 34 -9.34 7.31 5.24
C THR C 34 -10.67 7.77 4.68
N GLY C 35 -10.84 7.71 3.37
CA GLY C 35 -12.07 8.14 2.78
C GLY C 35 -13.18 7.12 2.64
N VAL C 36 -13.09 5.99 3.35
CA VAL C 36 -14.11 4.92 3.31
C VAL C 36 -14.23 4.32 4.70
N ASP C 37 -15.40 3.74 5.00
CA ASP C 37 -15.63 3.04 6.26
C ASP C 37 -15.52 1.57 5.83
N VAL C 38 -14.61 0.83 6.44
CA VAL C 38 -14.42 -0.57 6.09
C VAL C 38 -14.94 -1.36 7.27
N ALA C 39 -15.92 -2.21 7.03
CA ALA C 39 -16.45 -3.02 8.14
C ALA C 39 -16.29 -4.44 7.74
N VAL C 40 -16.26 -5.32 8.74
CA VAL C 40 -16.07 -6.74 8.49
C VAL C 40 -17.08 -7.48 9.36
N ALA C 41 -17.65 -8.56 8.83
CA ALA C 41 -18.68 -9.32 9.55
C ALA C 41 -18.28 -10.77 9.65
N PRO C 42 -17.66 -11.17 10.76
CA PRO C 42 -17.31 -12.59 10.81
C PRO C 42 -18.39 -13.47 11.43
N PRO C 43 -18.25 -14.81 11.34
CA PRO C 43 -19.25 -15.70 11.92
C PRO C 43 -19.26 -15.41 13.42
N ALA C 44 -20.43 -15.53 14.08
CA ALA C 44 -20.56 -15.27 15.53
C ALA C 44 -19.42 -15.90 16.34
N LEU C 45 -19.05 -17.14 16.06
CA LEU C 45 -17.95 -17.79 16.76
C LEU C 45 -16.62 -16.99 16.79
N PHE C 46 -16.36 -16.14 15.79
CA PHE C 46 -15.10 -15.37 15.72
C PHE C 46 -15.18 -13.86 15.99
N VAL C 47 -16.30 -13.38 16.52
CA VAL C 47 -16.44 -11.97 16.85
C VAL C 47 -15.46 -11.60 17.95
N ASP C 48 -15.22 -12.51 18.88
CA ASP C 48 -14.27 -12.27 19.96
C ASP C 48 -12.84 -12.15 19.43
N LEU C 49 -12.39 -13.14 18.65
CA LEU C 49 -11.05 -13.14 18.09
C LEU C 49 -10.86 -11.92 17.19
N ALA C 50 -11.91 -11.48 16.50
CA ALA C 50 -11.82 -10.31 15.64
C ALA C 50 -11.61 -9.05 16.48
N GLU C 51 -12.33 -8.93 17.60
CA GLU C 51 -12.16 -7.75 18.44
C GLU C 51 -10.75 -7.73 18.99
N ARG C 52 -10.28 -8.87 19.50
CA ARG C 52 -8.94 -8.97 20.07
C ARG C 52 -7.85 -8.52 19.11
N THR C 53 -7.94 -9.00 17.88
CA THR C 53 -6.98 -8.68 16.82
C THR C 53 -7.02 -7.20 16.45
N LEU C 54 -8.22 -6.67 16.16
CA LEU C 54 -8.37 -5.28 15.77
C LEU C 54 -7.94 -4.35 16.87
N THR C 55 -8.17 -4.75 18.11
CA THR C 55 -7.77 -3.95 19.25
C THR C 55 -6.26 -3.92 19.34
N GLU C 56 -5.62 -5.08 19.37
CA GLU C 56 -4.18 -5.13 19.45
C GLU C 56 -3.50 -4.27 18.40
N ALA C 57 -4.08 -4.21 17.21
CA ALA C 57 -3.51 -3.43 16.12
C ALA C 57 -3.97 -1.97 16.10
N GLY C 58 -4.97 -1.63 16.90
CA GLY C 58 -5.46 -0.27 16.89
C GLY C 58 -6.13 -0.01 15.55
N SER C 59 -6.71 -1.03 14.95
CA SER C 59 -7.35 -0.88 13.66
C SER C 59 -8.59 -0.03 13.74
N ALA C 60 -8.91 0.63 12.64
CA ALA C 60 -10.09 1.46 12.54
C ALA C 60 -11.19 0.66 11.86
N ILE C 61 -10.85 -0.55 11.42
CA ILE C 61 -11.83 -1.40 10.78
C ILE C 61 -12.99 -1.63 11.74
N ILE C 62 -14.21 -1.48 11.23
CA ILE C 62 -15.43 -1.66 11.99
C ILE C 62 -15.81 -3.14 12.04
N LEU C 63 -16.33 -3.56 13.19
CA LEU C 63 -16.76 -4.93 13.41
C LEU C 63 -18.29 -5.03 13.32
N GLY C 64 -18.78 -6.05 12.62
CA GLY C 64 -20.20 -6.25 12.47
C GLY C 64 -20.51 -7.71 12.65
N ALA C 65 -21.74 -8.12 12.35
CA ALA C 65 -22.20 -9.50 12.47
C ALA C 65 -23.16 -9.84 11.33
N GLN C 66 -23.45 -11.13 11.14
CA GLN C 66 -24.26 -11.54 10.02
C GLN C 66 -25.73 -11.65 10.23
N ASN C 67 -26.17 -11.45 11.47
CA ASN C 67 -27.58 -11.57 11.80
C ASN C 67 -27.82 -11.25 13.26
N THR C 68 -29.07 -11.07 13.64
CA THR C 68 -29.47 -10.85 15.05
C THR C 68 -30.83 -11.44 15.31
N ASP C 69 -31.15 -11.64 16.58
CA ASP C 69 -32.47 -12.10 16.95
C ASP C 69 -33.15 -10.95 17.69
N LEU C 70 -34.33 -11.19 18.21
CA LEU C 70 -35.09 -10.12 18.82
C LEU C 70 -35.04 -9.98 20.34
N ASN C 71 -34.07 -10.61 20.99
CA ASN C 71 -33.97 -10.48 22.44
C ASN C 71 -32.57 -10.29 22.90
N ASN C 72 -32.43 -9.58 24.01
CA ASN C 72 -31.11 -9.34 24.57
C ASN C 72 -30.71 -10.39 25.56
N SER C 73 -31.70 -10.94 26.26
CA SER C 73 -31.43 -12.00 27.23
C SER C 73 -32.70 -12.75 27.54
N GLY C 74 -32.54 -13.88 28.22
CA GLY C 74 -33.71 -14.67 28.54
C GLY C 74 -33.63 -16.09 28.03
N ALA C 75 -34.77 -16.76 28.07
CA ALA C 75 -34.84 -18.15 27.65
C ALA C 75 -35.06 -18.29 26.17
N PHE C 76 -34.00 -18.12 25.40
CA PHE C 76 -34.11 -18.27 23.95
C PHE C 76 -32.84 -18.97 23.51
N THR C 77 -32.84 -20.29 23.65
CA THR C 77 -31.70 -21.11 23.29
C THR C 77 -31.26 -20.92 21.85
N GLY C 78 -29.97 -20.72 21.67
CA GLY C 78 -29.41 -20.57 20.36
C GLY C 78 -29.56 -19.23 19.69
N ASP C 79 -30.11 -18.23 20.35
CA ASP C 79 -30.32 -16.91 19.77
C ASP C 79 -29.15 -15.91 19.86
N MET C 80 -29.14 -14.93 18.95
CA MET C 80 -28.13 -13.88 18.86
C MET C 80 -28.64 -12.66 19.57
N SER C 81 -27.87 -12.14 20.51
CA SER C 81 -28.30 -10.99 21.27
C SER C 81 -27.54 -9.74 21.00
N PRO C 82 -28.23 -8.65 20.61
CA PRO C 82 -27.63 -7.34 20.33
C PRO C 82 -26.79 -6.84 21.51
N ALA C 83 -27.23 -7.11 22.72
CA ALA C 83 -26.47 -6.66 23.88
C ALA C 83 -25.13 -7.38 24.03
N MET C 84 -25.10 -8.66 23.65
CA MET C 84 -23.88 -9.48 23.70
C MET C 84 -22.96 -9.04 22.57
N LEU C 85 -23.53 -8.68 21.42
CA LEU C 85 -22.75 -8.18 20.30
C LEU C 85 -22.05 -6.88 20.72
N LYS C 86 -22.79 -5.99 21.37
CA LYS C 86 -22.25 -4.72 21.86
C LYS C 86 -21.10 -4.87 22.81
N GLU C 87 -20.95 -6.00 23.47
CA GLU C 87 -19.82 -6.17 24.38
C GLU C 87 -18.53 -6.37 23.63
N PHE C 88 -18.63 -6.73 22.36
CA PHE C 88 -17.46 -6.95 21.54
C PHE C 88 -17.19 -5.74 20.63
N GLY C 89 -17.98 -4.69 20.77
CA GLY C 89 -17.82 -3.53 19.93
C GLY C 89 -18.45 -3.69 18.54
N ALA C 90 -19.18 -4.78 18.26
CA ALA C 90 -19.79 -5.00 16.96
C ALA C 90 -20.91 -3.98 16.76
N THR C 91 -20.96 -3.31 15.61
CA THR C 91 -21.99 -2.28 15.43
C THR C 91 -22.85 -2.39 14.22
N HIS C 92 -22.28 -2.87 13.11
CA HIS C 92 -23.02 -3.01 11.87
C HIS C 92 -23.51 -4.44 11.76
N ILE C 93 -24.83 -4.62 11.78
CA ILE C 93 -25.43 -5.96 11.74
C ILE C 93 -26.24 -6.22 10.51
N ILE C 94 -25.84 -7.18 9.69
CA ILE C 94 -26.55 -7.52 8.48
C ILE C 94 -27.85 -8.22 8.86
N ILE C 95 -28.96 -7.82 8.26
CA ILE C 95 -30.26 -8.47 8.50
C ILE C 95 -30.99 -8.53 7.19
N GLY C 96 -31.76 -9.59 7.00
CA GLY C 96 -32.50 -9.74 5.77
C GLY C 96 -31.72 -10.29 4.60
N HIS C 97 -30.52 -10.78 4.80
CA HIS C 97 -29.75 -11.29 3.69
C HIS C 97 -30.59 -12.31 2.95
N SER C 98 -30.40 -12.42 1.64
CA SER C 98 -31.20 -13.35 0.86
C SER C 98 -31.06 -14.80 1.27
N GLU C 99 -29.87 -15.19 1.71
CA GLU C 99 -29.63 -16.55 2.15
C GLU C 99 -30.52 -16.88 3.35
N ARG C 100 -30.70 -15.92 4.26
CA ARG C 100 -31.57 -16.15 5.42
C ARG C 100 -33.04 -16.06 5.01
N ARG C 101 -33.36 -15.07 4.18
CA ARG C 101 -34.72 -14.89 3.70
C ARG C 101 -35.13 -16.17 2.97
N GLU C 102 -34.18 -16.86 2.37
CA GLU C 102 -34.53 -18.06 1.68
C GLU C 102 -34.42 -19.32 2.49
N TYR C 103 -33.24 -19.57 3.03
CA TYR C 103 -33.01 -20.78 3.79
C TYR C 103 -33.72 -20.86 5.15
N HIS C 104 -33.99 -19.72 5.78
CA HIS C 104 -34.62 -19.69 7.08
C HIS C 104 -35.99 -19.07 7.02
N ALA C 105 -36.44 -18.79 5.81
CA ALA C 105 -37.73 -18.19 5.56
C ALA C 105 -38.02 -16.99 6.44
N GLU C 106 -37.11 -16.03 6.44
CA GLU C 106 -37.29 -14.79 7.19
C GLU C 106 -38.15 -13.83 6.34
N SER C 107 -39.28 -13.42 6.90
CA SER C 107 -40.23 -12.56 6.23
C SER C 107 -39.88 -11.11 6.37
N ASP C 108 -40.57 -10.25 5.64
CA ASP C 108 -40.30 -8.82 5.75
C ASP C 108 -40.65 -8.34 7.14
N GLU C 109 -41.70 -8.90 7.71
CA GLU C 109 -42.15 -8.53 9.03
C GLU C 109 -41.12 -8.92 10.10
N PHE C 110 -40.53 -10.11 9.95
CA PHE C 110 -39.51 -10.56 10.89
C PHE C 110 -38.28 -9.67 10.73
N VAL C 111 -37.85 -9.44 9.48
CA VAL C 111 -36.69 -8.58 9.22
C VAL C 111 -36.92 -7.16 9.75
N ALA C 112 -38.09 -6.60 9.54
CA ALA C 112 -38.34 -5.26 10.06
C ALA C 112 -38.31 -5.27 11.58
N LYS C 113 -38.73 -6.36 12.22
CA LYS C 113 -38.68 -6.40 13.67
C LYS C 113 -37.22 -6.35 14.11
N LYS C 114 -36.34 -7.05 13.39
CA LYS C 114 -34.92 -6.98 13.72
C LYS C 114 -34.35 -5.57 13.52
N PHE C 115 -34.89 -4.82 12.56
CA PHE C 115 -34.43 -3.45 12.28
C PHE C 115 -34.71 -2.54 13.47
N ALA C 116 -35.90 -2.68 14.00
CA ALA C 116 -36.33 -1.86 15.13
C ALA C 116 -35.56 -2.16 16.41
N PHE C 117 -35.32 -3.45 16.64
CA PHE C 117 -34.60 -3.85 17.85
C PHE C 117 -33.15 -3.34 17.78
N LEU C 118 -32.56 -3.39 16.58
CA LEU C 118 -31.21 -2.92 16.41
C LEU C 118 -31.18 -1.45 16.72
N LYS C 119 -32.08 -0.71 16.10
CA LYS C 119 -32.14 0.72 16.37
C LYS C 119 -32.29 0.94 17.86
N GLU C 120 -33.24 0.25 18.50
CA GLU C 120 -33.40 0.40 19.96
C GLU C 120 -32.12 0.19 20.74
N ASN C 121 -31.28 -0.70 20.25
CA ASN C 121 -30.04 -0.99 20.93
C ASN C 121 -28.85 -0.15 20.55
N GLY C 122 -29.07 0.83 19.67
CA GLY C 122 -28.01 1.73 19.27
C GLY C 122 -27.07 1.19 18.23
N LEU C 123 -27.47 0.10 17.56
CA LEU C 123 -26.65 -0.54 16.53
C LEU C 123 -27.10 -0.10 15.14
N THR C 124 -26.26 -0.39 14.15
CA THR C 124 -26.50 -0.01 12.79
C THR C 124 -26.94 -1.15 11.92
N PRO C 125 -28.22 -1.18 11.54
CA PRO C 125 -28.67 -2.26 10.69
C PRO C 125 -28.22 -2.07 9.23
N VAL C 126 -27.88 -3.17 8.55
CA VAL C 126 -27.51 -3.12 7.15
C VAL C 126 -28.64 -3.92 6.57
N LEU C 127 -29.67 -3.22 6.15
CA LEU C 127 -30.87 -3.86 5.64
C LEU C 127 -30.67 -4.35 4.22
N CYS C 128 -30.78 -5.65 3.97
CA CYS C 128 -30.64 -6.18 2.62
C CYS C 128 -32.00 -6.29 1.95
N ILE C 129 -32.09 -5.89 0.67
CA ILE C 129 -33.33 -5.96 -0.10
C ILE C 129 -32.89 -6.37 -1.52
N GLY C 130 -33.78 -6.95 -2.32
CA GLY C 130 -33.39 -7.37 -3.66
C GLY C 130 -34.42 -8.25 -4.35
N GLU C 131 -34.43 -8.25 -5.67
CA GLU C 131 -35.41 -9.04 -6.40
C GLU C 131 -34.82 -10.35 -6.90
N SER C 132 -35.68 -11.32 -7.18
CA SER C 132 -35.18 -12.58 -7.74
C SER C 132 -35.15 -12.52 -9.28
N ASP C 133 -34.55 -13.53 -9.89
CA ASP C 133 -34.48 -13.63 -11.35
C ASP C 133 -35.83 -13.47 -12.04
N ALA C 134 -36.84 -14.14 -11.52
CA ALA C 134 -38.14 -14.06 -12.12
C ALA C 134 -38.74 -12.69 -11.95
N GLN C 135 -38.67 -12.13 -10.75
CA GLN C 135 -39.23 -10.79 -10.47
C GLN C 135 -38.55 -9.76 -11.38
N ASN C 136 -37.25 -9.94 -11.52
CA ASN C 136 -36.46 -9.09 -12.36
C ASN C 136 -37.01 -9.15 -13.77
N GLU C 137 -37.03 -10.36 -14.33
CA GLU C 137 -37.51 -10.58 -15.69
C GLU C 137 -38.96 -10.10 -15.85
N ALA C 138 -39.78 -10.32 -14.84
CA ALA C 138 -41.17 -9.89 -14.92
C ALA C 138 -41.28 -8.37 -14.70
N GLY C 139 -40.13 -7.73 -14.53
CA GLY C 139 -40.10 -6.29 -14.32
C GLY C 139 -40.69 -5.80 -13.01
N GLU C 140 -40.57 -6.56 -11.92
CA GLU C 140 -41.12 -6.13 -10.64
C GLU C 140 -40.08 -5.65 -9.64
N THR C 141 -38.86 -5.42 -10.07
CA THR C 141 -37.76 -4.96 -9.19
C THR C 141 -38.10 -3.89 -8.14
N MET C 142 -38.65 -2.75 -8.56
CA MET C 142 -39.00 -1.74 -7.58
C MET C 142 -40.21 -2.14 -6.74
N ALA C 143 -41.06 -2.98 -7.31
CA ALA C 143 -42.22 -3.45 -6.55
C ALA C 143 -41.71 -4.25 -5.34
N VAL C 144 -40.79 -5.19 -5.58
CA VAL C 144 -40.23 -6.00 -4.51
C VAL C 144 -39.46 -5.13 -3.51
N CYS C 145 -38.58 -4.29 -4.05
CA CYS C 145 -37.76 -3.43 -3.22
C CYS C 145 -38.63 -2.54 -2.37
N ALA C 146 -39.51 -1.77 -2.99
CA ALA C 146 -40.39 -0.85 -2.26
C ALA C 146 -41.13 -1.60 -1.17
N ARG C 147 -41.54 -2.83 -1.49
CA ARG C 147 -42.26 -3.65 -0.53
C ARG C 147 -41.41 -3.99 0.66
N GLN C 148 -40.18 -4.43 0.42
CA GLN C 148 -39.29 -4.76 1.53
C GLN C 148 -38.86 -3.57 2.42
N LEU C 149 -38.70 -2.39 1.81
CA LEU C 149 -38.33 -1.16 2.52
C LEU C 149 -39.51 -0.70 3.34
N ASP C 150 -40.68 -0.74 2.69
CA ASP C 150 -41.95 -0.35 3.27
C ASP C 150 -42.31 -1.11 4.53
N ALA C 151 -41.75 -2.31 4.68
CA ALA C 151 -41.97 -3.08 5.88
C ALA C 151 -41.43 -2.29 7.09
N VAL C 152 -40.35 -1.53 6.93
CA VAL C 152 -39.87 -0.78 8.08
C VAL C 152 -40.42 0.64 8.06
N ILE C 153 -40.51 1.22 6.86
CA ILE C 153 -41.03 2.59 6.70
C ILE C 153 -42.47 2.74 7.20
N ASN C 154 -43.33 1.82 6.79
CA ASN C 154 -44.72 1.88 7.21
C ASN C 154 -45.02 1.54 8.65
N THR C 155 -44.14 0.80 9.29
CA THR C 155 -44.37 0.43 10.68
C THR C 155 -43.55 1.29 11.61
N GLN C 156 -42.47 1.88 11.10
CA GLN C 156 -41.61 2.68 11.94
C GLN C 156 -41.40 4.15 11.55
N GLY C 157 -41.60 4.49 10.27
CA GLY C 157 -41.42 5.86 9.84
C GLY C 157 -40.12 6.05 9.10
N VAL C 158 -40.10 6.89 8.05
CA VAL C 158 -38.87 7.10 7.29
C VAL C 158 -37.68 7.45 8.12
N GLU C 159 -37.87 8.16 9.22
CA GLU C 159 -36.72 8.54 10.01
C GLU C 159 -36.01 7.38 10.65
N ALA C 160 -36.63 6.22 10.62
CA ALA C 160 -36.00 5.02 11.16
C ALA C 160 -34.77 4.65 10.33
N LEU C 161 -34.76 5.05 9.04
CA LEU C 161 -33.65 4.75 8.12
C LEU C 161 -32.45 5.62 8.37
N GLU C 162 -32.63 6.64 9.18
CA GLU C 162 -31.56 7.54 9.52
C GLU C 162 -30.54 6.76 10.33
N GLY C 163 -29.29 6.71 9.84
CA GLY C 163 -28.23 5.97 10.52
C GLY C 163 -28.23 4.48 10.17
N ALA C 164 -28.97 4.10 9.13
CA ALA C 164 -29.06 2.72 8.68
C ALA C 164 -28.38 2.67 7.31
N ILE C 165 -27.99 1.46 6.92
CA ILE C 165 -27.38 1.24 5.64
C ILE C 165 -28.35 0.28 4.96
N ILE C 166 -28.56 0.46 3.65
CA ILE C 166 -29.45 -0.38 2.84
C ILE C 166 -28.54 -0.98 1.78
N ALA C 167 -28.59 -2.29 1.59
CA ALA C 167 -27.75 -2.95 0.59
C ALA C 167 -28.67 -3.54 -0.42
N TYR C 168 -28.63 -3.00 -1.61
CA TYR C 168 -29.45 -3.55 -2.65
C TYR C 168 -28.69 -4.73 -3.27
N GLU C 169 -29.27 -5.92 -3.24
CA GLU C 169 -28.63 -7.10 -3.84
C GLU C 169 -29.53 -7.85 -4.82
N PRO C 170 -29.21 -7.81 -6.13
CA PRO C 170 -30.04 -8.52 -7.11
C PRO C 170 -29.74 -9.96 -6.80
N ILE C 171 -30.68 -10.68 -6.21
CA ILE C 171 -30.46 -12.07 -5.82
C ILE C 171 -29.67 -12.90 -6.82
N TRP C 172 -30.03 -12.84 -8.09
CA TRP C 172 -29.28 -13.58 -9.10
C TRP C 172 -27.80 -13.13 -9.28
N ALA C 173 -27.38 -12.07 -8.60
CA ALA C 173 -26.01 -11.57 -8.74
C ALA C 173 -25.14 -12.07 -7.62
N ILE C 174 -25.79 -12.57 -6.57
CA ILE C 174 -25.07 -13.07 -5.41
C ILE C 174 -24.45 -14.44 -5.70
N GLY C 175 -23.14 -14.53 -5.45
CA GLY C 175 -22.35 -15.74 -5.65
C GLY C 175 -22.23 -16.29 -7.06
N THR C 176 -23.12 -15.82 -7.94
CA THR C 176 -23.24 -16.28 -9.32
C THR C 176 -22.19 -15.82 -10.34
N GLY C 177 -21.42 -14.78 -9.99
CA GLY C 177 -20.43 -14.25 -10.91
C GLY C 177 -21.05 -13.20 -11.84
N LYS C 178 -22.37 -13.29 -12.06
CA LYS C 178 -23.09 -12.38 -12.91
C LYS C 178 -23.54 -11.13 -12.15
N ALA C 179 -22.77 -10.04 -12.27
CA ALA C 179 -23.10 -8.78 -11.62
C ALA C 179 -23.97 -7.93 -12.53
N ALA C 180 -24.87 -7.16 -11.94
CA ALA C 180 -25.71 -6.24 -12.70
C ALA C 180 -24.73 -5.20 -13.31
N THR C 181 -25.13 -4.42 -14.29
CA THR C 181 -24.19 -3.43 -14.79
C THR C 181 -24.29 -2.24 -13.88
N ALA C 182 -23.23 -1.47 -13.79
CA ALA C 182 -23.22 -0.29 -12.94
C ALA C 182 -24.34 0.71 -13.34
N GLU C 183 -24.74 0.73 -14.59
CA GLU C 183 -25.76 1.64 -15.06
C GLU C 183 -27.14 1.19 -14.57
N ASP C 184 -27.44 -0.12 -14.62
CA ASP C 184 -28.69 -0.64 -14.12
C ASP C 184 -28.76 -0.53 -12.62
N ALA C 185 -27.63 -0.78 -11.96
CA ALA C 185 -27.51 -0.65 -10.51
C ALA C 185 -27.81 0.83 -10.12
N GLN C 186 -27.18 1.77 -10.82
CA GLN C 186 -27.39 3.19 -10.54
C GLN C 186 -28.87 3.54 -10.74
N ARG C 187 -29.48 2.91 -11.73
CA ARG C 187 -30.88 3.14 -12.03
C ARG C 187 -31.78 2.69 -10.90
N ILE C 188 -31.47 1.55 -10.29
CA ILE C 188 -32.28 1.03 -9.18
C ILE C 188 -32.06 1.82 -7.90
N HIS C 189 -30.81 2.22 -7.66
CA HIS C 189 -30.50 3.01 -6.47
C HIS C 189 -31.19 4.37 -6.46
N ALA C 190 -31.25 5.01 -7.62
CA ALA C 190 -31.87 6.31 -7.73
C ALA C 190 -33.36 6.20 -7.42
N GLN C 191 -33.96 5.08 -7.80
CA GLN C 191 -35.38 4.84 -7.54
C GLN C 191 -35.62 4.45 -6.08
N ILE C 192 -34.71 3.66 -5.51
CA ILE C 192 -34.81 3.29 -4.11
C ILE C 192 -34.73 4.60 -3.35
N ARG C 193 -33.83 5.48 -3.78
CA ARG C 193 -33.69 6.77 -3.11
C ARG C 193 -34.92 7.62 -3.30
N ALA C 194 -35.47 7.62 -4.50
CA ALA C 194 -36.67 8.42 -4.78
C ALA C 194 -37.83 7.98 -3.91
N HIS C 195 -37.92 6.68 -3.64
CA HIS C 195 -39.00 6.11 -2.81
C HIS C 195 -38.97 6.62 -1.38
N ILE C 196 -37.77 6.69 -0.81
CA ILE C 196 -37.58 7.19 0.53
C ILE C 196 -37.81 8.71 0.55
N ALA C 197 -37.35 9.38 -0.49
CA ALA C 197 -37.51 10.84 -0.61
C ALA C 197 -38.98 11.21 -0.73
N GLU C 198 -39.82 10.30 -1.19
CA GLU C 198 -41.21 10.64 -1.31
C GLU C 198 -41.70 10.89 0.12
N LYS C 199 -41.05 10.27 1.09
CA LYS C 199 -41.44 10.43 2.49
C LYS C 199 -40.56 11.42 3.22
N SER C 200 -39.27 11.49 2.89
CA SER C 200 -38.34 12.46 3.47
C SER C 200 -37.11 12.70 2.59
N GLU C 201 -36.86 13.95 2.22
CA GLU C 201 -35.71 14.26 1.38
C GLU C 201 -34.44 14.28 2.21
N ALA C 202 -34.58 14.71 3.45
CA ALA C 202 -33.45 14.77 4.36
C ALA C 202 -32.91 13.36 4.58
N VAL C 203 -33.80 12.42 4.91
CA VAL C 203 -33.38 11.01 5.11
C VAL C 203 -32.82 10.49 3.79
N ALA C 204 -33.56 10.61 2.71
CA ALA C 204 -33.07 10.13 1.42
C ALA C 204 -31.67 10.64 1.03
N LYS C 205 -31.38 11.91 1.25
CA LYS C 205 -30.08 12.43 0.84
C LYS C 205 -28.91 11.85 1.60
N ASN C 206 -29.18 11.39 2.81
CA ASN C 206 -28.13 10.91 3.66
C ASN C 206 -28.01 9.42 3.84
N VAL C 207 -28.98 8.67 3.38
CA VAL C 207 -28.93 7.22 3.58
C VAL C 207 -27.92 6.62 2.64
N VAL C 208 -27.03 5.78 3.20
CA VAL C 208 -26.01 5.05 2.45
C VAL C 208 -26.67 3.83 1.81
N ILE C 209 -26.71 3.77 0.48
CA ILE C 209 -27.28 2.63 -0.19
C ILE C 209 -26.13 1.87 -0.84
N GLN C 210 -25.90 0.65 -0.37
CA GLN C 210 -24.82 -0.14 -0.92
C GLN C 210 -25.28 -1.06 -2.04
N TYR C 211 -24.34 -1.42 -2.91
CA TYR C 211 -24.63 -2.37 -3.98
C TYR C 211 -24.12 -3.74 -3.54
N GLY C 212 -24.89 -4.79 -3.79
CA GLY C 212 -24.47 -6.11 -3.38
C GLY C 212 -24.44 -7.26 -4.37
N GLY C 213 -24.16 -7.02 -5.63
CA GLY C 213 -24.10 -8.13 -6.56
C GLY C 213 -22.77 -8.80 -6.36
N SER C 214 -22.05 -9.12 -7.42
CA SER C 214 -20.73 -9.75 -7.27
C SER C 214 -19.68 -8.66 -7.46
N VAL C 215 -19.49 -7.81 -6.45
CA VAL C 215 -18.46 -6.78 -6.56
C VAL C 215 -17.07 -7.44 -6.51
N LYS C 216 -16.24 -7.12 -7.51
CA LYS C 216 -14.88 -7.64 -7.60
C LYS C 216 -13.98 -6.47 -7.87
N PRO C 217 -12.67 -6.64 -7.69
CA PRO C 217 -11.77 -5.52 -7.94
C PRO C 217 -11.85 -5.08 -9.40
N GLU C 218 -12.19 -5.99 -10.31
CA GLU C 218 -12.27 -5.59 -11.72
C GLU C 218 -13.46 -4.69 -12.08
N ASN C 219 -14.55 -4.80 -11.34
CA ASN C 219 -15.72 -3.99 -11.59
C ASN C 219 -16.08 -2.98 -10.49
N ALA C 220 -15.26 -2.85 -9.45
CA ALA C 220 -15.62 -1.92 -8.38
C ALA C 220 -15.74 -0.46 -8.78
N ALA C 221 -14.69 0.12 -9.36
CA ALA C 221 -14.69 1.55 -9.77
C ALA C 221 -15.85 1.99 -10.64
N ALA C 222 -16.31 1.09 -11.49
CA ALA C 222 -17.42 1.36 -12.36
C ALA C 222 -18.63 1.61 -11.45
N TYR C 223 -18.79 0.79 -10.42
CA TYR C 223 -19.91 0.97 -9.49
C TYR C 223 -19.78 2.24 -8.66
N PHE C 224 -18.63 2.41 -8.03
CA PHE C 224 -18.42 3.56 -7.16
C PHE C 224 -18.44 4.87 -7.92
N ALA C 225 -18.46 4.78 -9.24
CA ALA C 225 -18.52 5.95 -10.09
C ALA C 225 -19.93 6.55 -10.17
N GLN C 226 -20.96 5.72 -9.94
CA GLN C 226 -22.36 6.14 -9.98
C GLN C 226 -22.73 6.99 -8.77
N PRO C 227 -23.47 8.07 -8.98
CA PRO C 227 -23.82 8.92 -7.83
C PRO C 227 -24.68 8.30 -6.74
N ASP C 228 -25.54 7.37 -7.08
CA ASP C 228 -26.38 6.82 -6.04
C ASP C 228 -25.88 5.53 -5.42
N ILE C 229 -24.66 5.11 -5.77
CA ILE C 229 -24.07 3.89 -5.18
C ILE C 229 -23.02 4.35 -4.14
N ASP C 230 -23.37 4.21 -2.84
CA ASP C 230 -22.56 4.64 -1.68
C ASP C 230 -21.56 3.62 -1.06
N GLY C 231 -21.48 2.44 -1.63
CA GLY C 231 -20.56 1.46 -1.12
C GLY C 231 -20.90 0.12 -1.68
N ALA C 232 -20.38 -0.93 -1.03
CA ALA C 232 -20.62 -2.30 -1.45
C ALA C 232 -20.66 -3.23 -0.26
N LEU C 233 -21.48 -4.28 -0.40
CA LEU C 233 -21.57 -5.35 0.61
C LEU C 233 -20.92 -6.46 -0.17
N VAL C 234 -19.70 -6.80 0.19
CA VAL C 234 -18.92 -7.80 -0.51
C VAL C 234 -18.93 -9.17 0.17
N GLY C 235 -19.03 -10.21 -0.65
CA GLY C 235 -19.02 -11.57 -0.14
C GLY C 235 -17.68 -12.25 -0.43
N GLY C 236 -17.63 -13.02 -1.51
CA GLY C 236 -16.43 -13.73 -1.89
C GLY C 236 -15.13 -12.94 -1.97
N ALA C 237 -15.16 -11.71 -2.48
CA ALA C 237 -13.94 -10.92 -2.57
C ALA C 237 -13.51 -10.41 -1.21
N ALA C 238 -14.35 -10.58 -0.19
CA ALA C 238 -14.07 -10.14 1.18
C ALA C 238 -13.05 -11.00 1.88
N LEU C 239 -12.91 -12.24 1.39
CA LEU C 239 -12.03 -13.26 1.95
C LEU C 239 -10.57 -13.17 1.52
N ASP C 240 -10.24 -12.18 0.70
CA ASP C 240 -8.88 -11.97 0.24
C ASP C 240 -8.53 -10.53 0.64
N ALA C 241 -7.56 -10.35 1.51
CA ALA C 241 -7.16 -9.04 1.96
C ALA C 241 -6.78 -8.10 0.82
N LYS C 242 -6.14 -8.64 -0.22
CA LYS C 242 -5.73 -7.81 -1.35
C LYS C 242 -6.90 -7.39 -2.20
N SER C 243 -7.90 -8.26 -2.32
CA SER C 243 -9.12 -7.99 -3.07
C SER C 243 -10.04 -7.00 -2.38
N PHE C 244 -10.29 -7.23 -1.10
CA PHE C 244 -11.16 -6.37 -0.34
C PHE C 244 -10.53 -4.97 -0.19
N ALA C 245 -9.22 -4.90 0.02
CA ALA C 245 -8.53 -3.61 0.13
C ALA C 245 -8.59 -2.83 -1.17
N ALA C 246 -8.56 -3.54 -2.31
CA ALA C 246 -8.64 -2.92 -3.63
C ALA C 246 -10.01 -2.30 -3.80
N ILE C 247 -11.05 -3.08 -3.48
CA ILE C 247 -12.42 -2.59 -3.53
C ILE C 247 -12.57 -1.39 -2.62
N ALA C 248 -12.11 -1.45 -1.37
CA ALA C 248 -12.20 -0.28 -0.48
C ALA C 248 -11.53 0.98 -1.07
N LYS C 249 -10.32 0.87 -1.62
CA LYS C 249 -9.63 2.01 -2.22
C LYS C 249 -10.37 2.66 -3.37
N ALA C 250 -10.93 1.85 -4.28
CA ALA C 250 -11.72 2.38 -5.39
C ALA C 250 -12.87 3.25 -4.85
N ALA C 251 -13.49 2.81 -3.76
CA ALA C 251 -14.56 3.60 -3.18
C ALA C 251 -14.05 4.92 -2.63
N ALA C 252 -12.86 4.88 -1.98
CA ALA C 252 -12.26 6.09 -1.39
C ALA C 252 -11.88 7.10 -2.43
N GLU C 253 -11.20 6.64 -3.48
CA GLU C 253 -10.81 7.53 -4.55
C GLU C 253 -12.06 8.07 -5.27
N ALA C 254 -13.02 7.19 -5.55
CA ALA C 254 -14.24 7.56 -6.28
C ALA C 254 -15.09 8.61 -5.65
N LYS C 255 -15.14 8.64 -4.34
CA LYS C 255 -16.00 9.59 -3.65
C LYS C 255 -15.33 10.80 -3.02
N ALA C 256 -14.08 11.05 -3.37
CA ALA C 256 -13.35 12.22 -2.85
C ALA C 256 -13.55 13.44 -3.76
N ARG D 2 -24.81 -46.60 32.83
CA ARG D 2 -24.45 -45.38 32.03
C ARG D 2 -23.90 -44.32 32.97
N HIS D 3 -22.75 -43.75 32.59
CA HIS D 3 -22.12 -42.71 33.38
C HIS D 3 -23.05 -41.48 33.33
N PRO D 4 -23.39 -40.86 34.47
CA PRO D 4 -24.28 -39.70 34.36
C PRO D 4 -23.64 -38.47 33.71
N VAL D 5 -24.47 -37.68 33.03
CA VAL D 5 -24.06 -36.44 32.34
C VAL D 5 -24.95 -35.30 32.81
N VAL D 6 -24.35 -34.22 33.29
CA VAL D 6 -25.11 -33.04 33.70
C VAL D 6 -24.71 -31.87 32.81
N MET D 7 -25.70 -31.28 32.13
CA MET D 7 -25.45 -30.19 31.20
C MET D 7 -26.20 -28.96 31.51
N GLY D 8 -25.51 -27.82 31.44
CA GLY D 8 -26.16 -26.56 31.70
C GLY D 8 -26.36 -25.79 30.42
N ASN D 9 -27.59 -25.39 30.18
CA ASN D 9 -27.93 -24.62 28.99
C ASN D 9 -28.04 -23.17 29.47
N TRP D 10 -27.08 -22.31 29.14
CA TRP D 10 -27.19 -20.92 29.62
C TRP D 10 -28.19 -20.11 28.85
N LYS D 11 -28.63 -20.62 27.69
CA LYS D 11 -29.60 -19.90 26.86
C LYS D 11 -29.05 -18.51 26.44
N LEU D 12 -29.85 -17.46 26.54
CA LEU D 12 -29.42 -16.14 26.13
C LEU D 12 -28.98 -15.38 27.34
N ASN D 13 -27.90 -15.86 27.94
CA ASN D 13 -27.36 -15.24 29.14
C ASN D 13 -25.89 -15.38 29.09
N GLY D 14 -25.23 -14.25 29.24
CA GLY D 14 -23.78 -14.23 29.23
C GLY D 14 -23.31 -12.80 29.07
N SER D 15 -22.14 -12.54 29.63
CA SER D 15 -21.47 -11.26 29.53
C SER D 15 -20.00 -11.60 29.74
N LYS D 16 -19.10 -10.73 29.35
CA LYS D 16 -17.68 -11.02 29.54
C LYS D 16 -17.31 -11.28 31.01
N GLU D 17 -17.92 -10.56 31.96
CA GLU D 17 -17.65 -10.76 33.40
C GLU D 17 -18.22 -12.08 33.92
N MET D 18 -19.51 -12.29 33.66
CA MET D 18 -20.22 -13.48 34.07
C MET D 18 -19.61 -14.79 33.57
N VAL D 19 -19.33 -14.88 32.28
CA VAL D 19 -18.77 -16.11 31.76
C VAL D 19 -17.55 -16.53 32.53
N VAL D 20 -16.67 -15.59 32.80
CA VAL D 20 -15.44 -15.87 33.51
C VAL D 20 -15.73 -16.23 34.94
N ASP D 21 -16.49 -15.38 35.62
CA ASP D 21 -16.85 -15.66 36.99
C ASP D 21 -17.45 -17.05 37.14
N LEU D 22 -18.57 -17.30 36.46
CA LEU D 22 -19.26 -18.59 36.54
C LEU D 22 -18.37 -19.78 36.30
N LEU D 23 -17.65 -19.77 35.18
CA LEU D 23 -16.78 -20.88 34.83
C LEU D 23 -15.68 -21.12 35.84
N ASN D 24 -15.21 -20.06 36.49
CA ASN D 24 -14.14 -20.20 37.47
C ASN D 24 -14.69 -20.75 38.77
N GLY D 25 -15.82 -20.19 39.21
CA GLY D 25 -16.49 -20.64 40.42
C GLY D 25 -16.88 -22.09 40.21
N LEU D 26 -17.42 -22.39 39.05
CA LEU D 26 -17.84 -23.73 38.72
C LEU D 26 -16.68 -24.68 38.94
N ASN D 27 -15.53 -24.37 38.36
CA ASN D 27 -14.39 -25.26 38.48
C ASN D 27 -13.92 -25.42 39.92
N ALA D 28 -14.06 -24.34 40.69
CA ALA D 28 -13.66 -24.37 42.07
C ALA D 28 -14.54 -25.40 42.81
N GLU D 29 -15.86 -25.22 42.70
CA GLU D 29 -16.82 -26.10 43.36
C GLU D 29 -16.75 -27.54 42.93
N LEU D 30 -16.35 -27.81 41.71
CA LEU D 30 -16.32 -29.20 41.27
C LEU D 30 -15.00 -29.85 41.53
N GLU D 31 -14.11 -29.08 42.17
CA GLU D 31 -12.76 -29.52 42.49
C GLU D 31 -12.76 -30.92 43.12
N GLY D 32 -12.23 -31.88 42.35
CA GLY D 32 -12.17 -33.25 42.84
C GLY D 32 -13.40 -34.13 42.68
N VAL D 33 -14.56 -33.57 42.30
CA VAL D 33 -15.78 -34.37 42.11
C VAL D 33 -15.60 -35.29 40.91
N THR D 34 -15.84 -36.58 41.10
CA THR D 34 -15.67 -37.53 40.00
C THR D 34 -16.97 -38.29 39.77
N GLY D 35 -17.08 -38.93 38.61
CA GLY D 35 -18.26 -39.73 38.33
C GLY D 35 -19.46 -39.08 37.65
N VAL D 36 -19.22 -37.93 37.01
CA VAL D 36 -20.25 -37.20 36.30
C VAL D 36 -19.58 -36.41 35.21
N ASP D 37 -20.20 -36.37 34.04
CA ASP D 37 -19.70 -35.57 32.95
C ASP D 37 -20.48 -34.26 33.06
N VAL D 38 -19.79 -33.16 33.36
CA VAL D 38 -20.46 -31.88 33.47
C VAL D 38 -20.20 -31.14 32.20
N ALA D 39 -21.24 -30.52 31.64
CA ALA D 39 -21.11 -29.78 30.40
C ALA D 39 -21.78 -28.42 30.46
N VAL D 40 -21.25 -27.45 29.71
CA VAL D 40 -21.87 -26.12 29.65
C VAL D 40 -22.09 -25.67 28.20
N ALA D 41 -23.21 -24.99 27.94
CA ALA D 41 -23.52 -24.52 26.58
C ALA D 41 -23.71 -23.04 26.62
N PRO D 42 -22.64 -22.27 26.37
CA PRO D 42 -22.73 -20.82 26.37
C PRO D 42 -23.26 -20.34 25.03
N PRO D 43 -23.67 -19.07 24.94
CA PRO D 43 -24.15 -18.59 23.64
C PRO D 43 -22.91 -18.65 22.73
N ALA D 44 -23.09 -18.84 21.44
CA ALA D 44 -21.96 -18.92 20.50
C ALA D 44 -20.98 -17.77 20.62
N LEU D 45 -21.44 -16.57 20.89
CA LEU D 45 -20.48 -15.45 21.05
C LEU D 45 -19.46 -15.65 22.19
N PHE D 46 -19.75 -16.53 23.18
CA PHE D 46 -18.85 -16.77 24.32
C PHE D 46 -18.17 -18.13 24.39
N VAL D 47 -18.17 -18.86 23.28
CA VAL D 47 -17.51 -20.16 23.21
C VAL D 47 -16.01 -19.95 23.23
N ASP D 48 -15.54 -18.92 22.51
CA ASP D 48 -14.12 -18.57 22.48
C ASP D 48 -13.65 -18.33 23.92
N LEU D 49 -14.30 -17.39 24.61
CA LEU D 49 -14.00 -17.05 26.02
C LEU D 49 -14.05 -18.32 26.88
N ALA D 50 -15.14 -19.06 26.79
CA ALA D 50 -15.28 -20.27 27.57
C ALA D 50 -14.12 -21.24 27.31
N GLU D 51 -13.71 -21.43 26.06
CA GLU D 51 -12.59 -22.33 25.81
C GLU D 51 -11.30 -21.84 26.49
N ARG D 52 -11.02 -20.55 26.39
CA ARG D 52 -9.81 -19.99 26.97
C ARG D 52 -9.83 -20.08 28.47
N THR D 53 -10.97 -19.74 29.05
CA THR D 53 -11.09 -19.80 30.50
C THR D 53 -10.90 -21.23 31.05
N LEU D 54 -11.56 -22.19 30.42
CA LEU D 54 -11.47 -23.58 30.87
C LEU D 54 -10.08 -24.15 30.73
N THR D 55 -9.45 -23.93 29.58
CA THR D 55 -8.11 -24.42 29.33
C THR D 55 -7.15 -23.87 30.37
N GLU D 56 -7.20 -22.56 30.62
CA GLU D 56 -6.34 -21.95 31.64
C GLU D 56 -6.52 -22.70 32.94
N ALA D 57 -7.76 -23.01 33.30
CA ALA D 57 -8.05 -23.72 34.54
C ALA D 57 -7.73 -25.20 34.46
N GLY D 58 -7.37 -25.70 33.28
CA GLY D 58 -7.12 -27.12 33.12
C GLY D 58 -8.40 -27.86 33.52
N SER D 59 -9.55 -27.21 33.35
CA SER D 59 -10.84 -27.78 33.71
C SER D 59 -11.24 -28.98 32.91
N ALA D 60 -12.02 -29.87 33.52
CA ALA D 60 -12.47 -31.06 32.78
C ALA D 60 -13.91 -30.90 32.33
N ILE D 61 -14.49 -29.75 32.64
CA ILE D 61 -15.83 -29.40 32.22
C ILE D 61 -15.87 -29.46 30.68
N ILE D 62 -16.93 -30.03 30.13
CA ILE D 62 -17.08 -30.17 28.69
C ILE D 62 -17.70 -28.91 28.09
N LEU D 63 -17.30 -28.57 26.87
CA LEU D 63 -17.83 -27.40 26.20
C LEU D 63 -18.90 -27.80 25.19
N GLY D 64 -20.06 -27.19 25.29
CA GLY D 64 -21.10 -27.51 24.34
C GLY D 64 -21.59 -26.22 23.68
N ALA D 65 -22.62 -26.29 22.85
CA ALA D 65 -23.20 -25.10 22.22
C ALA D 65 -24.70 -25.35 22.15
N GLN D 66 -25.50 -24.31 21.95
CA GLN D 66 -26.96 -24.41 21.94
C GLN D 66 -27.73 -24.70 20.65
N ASN D 67 -27.03 -24.87 19.53
CA ASN D 67 -27.69 -25.14 18.28
C ASN D 67 -26.65 -25.39 17.23
N THR D 68 -27.13 -25.84 16.08
CA THR D 68 -26.28 -26.09 14.94
C THR D 68 -27.10 -25.97 13.67
N ASP D 69 -26.40 -25.69 12.58
CA ASP D 69 -27.01 -25.59 11.27
C ASP D 69 -26.50 -26.75 10.44
N LEU D 70 -26.92 -26.82 9.19
CA LEU D 70 -26.60 -27.94 8.32
C LEU D 70 -25.40 -27.85 7.38
N ASN D 71 -24.50 -26.91 7.61
CA ASN D 71 -23.33 -26.80 6.74
C ASN D 71 -22.15 -26.38 7.54
N ASN D 72 -20.98 -26.80 7.09
CA ASN D 72 -19.77 -26.44 7.77
C ASN D 72 -19.13 -25.21 7.24
N SER D 73 -19.42 -24.91 5.98
CA SER D 73 -18.87 -23.70 5.32
C SER D 73 -19.62 -23.37 4.06
N GLY D 74 -19.40 -22.16 3.55
CA GLY D 74 -20.09 -21.77 2.34
C GLY D 74 -20.92 -20.52 2.48
N ALA D 75 -21.74 -20.27 1.49
CA ALA D 75 -22.61 -19.11 1.46
C ALA D 75 -23.88 -19.33 2.26
N PHE D 76 -23.76 -19.23 3.58
CA PHE D 76 -24.86 -19.40 4.46
C PHE D 76 -24.71 -18.37 5.55
N THR D 77 -25.02 -17.13 5.22
CA THR D 77 -24.97 -16.00 6.14
C THR D 77 -25.65 -16.26 7.48
N GLY D 78 -24.92 -16.05 8.56
CA GLY D 78 -25.47 -16.25 9.89
C GLY D 78 -25.52 -17.66 10.45
N ASP D 79 -25.14 -18.70 9.69
CA ASP D 79 -25.25 -20.08 10.21
C ASP D 79 -24.22 -20.53 11.21
N MET D 80 -24.55 -21.61 11.92
CA MET D 80 -23.70 -22.22 12.93
C MET D 80 -23.03 -23.41 12.30
N SER D 81 -21.70 -23.40 12.25
CA SER D 81 -20.93 -24.47 11.64
C SER D 81 -20.40 -25.49 12.63
N PRO D 82 -20.74 -26.80 12.46
CA PRO D 82 -20.24 -27.84 13.36
C PRO D 82 -18.71 -27.82 13.31
N ALA D 83 -18.16 -27.67 12.11
CA ALA D 83 -16.72 -27.66 11.95
C ALA D 83 -16.04 -26.52 12.70
N MET D 84 -16.67 -25.34 12.72
CA MET D 84 -16.10 -24.19 13.42
C MET D 84 -16.22 -24.40 14.92
N LEU D 85 -17.29 -25.05 15.36
CA LEU D 85 -17.50 -25.33 16.78
C LEU D 85 -16.39 -26.23 17.32
N LYS D 86 -15.94 -27.18 16.49
CA LYS D 86 -14.87 -28.13 16.82
C LYS D 86 -13.59 -27.40 17.08
N GLU D 87 -13.37 -26.29 16.39
CA GLU D 87 -12.15 -25.55 16.58
C GLU D 87 -11.95 -25.03 18.02
N PHE D 88 -13.05 -24.90 18.76
CA PHE D 88 -12.99 -24.39 20.12
C PHE D 88 -13.17 -25.52 21.11
N GLY D 89 -13.11 -26.75 20.60
CA GLY D 89 -13.29 -27.91 21.44
C GLY D 89 -14.72 -28.18 21.91
N ALA D 90 -15.72 -27.62 21.24
CA ALA D 90 -17.11 -27.87 21.64
C ALA D 90 -17.51 -29.26 21.11
N THR D 91 -18.19 -30.07 21.94
CA THR D 91 -18.58 -31.40 21.47
C THR D 91 -20.03 -31.76 21.65
N HIS D 92 -20.67 -31.21 22.68
CA HIS D 92 -22.08 -31.52 22.94
C HIS D 92 -22.98 -30.42 22.45
N ILE D 93 -23.77 -30.70 21.41
CA ILE D 93 -24.63 -29.67 20.83
C ILE D 93 -26.10 -29.87 21.05
N ILE D 94 -26.76 -28.94 21.75
CA ILE D 94 -28.20 -29.04 22.00
C ILE D 94 -28.98 -28.77 20.69
N ILE D 95 -29.89 -29.68 20.34
CA ILE D 95 -30.70 -29.52 19.14
C ILE D 95 -32.13 -29.91 19.47
N GLY D 96 -33.07 -29.28 18.76
CA GLY D 96 -34.47 -29.54 18.97
C GLY D 96 -35.02 -28.97 20.24
N HIS D 97 -34.28 -28.09 20.91
CA HIS D 97 -34.81 -27.53 22.14
C HIS D 97 -36.21 -26.93 21.82
N SER D 98 -37.13 -26.95 22.76
CA SER D 98 -38.48 -26.44 22.50
C SER D 98 -38.55 -24.96 22.19
N GLU D 99 -37.59 -24.20 22.73
CA GLU D 99 -37.57 -22.76 22.49
C GLU D 99 -37.31 -22.53 21.01
N ARG D 100 -36.44 -23.34 20.42
CA ARG D 100 -36.17 -23.22 19.00
C ARG D 100 -37.31 -23.85 18.18
N ARG D 101 -37.97 -24.86 18.72
CA ARG D 101 -39.07 -25.48 17.97
C ARG D 101 -40.26 -24.51 17.92
N GLU D 102 -40.58 -23.90 19.06
CA GLU D 102 -41.65 -22.93 19.18
C GLU D 102 -41.32 -21.65 18.40
N TYR D 103 -40.25 -20.97 18.80
CA TYR D 103 -39.87 -19.72 18.21
C TYR D 103 -39.34 -19.71 16.80
N HIS D 104 -38.55 -20.71 16.45
CA HIS D 104 -37.95 -20.77 15.12
C HIS D 104 -38.60 -21.81 14.25
N ALA D 105 -39.70 -22.34 14.74
CA ALA D 105 -40.47 -23.34 14.03
C ALA D 105 -39.61 -24.46 13.46
N GLU D 106 -38.80 -25.08 14.30
CA GLU D 106 -37.97 -26.17 13.82
C GLU D 106 -38.78 -27.44 13.88
N SER D 107 -38.92 -28.09 12.75
CA SER D 107 -39.69 -29.32 12.62
C SER D 107 -38.87 -30.56 13.05
N ASP D 108 -39.55 -31.69 13.23
CA ASP D 108 -38.89 -32.95 13.60
C ASP D 108 -37.88 -33.32 12.52
N GLU D 109 -38.23 -33.09 11.25
CA GLU D 109 -37.34 -33.43 10.14
C GLU D 109 -36.04 -32.61 10.18
N PHE D 110 -36.19 -31.31 10.42
CA PHE D 110 -35.05 -30.42 10.47
C PHE D 110 -34.13 -30.85 11.59
N VAL D 111 -34.69 -31.00 12.79
CA VAL D 111 -33.91 -31.41 13.95
C VAL D 111 -33.21 -32.75 13.69
N ALA D 112 -33.82 -33.63 12.92
CA ALA D 112 -33.23 -34.92 12.62
C ALA D 112 -32.06 -34.79 11.66
N LYS D 113 -32.18 -33.90 10.68
CA LYS D 113 -31.09 -33.67 9.74
C LYS D 113 -29.89 -33.16 10.54
N LYS D 114 -30.16 -32.29 11.50
CA LYS D 114 -29.12 -31.76 12.36
C LYS D 114 -28.47 -32.89 13.16
N PHE D 115 -29.28 -33.84 13.64
CA PHE D 115 -28.79 -34.99 14.41
C PHE D 115 -27.81 -35.79 13.55
N ALA D 116 -28.16 -35.99 12.29
CA ALA D 116 -27.32 -36.73 11.36
C ALA D 116 -26.03 -35.98 11.02
N PHE D 117 -26.14 -34.67 10.78
CA PHE D 117 -24.95 -33.89 10.45
C PHE D 117 -23.97 -33.87 11.62
N LEU D 118 -24.49 -33.76 12.84
CA LEU D 118 -23.64 -33.76 14.01
C LEU D 118 -22.85 -35.06 14.14
N LYS D 119 -23.54 -36.18 13.93
CA LYS D 119 -22.91 -37.51 14.03
C LYS D 119 -21.82 -37.63 12.99
N GLU D 120 -22.12 -37.11 11.80
CA GLU D 120 -21.21 -37.17 10.67
C GLU D 120 -19.99 -36.28 10.91
N ASN D 121 -20.09 -35.35 11.85
CA ASN D 121 -18.97 -34.49 12.14
C ASN D 121 -18.33 -34.89 13.43
N GLY D 122 -18.70 -36.05 13.91
CA GLY D 122 -18.11 -36.53 15.15
C GLY D 122 -18.48 -35.77 16.39
N LEU D 123 -19.59 -35.04 16.36
CA LEU D 123 -20.07 -34.31 17.52
C LEU D 123 -21.15 -35.16 18.21
N THR D 124 -21.46 -34.83 19.46
CA THR D 124 -22.48 -35.53 20.23
C THR D 124 -23.78 -34.75 20.31
N PRO D 125 -24.87 -35.26 19.70
CA PRO D 125 -26.16 -34.57 19.75
C PRO D 125 -26.83 -34.72 21.09
N VAL D 126 -27.47 -33.67 21.58
CA VAL D 126 -28.25 -33.71 22.82
C VAL D 126 -29.66 -33.45 22.27
N LEU D 127 -30.32 -34.52 21.82
CA LEU D 127 -31.64 -34.41 21.20
C LEU D 127 -32.72 -34.09 22.20
N CYS D 128 -33.41 -32.97 22.00
CA CYS D 128 -34.48 -32.57 22.91
C CYS D 128 -35.87 -32.99 22.43
N ILE D 129 -36.58 -33.71 23.30
CA ILE D 129 -37.93 -34.16 22.99
C ILE D 129 -38.84 -33.82 24.16
N GLY D 130 -40.14 -33.68 23.92
CA GLY D 130 -41.02 -33.33 25.01
C GLY D 130 -42.38 -32.87 24.54
N GLU D 131 -43.40 -33.06 25.39
CA GLU D 131 -44.81 -32.73 25.11
C GLU D 131 -45.31 -31.42 25.71
N SER D 132 -46.32 -30.82 25.09
CA SER D 132 -46.85 -29.57 25.63
C SER D 132 -47.80 -29.82 26.77
N ASP D 133 -48.37 -28.76 27.29
CA ASP D 133 -49.30 -28.88 28.39
C ASP D 133 -50.56 -29.60 27.93
N ALA D 134 -51.06 -29.16 26.78
CA ALA D 134 -52.26 -29.73 26.19
C ALA D 134 -52.08 -31.19 25.84
N GLN D 135 -50.93 -31.51 25.22
CA GLN D 135 -50.67 -32.91 24.87
C GLN D 135 -50.62 -33.80 26.09
N ASN D 136 -50.23 -33.22 27.22
CA ASN D 136 -50.15 -33.95 28.46
C ASN D 136 -51.56 -34.21 29.02
N GLU D 137 -52.38 -33.16 29.03
CA GLU D 137 -53.75 -33.25 29.51
C GLU D 137 -54.47 -34.29 28.74
N ALA D 138 -54.22 -34.33 27.43
CA ALA D 138 -54.82 -35.28 26.51
C ALA D 138 -54.26 -36.70 26.62
N GLY D 139 -53.18 -36.87 27.37
CA GLY D 139 -52.59 -38.20 27.50
C GLY D 139 -51.78 -38.59 26.28
N GLU D 140 -51.11 -37.62 25.66
CA GLU D 140 -50.31 -37.86 24.46
C GLU D 140 -48.81 -37.84 24.65
N THR D 141 -48.36 -37.72 25.89
CA THR D 141 -46.94 -37.65 26.18
C THR D 141 -46.06 -38.59 25.39
N MET D 142 -46.26 -39.88 25.53
CA MET D 142 -45.44 -40.86 24.81
C MET D 142 -45.61 -40.90 23.30
N ALA D 143 -46.79 -40.51 22.83
CA ALA D 143 -47.03 -40.47 21.39
C ALA D 143 -46.08 -39.42 20.82
N VAL D 144 -46.09 -38.21 21.40
CA VAL D 144 -45.21 -37.11 21.03
C VAL D 144 -43.71 -37.51 21.15
N CYS D 145 -43.28 -38.04 22.30
CA CYS D 145 -41.87 -38.47 22.41
C CYS D 145 -41.55 -39.56 21.40
N ALA D 146 -42.50 -40.43 21.11
CA ALA D 146 -42.25 -41.50 20.16
C ALA D 146 -42.12 -40.94 18.74
N ARG D 147 -42.96 -39.95 18.43
CA ARG D 147 -42.93 -39.32 17.12
C ARG D 147 -41.62 -38.56 16.87
N GLN D 148 -41.24 -37.69 17.80
CA GLN D 148 -40.02 -36.91 17.71
C GLN D 148 -38.76 -37.75 17.63
N LEU D 149 -38.80 -38.92 18.27
CA LEU D 149 -37.66 -39.83 18.30
C LEU D 149 -37.54 -40.66 17.02
N ASP D 150 -38.69 -41.05 16.47
CA ASP D 150 -38.72 -41.88 15.28
C ASP D 150 -38.27 -41.14 14.05
N ALA D 151 -38.29 -39.82 14.14
CA ALA D 151 -37.85 -38.97 13.02
C ALA D 151 -36.39 -39.28 12.73
N VAL D 152 -35.69 -39.77 13.76
CA VAL D 152 -34.30 -40.16 13.67
C VAL D 152 -34.24 -41.66 13.49
N ILE D 153 -34.86 -42.39 14.43
CA ILE D 153 -34.85 -43.85 14.41
C ILE D 153 -35.31 -44.45 13.10
N ASN D 154 -36.47 -44.02 12.63
CA ASN D 154 -37.01 -44.57 11.39
C ASN D 154 -36.30 -44.13 10.14
N THR D 155 -35.37 -43.19 10.27
CA THR D 155 -34.70 -42.73 9.08
C THR D 155 -33.21 -43.05 9.08
N GLN D 156 -32.59 -43.00 10.25
CA GLN D 156 -31.18 -43.29 10.36
C GLN D 156 -30.93 -44.64 11.06
N GLY D 157 -32.00 -45.27 11.56
CA GLY D 157 -31.85 -46.53 12.25
C GLY D 157 -31.52 -46.33 13.72
N VAL D 158 -31.86 -47.32 14.54
CA VAL D 158 -31.62 -47.24 15.99
C VAL D 158 -30.20 -47.01 16.33
N GLU D 159 -29.29 -47.71 15.67
CA GLU D 159 -27.86 -47.55 15.95
C GLU D 159 -27.47 -46.06 15.98
N ALA D 160 -28.19 -45.22 15.23
CA ALA D 160 -27.89 -43.78 15.19
C ALA D 160 -27.87 -43.15 16.58
N LEU D 161 -28.62 -43.72 17.51
CA LEU D 161 -28.65 -43.21 18.86
C LEU D 161 -27.44 -43.56 19.68
N GLU D 162 -26.52 -44.36 19.16
CA GLU D 162 -25.40 -44.63 20.03
C GLU D 162 -24.44 -43.47 20.04
N GLY D 163 -24.10 -43.08 21.25
CA GLY D 163 -23.21 -41.96 21.42
C GLY D 163 -23.94 -40.64 21.50
N ALA D 164 -25.28 -40.67 21.50
CA ALA D 164 -26.04 -39.44 21.57
C ALA D 164 -26.68 -39.38 22.93
N ILE D 165 -27.14 -38.19 23.30
CA ILE D 165 -27.83 -37.96 24.56
C ILE D 165 -29.28 -37.52 24.23
N ILE D 166 -30.24 -38.05 24.99
CA ILE D 166 -31.64 -37.69 24.77
C ILE D 166 -32.07 -36.93 26.02
N ALA D 167 -32.64 -35.75 25.81
CA ALA D 167 -33.07 -34.99 26.95
C ALA D 167 -34.59 -34.93 26.93
N TYR D 168 -35.24 -35.59 27.89
CA TYR D 168 -36.68 -35.54 27.91
C TYR D 168 -37.04 -34.35 28.77
N GLU D 169 -37.73 -33.38 28.17
CA GLU D 169 -38.13 -32.16 28.89
C GLU D 169 -39.60 -31.84 28.63
N PRO D 170 -40.46 -31.97 29.64
CA PRO D 170 -41.86 -31.64 29.39
C PRO D 170 -41.89 -30.14 29.33
N ILE D 171 -42.40 -29.62 28.22
CA ILE D 171 -42.46 -28.18 27.96
C ILE D 171 -43.01 -27.33 29.09
N TRP D 172 -44.06 -27.78 29.73
CA TRP D 172 -44.67 -26.99 30.83
C TRP D 172 -43.84 -26.89 32.12
N ALA D 173 -42.72 -27.61 32.19
CA ALA D 173 -41.82 -27.63 33.35
C ALA D 173 -40.58 -26.80 33.12
N ILE D 174 -40.41 -26.31 31.89
CA ILE D 174 -39.25 -25.51 31.50
C ILE D 174 -39.34 -24.08 32.00
N GLY D 175 -38.50 -23.78 32.98
CA GLY D 175 -38.44 -22.46 33.56
C GLY D 175 -39.73 -22.05 34.21
N THR D 176 -40.56 -23.02 34.58
CA THR D 176 -41.84 -22.72 35.22
C THR D 176 -41.83 -23.03 36.71
N GLY D 177 -40.91 -23.88 37.13
CA GLY D 177 -40.89 -24.24 38.54
C GLY D 177 -41.89 -25.35 38.80
N LYS D 178 -42.65 -25.71 37.76
CA LYS D 178 -43.62 -26.78 37.85
C LYS D 178 -42.94 -27.97 37.22
N ALA D 179 -42.08 -28.62 38.00
CA ALA D 179 -41.34 -29.78 37.53
C ALA D 179 -42.12 -31.08 37.61
N ALA D 180 -41.74 -32.04 36.77
CA ALA D 180 -42.39 -33.33 36.77
C ALA D 180 -41.93 -34.10 38.03
N THR D 181 -42.81 -34.89 38.63
CA THR D 181 -42.37 -35.65 39.81
C THR D 181 -41.29 -36.64 39.34
N ALA D 182 -40.43 -37.09 40.26
CA ALA D 182 -39.37 -38.00 39.89
C ALA D 182 -39.92 -39.32 39.37
N GLU D 183 -41.15 -39.62 39.78
CA GLU D 183 -41.86 -40.85 39.42
C GLU D 183 -42.39 -40.80 37.99
N ASP D 184 -42.93 -39.67 37.58
CA ASP D 184 -43.42 -39.51 36.22
C ASP D 184 -42.25 -39.55 35.29
N ALA D 185 -41.23 -38.76 35.63
CA ALA D 185 -40.02 -38.66 34.84
C ALA D 185 -39.46 -40.07 34.64
N GLN D 186 -39.43 -40.86 35.71
CA GLN D 186 -38.91 -42.23 35.58
C GLN D 186 -39.81 -43.07 34.69
N ARG D 187 -41.12 -42.86 34.79
CA ARG D 187 -42.13 -43.60 34.01
C ARG D 187 -41.87 -43.35 32.55
N ILE D 188 -41.85 -42.09 32.19
CA ILE D 188 -41.60 -41.69 30.83
C ILE D 188 -40.24 -42.16 30.29
N HIS D 189 -39.17 -42.03 31.10
CA HIS D 189 -37.84 -42.45 30.64
C HIS D 189 -37.82 -43.92 30.42
N ALA D 190 -38.57 -44.67 31.22
CA ALA D 190 -38.58 -46.11 31.06
C ALA D 190 -39.30 -46.51 29.82
N GLN D 191 -40.37 -45.78 29.49
CA GLN D 191 -41.12 -46.05 28.27
C GLN D 191 -40.36 -45.62 27.00
N ILE D 192 -39.50 -44.60 27.11
CA ILE D 192 -38.74 -44.14 25.94
C ILE D 192 -37.68 -45.19 25.66
N ARG D 193 -36.99 -45.60 26.72
CA ARG D 193 -35.95 -46.59 26.61
C ARG D 193 -36.58 -47.83 26.03
N ALA D 194 -37.77 -48.18 26.55
CA ALA D 194 -38.52 -49.36 26.09
C ALA D 194 -38.86 -49.29 24.61
N HIS D 195 -39.23 -48.10 24.15
CA HIS D 195 -39.57 -47.87 22.75
C HIS D 195 -38.34 -48.15 21.92
N ILE D 196 -37.20 -47.70 22.41
CA ILE D 196 -35.95 -47.91 21.73
C ILE D 196 -35.59 -49.41 21.75
N ALA D 197 -35.71 -50.06 22.90
CA ALA D 197 -35.38 -51.49 23.06
C ALA D 197 -36.23 -52.41 22.20
N GLU D 198 -37.30 -51.87 21.65
CA GLU D 198 -38.16 -52.65 20.78
C GLU D 198 -37.45 -52.80 19.41
N LYS D 199 -36.32 -52.11 19.24
CA LYS D 199 -35.54 -52.17 18.00
C LYS D 199 -34.08 -52.59 18.29
N SER D 200 -33.60 -52.33 19.49
CA SER D 200 -32.26 -52.72 19.92
C SER D 200 -32.13 -52.51 21.41
N GLU D 201 -31.96 -53.58 22.17
CA GLU D 201 -31.83 -53.46 23.62
C GLU D 201 -30.40 -53.07 23.96
N ALA D 202 -29.49 -53.35 23.03
CA ALA D 202 -28.10 -53.01 23.24
C ALA D 202 -27.97 -51.50 23.18
N VAL D 203 -28.67 -50.89 22.22
CA VAL D 203 -28.65 -49.43 22.09
C VAL D 203 -29.42 -48.88 23.26
N ALA D 204 -30.61 -49.43 23.49
CA ALA D 204 -31.48 -48.96 24.56
C ALA D 204 -30.88 -48.96 25.95
N LYS D 205 -30.13 -50.00 26.32
CA LYS D 205 -29.59 -49.96 27.65
C LYS D 205 -28.41 -49.03 27.78
N ASN D 206 -27.80 -48.70 26.65
CA ASN D 206 -26.65 -47.80 26.66
C ASN D 206 -26.88 -46.27 26.53
N VAL D 207 -27.96 -45.87 25.87
CA VAL D 207 -28.26 -44.47 25.66
C VAL D 207 -28.56 -43.72 26.94
N VAL D 208 -27.92 -42.56 27.07
CA VAL D 208 -28.08 -41.70 28.23
C VAL D 208 -29.33 -40.87 28.02
N ILE D 209 -30.26 -40.94 28.96
CA ILE D 209 -31.49 -40.17 28.87
C ILE D 209 -31.54 -39.19 30.03
N GLN D 210 -31.54 -37.89 29.73
CA GLN D 210 -31.56 -36.87 30.76
C GLN D 210 -32.96 -36.33 30.96
N TYR D 211 -33.24 -35.78 32.13
CA TYR D 211 -34.54 -35.18 32.39
C TYR D 211 -34.34 -33.66 32.33
N GLY D 212 -35.31 -32.95 31.75
CA GLY D 212 -35.23 -31.52 31.57
C GLY D 212 -36.01 -30.61 32.49
N GLY D 213 -37.31 -30.78 32.55
CA GLY D 213 -38.13 -29.95 33.45
C GLY D 213 -37.51 -28.83 34.26
N SER D 214 -37.73 -28.75 35.57
CA SER D 214 -37.12 -27.64 36.33
C SER D 214 -36.17 -28.15 37.43
N VAL D 215 -35.12 -28.87 37.04
CA VAL D 215 -34.18 -29.44 37.99
C VAL D 215 -33.53 -28.36 38.82
N LYS D 216 -33.51 -28.57 40.14
CA LYS D 216 -32.92 -27.62 41.07
C LYS D 216 -32.15 -28.39 42.08
N PRO D 217 -31.24 -27.71 42.82
CA PRO D 217 -30.46 -28.44 43.82
C PRO D 217 -31.37 -29.19 44.81
N GLU D 218 -32.48 -28.56 45.19
CA GLU D 218 -33.41 -29.17 46.14
C GLU D 218 -34.16 -30.41 45.63
N ASN D 219 -34.22 -30.63 44.32
CA ASN D 219 -34.92 -31.81 43.79
C ASN D 219 -34.09 -32.74 42.91
N ALA D 220 -32.84 -32.39 42.70
CA ALA D 220 -32.00 -33.20 41.85
C ALA D 220 -31.81 -34.65 42.24
N ALA D 221 -31.58 -34.93 43.53
CA ALA D 221 -31.31 -36.34 43.92
C ALA D 221 -32.51 -37.29 43.87
N ALA D 222 -33.72 -36.75 43.98
CA ALA D 222 -34.91 -37.58 43.85
C ALA D 222 -34.91 -38.13 42.42
N TYR D 223 -34.55 -37.28 41.46
CA TYR D 223 -34.48 -37.68 40.06
C TYR D 223 -33.38 -38.67 39.88
N PHE D 224 -32.19 -38.29 40.33
CA PHE D 224 -31.02 -39.14 40.16
C PHE D 224 -31.04 -40.48 40.84
N ALA D 225 -32.07 -40.71 41.65
CA ALA D 225 -32.25 -42.00 42.32
C ALA D 225 -32.93 -42.98 41.33
N GLN D 226 -33.82 -42.47 40.47
CA GLN D 226 -34.52 -43.29 39.49
C GLN D 226 -33.52 -43.95 38.58
N PRO D 227 -33.71 -45.22 38.29
CA PRO D 227 -32.79 -45.96 37.43
C PRO D 227 -32.70 -45.58 35.94
N ASP D 228 -33.73 -44.96 35.39
CA ASP D 228 -33.66 -44.61 33.98
C ASP D 228 -33.38 -43.16 33.63
N ILE D 229 -33.13 -42.37 34.66
CA ILE D 229 -32.80 -40.96 34.52
C ILE D 229 -31.27 -40.91 34.68
N ASP D 230 -30.55 -40.75 33.56
CA ASP D 230 -29.08 -40.71 33.57
C ASP D 230 -28.40 -39.35 33.73
N GLY D 231 -29.16 -38.30 34.03
CA GLY D 231 -28.55 -36.98 34.19
C GLY D 231 -29.61 -35.92 34.13
N ALA D 232 -29.23 -34.67 33.91
CA ALA D 232 -30.22 -33.61 33.84
C ALA D 232 -29.74 -32.47 32.95
N LEU D 233 -30.67 -31.84 32.22
CA LEU D 233 -30.36 -30.69 31.38
C LEU D 233 -30.92 -29.53 32.21
N VAL D 234 -30.03 -28.65 32.67
CA VAL D 234 -30.40 -27.56 33.54
C VAL D 234 -30.40 -26.18 32.88
N GLY D 235 -31.42 -25.39 33.17
CA GLY D 235 -31.52 -24.07 32.61
C GLY D 235 -31.15 -23.07 33.70
N GLY D 236 -32.15 -22.54 34.39
CA GLY D 236 -31.91 -21.57 35.44
C GLY D 236 -30.87 -21.93 36.49
N ALA D 237 -30.91 -23.13 37.05
CA ALA D 237 -29.95 -23.45 38.06
C ALA D 237 -28.50 -23.52 37.54
N ALA D 238 -28.33 -23.41 36.23
CA ALA D 238 -26.99 -23.48 35.62
C ALA D 238 -26.26 -22.15 35.60
N LEU D 239 -26.98 -21.09 35.89
CA LEU D 239 -26.44 -19.76 35.86
C LEU D 239 -25.79 -19.36 37.14
N ASP D 240 -25.72 -20.31 38.08
CA ASP D 240 -25.10 -20.14 39.39
C ASP D 240 -24.18 -21.36 39.70
N ALA D 241 -22.93 -21.10 40.08
CA ALA D 241 -21.98 -22.17 40.33
C ALA D 241 -22.33 -23.11 41.49
N LYS D 242 -22.85 -22.53 42.58
CA LYS D 242 -23.20 -23.31 43.74
C LYS D 242 -24.25 -24.31 43.36
N SER D 243 -25.37 -23.81 42.85
CA SER D 243 -26.49 -24.66 42.44
C SER D 243 -26.09 -25.77 41.49
N PHE D 244 -25.60 -25.38 40.32
CA PHE D 244 -25.20 -26.32 39.31
C PHE D 244 -24.17 -27.37 39.77
N ALA D 245 -23.20 -26.97 40.62
CA ALA D 245 -22.20 -27.92 41.13
C ALA D 245 -22.94 -28.89 42.06
N ALA D 246 -23.89 -28.34 42.80
CA ALA D 246 -24.73 -29.13 43.69
C ALA D 246 -25.40 -30.22 42.85
N ILE D 247 -26.20 -29.82 41.86
CA ILE D 247 -26.88 -30.76 40.97
C ILE D 247 -25.89 -31.80 40.41
N ALA D 248 -24.71 -31.34 40.03
CA ALA D 248 -23.72 -32.27 39.49
C ALA D 248 -23.27 -33.23 40.56
N LYS D 249 -23.08 -32.76 41.78
CA LYS D 249 -22.62 -33.66 42.84
C LYS D 249 -23.66 -34.70 43.16
N ALA D 250 -24.93 -34.28 43.18
CA ALA D 250 -26.04 -35.19 43.45
C ALA D 250 -26.02 -36.38 42.48
N ALA D 251 -25.83 -36.09 41.19
CA ALA D 251 -25.78 -37.16 40.20
C ALA D 251 -24.64 -38.12 40.45
N ALA D 252 -23.49 -37.59 40.85
CA ALA D 252 -22.29 -38.40 41.10
C ALA D 252 -22.54 -39.37 42.26
N GLU D 253 -23.06 -38.83 43.38
CA GLU D 253 -23.40 -39.59 44.59
C GLU D 253 -24.34 -40.74 44.19
N ALA D 254 -25.53 -40.38 43.73
CA ALA D 254 -26.56 -41.33 43.36
C ALA D 254 -26.14 -42.42 42.39
N LYS D 255 -25.41 -42.08 41.33
CA LYS D 255 -25.04 -43.11 40.35
C LYS D 255 -23.76 -43.91 40.69
N ARG E 2 -11.73 16.75 -27.60
CA ARG E 2 -11.92 15.91 -28.83
C ARG E 2 -13.38 15.44 -29.02
N HIS E 3 -13.89 15.70 -30.22
CA HIS E 3 -15.26 15.37 -30.61
C HIS E 3 -15.26 13.85 -30.83
N PRO E 4 -16.17 13.13 -30.16
CA PRO E 4 -16.14 11.70 -30.37
C PRO E 4 -16.51 11.24 -31.76
N VAL E 5 -15.91 10.12 -32.14
CA VAL E 5 -16.17 9.51 -33.43
C VAL E 5 -16.54 8.05 -33.19
N VAL E 6 -17.72 7.66 -33.70
CA VAL E 6 -18.21 6.31 -33.63
C VAL E 6 -18.32 5.77 -35.06
N MET E 7 -17.55 4.73 -35.35
CA MET E 7 -17.55 4.14 -36.68
C MET E 7 -18.02 2.70 -36.70
N GLY E 8 -18.88 2.37 -37.66
CA GLY E 8 -19.36 1.02 -37.82
C GLY E 8 -18.65 0.27 -38.93
N ASN E 9 -17.93 -0.80 -38.61
CA ASN E 9 -17.27 -1.56 -39.64
C ASN E 9 -18.18 -2.74 -39.95
N TRP E 10 -18.88 -2.70 -41.07
CA TRP E 10 -19.81 -3.77 -41.44
C TRP E 10 -19.14 -5.05 -41.84
N LYS E 11 -17.85 -5.00 -42.14
CA LYS E 11 -17.14 -6.19 -42.56
C LYS E 11 -17.81 -6.80 -43.77
N LEU E 12 -17.87 -8.13 -43.83
CA LEU E 12 -18.46 -8.82 -44.97
C LEU E 12 -19.94 -9.06 -44.76
N ASN E 13 -20.70 -7.98 -44.67
CA ASN E 13 -22.14 -8.03 -44.45
C ASN E 13 -22.75 -6.95 -45.29
N GLY E 14 -23.89 -7.24 -45.90
CA GLY E 14 -24.55 -6.25 -46.73
C GLY E 14 -25.34 -6.91 -47.84
N SER E 15 -26.45 -6.29 -48.23
CA SER E 15 -27.28 -6.76 -49.34
C SER E 15 -28.02 -5.53 -49.72
N LYS E 16 -28.48 -5.45 -50.95
CA LYS E 16 -29.17 -4.24 -51.38
C LYS E 16 -30.26 -3.76 -50.43
N GLU E 17 -31.07 -4.67 -49.93
CA GLU E 17 -32.16 -4.32 -49.03
C GLU E 17 -31.62 -3.97 -47.67
N MET E 18 -30.62 -4.71 -47.20
CA MET E 18 -30.06 -4.45 -45.89
C MET E 18 -29.41 -3.08 -45.83
N VAL E 19 -28.68 -2.67 -46.86
CA VAL E 19 -28.04 -1.37 -46.84
C VAL E 19 -29.03 -0.23 -46.68
N VAL E 20 -30.08 -0.19 -47.52
CA VAL E 20 -31.00 0.91 -47.37
C VAL E 20 -31.81 0.88 -46.10
N ASP E 21 -32.21 -0.29 -45.61
CA ASP E 21 -32.94 -0.29 -44.35
C ASP E 21 -32.11 0.16 -43.18
N LEU E 22 -30.89 -0.35 -43.07
CA LEU E 22 -30.01 0.03 -41.98
C LEU E 22 -29.67 1.52 -42.02
N LEU E 23 -29.33 2.06 -43.20
CA LEU E 23 -28.98 3.47 -43.28
C LEU E 23 -30.20 4.33 -43.07
N ASN E 24 -31.36 3.90 -43.58
CA ASN E 24 -32.56 4.69 -43.36
C ASN E 24 -32.92 4.74 -41.90
N GLY E 25 -32.91 3.59 -41.23
CA GLY E 25 -33.26 3.55 -39.81
C GLY E 25 -32.30 4.25 -38.87
N LEU E 26 -31.02 4.07 -39.18
CA LEU E 26 -29.97 4.63 -38.37
C LEU E 26 -30.15 6.13 -38.36
N ASN E 27 -30.45 6.67 -39.53
CA ASN E 27 -30.65 8.11 -39.69
C ASN E 27 -31.88 8.60 -38.94
N ALA E 28 -32.91 7.77 -38.83
CA ALA E 28 -34.09 8.18 -38.12
C ALA E 28 -33.74 8.28 -36.64
N GLU E 29 -33.00 7.29 -36.15
CA GLU E 29 -32.59 7.22 -34.75
C GLU E 29 -31.71 8.36 -34.28
N LEU E 30 -30.95 8.98 -35.17
CA LEU E 30 -30.01 10.00 -34.76
C LEU E 30 -30.49 11.40 -34.99
N GLU E 31 -31.79 11.49 -35.17
CA GLU E 31 -32.55 12.70 -35.47
C GLU E 31 -32.50 13.95 -34.62
N GLY E 32 -31.41 14.22 -33.93
CA GLY E 32 -31.29 15.43 -33.14
C GLY E 32 -29.94 15.35 -32.46
N VAL E 33 -29.27 14.22 -32.66
CA VAL E 33 -27.98 13.87 -32.11
C VAL E 33 -26.88 14.57 -32.90
N THR E 34 -26.13 15.46 -32.25
CA THR E 34 -25.10 16.23 -32.94
C THR E 34 -23.72 16.25 -32.28
N GLY E 35 -23.60 15.66 -31.09
CA GLY E 35 -22.33 15.64 -30.42
C GLY E 35 -21.38 14.50 -30.73
N VAL E 36 -21.60 13.77 -31.82
CA VAL E 36 -20.76 12.64 -32.23
C VAL E 36 -20.67 12.63 -33.75
N ASP E 37 -19.60 12.04 -34.27
CA ASP E 37 -19.42 11.86 -35.71
C ASP E 37 -19.75 10.38 -35.89
N VAL E 38 -20.74 10.06 -36.71
CA VAL E 38 -21.13 8.69 -36.94
C VAL E 38 -20.70 8.35 -38.34
N ALA E 39 -19.85 7.34 -38.48
CA ALA E 39 -19.40 6.97 -39.82
C ALA E 39 -19.77 5.54 -40.01
N VAL E 40 -19.90 5.13 -41.27
CA VAL E 40 -20.29 3.77 -41.59
C VAL E 40 -19.37 3.30 -42.71
N ALA E 41 -18.96 2.04 -42.66
CA ALA E 41 -18.03 1.47 -43.65
C ALA E 41 -18.63 0.25 -44.29
N PRO E 42 -19.26 0.40 -45.45
CA PRO E 42 -19.82 -0.81 -46.04
C PRO E 42 -18.84 -1.53 -46.98
N PRO E 43 -19.17 -2.77 -47.42
CA PRO E 43 -18.28 -3.49 -48.34
C PRO E 43 -18.19 -2.64 -49.59
N ALA E 44 -17.03 -2.65 -50.28
CA ALA E 44 -16.83 -1.88 -51.52
C ALA E 44 -18.02 -1.96 -52.48
N LEU E 45 -18.57 -3.16 -52.69
CA LEU E 45 -19.73 -3.32 -53.56
C LEU E 45 -20.93 -2.39 -53.24
N PHE E 46 -21.10 -1.97 -51.98
CA PHE E 46 -22.24 -1.13 -51.57
C PHE E 46 -21.94 0.34 -51.24
N VAL E 47 -20.75 0.82 -51.57
CA VAL E 47 -20.41 2.21 -51.33
C VAL E 47 -21.30 3.12 -52.17
N ASP E 48 -21.64 2.69 -53.37
CA ASP E 48 -22.51 3.47 -54.25
C ASP E 48 -23.94 3.57 -53.68
N LEU E 49 -24.54 2.42 -53.33
CA LEU E 49 -25.88 2.40 -52.77
C LEU E 49 -25.92 3.18 -51.47
N ALA E 50 -24.84 3.16 -50.69
CA ALA E 50 -24.80 3.90 -49.45
C ALA E 50 -24.79 5.41 -49.71
N GLU E 51 -24.04 5.85 -50.71
CA GLU E 51 -24.02 7.27 -51.03
C GLU E 51 -25.40 7.71 -51.50
N ARG E 52 -26.00 6.93 -52.39
CA ARG E 52 -27.33 7.25 -52.92
C ARG E 52 -28.38 7.44 -51.82
N THR E 53 -28.39 6.51 -50.88
CA THR E 53 -29.32 6.51 -49.77
C THR E 53 -29.09 7.72 -48.83
N LEU E 54 -27.84 7.93 -48.41
CA LEU E 54 -27.51 9.01 -47.51
C LEU E 54 -27.77 10.35 -48.14
N THR E 55 -27.56 10.44 -49.44
CA THR E 55 -27.81 11.67 -50.17
C THR E 55 -29.31 11.94 -50.20
N GLU E 56 -30.09 10.98 -50.65
CA GLU E 56 -31.53 11.16 -50.71
C GLU E 56 -32.10 11.64 -49.40
N ALA E 57 -31.56 11.15 -48.29
CA ALA E 57 -32.05 11.51 -46.96
C ALA E 57 -31.40 12.77 -46.40
N GLY E 58 -30.34 13.23 -47.02
CA GLY E 58 -29.65 14.41 -46.50
C GLY E 58 -28.99 14.04 -45.19
N SER E 59 -28.58 12.78 -45.05
CA SER E 59 -27.95 12.34 -43.82
C SER E 59 -26.62 12.97 -43.59
N ALA E 60 -26.24 13.09 -42.34
CA ALA E 60 -24.96 13.64 -41.95
C ALA E 60 -23.99 12.50 -41.67
N ILE E 61 -24.51 11.27 -41.72
CA ILE E 61 -23.68 10.11 -41.50
C ILE E 61 -22.53 10.11 -42.51
N ILE E 62 -21.32 9.88 -42.01
CA ILE E 62 -20.11 9.85 -42.82
C ILE E 62 -19.94 8.47 -43.45
N LEU E 63 -19.45 8.46 -44.68
CA LEU E 63 -19.21 7.24 -45.44
C LEU E 63 -17.70 6.90 -45.43
N GLY E 64 -17.40 5.63 -45.19
CA GLY E 64 -16.02 5.19 -45.18
C GLY E 64 -15.92 3.89 -45.93
N ALA E 65 -14.76 3.23 -45.85
CA ALA E 65 -14.49 1.96 -46.51
C ALA E 65 -13.61 1.07 -45.61
N GLN E 66 -13.52 -0.21 -45.95
CA GLN E 66 -12.81 -1.14 -45.11
C GLN E 66 -11.36 -1.36 -45.38
N ASN E 67 -10.86 -0.76 -46.45
CA ASN E 67 -9.48 -0.94 -46.85
C ASN E 67 -9.15 -0.11 -48.08
N THR E 68 -7.86 0.02 -48.39
CA THR E 68 -7.41 0.73 -49.60
C THR E 68 -6.12 0.09 -50.11
N ASP E 69 -5.81 0.37 -51.37
CA ASP E 69 -4.56 -0.09 -51.93
C ASP E 69 -3.70 1.14 -52.18
N LEU E 70 -2.55 0.96 -52.79
CA LEU E 70 -1.64 2.07 -52.96
C LEU E 70 -1.61 2.80 -54.29
N ASN E 71 -2.65 2.61 -55.11
CA ASN E 71 -2.68 3.31 -56.41
C ASN E 71 -4.03 3.87 -56.70
N ASN E 72 -4.04 4.96 -57.46
CA ASN E 72 -5.29 5.58 -57.83
C ASN E 72 -5.81 5.06 -59.14
N SER E 73 -4.89 4.70 -60.03
CA SER E 73 -5.27 4.16 -61.33
C SER E 73 -4.11 3.41 -61.94
N GLY E 74 -4.41 2.68 -63.00
CA GLY E 74 -3.35 1.92 -63.63
C GLY E 74 -3.63 0.44 -63.72
N ALA E 75 -2.61 -0.32 -64.05
CA ALA E 75 -2.74 -1.75 -64.21
C ALA E 75 -2.58 -2.50 -62.90
N PHE E 76 -3.64 -2.48 -62.09
CA PHE E 76 -3.60 -3.20 -60.84
C PHE E 76 -4.96 -3.84 -60.66
N THR E 77 -5.15 -4.98 -61.30
CA THR E 77 -6.39 -5.72 -61.25
C THR E 77 -6.83 -6.04 -59.84
N GLY E 78 -8.09 -5.74 -59.56
CA GLY E 78 -8.67 -6.04 -58.28
C GLY E 78 -8.35 -5.11 -57.15
N ASP E 79 -7.65 -4.01 -57.39
CA ASP E 79 -7.28 -3.07 -56.33
C ASP E 79 -8.29 -1.97 -56.00
N MET E 80 -8.18 -1.43 -54.78
CA MET E 80 -9.05 -0.36 -54.26
C MET E 80 -8.36 0.95 -54.46
N SER E 81 -9.01 1.90 -55.10
CA SER E 81 -8.40 3.18 -55.36
C SER E 81 -9.00 4.32 -54.59
N PRO E 82 -8.16 5.07 -53.85
CA PRO E 82 -8.58 6.23 -53.05
C PRO E 82 -9.31 7.27 -53.91
N ALA E 83 -8.88 7.42 -55.15
CA ALA E 83 -9.53 8.39 -56.02
C ALA E 83 -10.96 7.98 -56.41
N MET E 84 -11.19 6.67 -56.56
CA MET E 84 -12.50 6.12 -56.88
C MET E 84 -13.39 6.21 -55.64
N LEU E 85 -12.79 6.01 -54.46
CA LEU E 85 -13.54 6.14 -53.20
C LEU E 85 -14.04 7.58 -53.07
N LYS E 86 -13.16 8.54 -53.35
CA LYS E 86 -13.50 9.95 -53.29
C LYS E 86 -14.64 10.36 -54.18
N GLU E 87 -14.93 9.60 -55.24
CA GLU E 87 -16.05 9.96 -56.10
C GLU E 87 -17.37 9.67 -55.45
N PHE E 88 -17.36 8.83 -54.43
CA PHE E 88 -18.58 8.48 -53.72
C PHE E 88 -18.70 9.26 -52.40
N GLY E 89 -17.76 10.16 -52.15
CA GLY E 89 -17.77 10.90 -50.91
C GLY E 89 -17.22 10.13 -49.72
N ALA E 90 -16.67 8.93 -49.91
CA ALA E 90 -16.11 8.13 -48.81
C ALA E 90 -14.88 8.83 -48.26
N THR E 91 -14.77 8.99 -46.94
CA THR E 91 -13.61 9.71 -46.41
C THR E 91 -12.80 9.02 -45.37
N HIS E 92 -13.47 8.23 -44.52
CA HIS E 92 -12.78 7.51 -43.44
C HIS E 92 -12.49 6.10 -43.92
N ILE E 93 -11.21 5.76 -44.04
CA ILE E 93 -10.82 4.44 -44.55
C ILE E 93 -10.08 3.61 -43.54
N ILE E 94 -10.64 2.48 -43.14
CA ILE E 94 -10.02 1.60 -42.18
C ILE E 94 -8.82 0.92 -42.85
N ILE E 95 -7.67 0.90 -42.17
CA ILE E 95 -6.48 0.23 -42.69
C ILE E 95 -5.80 -0.45 -41.51
N GLY E 96 -5.20 -1.59 -41.78
CA GLY E 96 -4.51 -2.31 -40.73
C GLY E 96 -5.39 -3.15 -39.83
N HIS E 97 -6.65 -3.36 -40.18
CA HIS E 97 -7.51 -4.15 -39.33
C HIS E 97 -6.85 -5.48 -39.08
N SER E 98 -7.07 -6.07 -37.90
CA SER E 98 -6.44 -7.33 -37.57
C SER E 98 -6.77 -8.47 -38.52
N GLU E 99 -7.99 -8.48 -39.03
CA GLU E 99 -8.40 -9.51 -39.96
C GLU E 99 -7.54 -9.47 -41.21
N ARG E 100 -7.19 -8.27 -41.69
CA ARG E 100 -6.34 -8.15 -42.87
C ARG E 100 -4.88 -8.43 -42.51
N ARG E 101 -4.44 -7.90 -41.37
CA ARG E 101 -3.09 -8.11 -40.90
C ARG E 101 -2.89 -9.62 -40.73
N GLU E 102 -3.94 -10.34 -40.41
CA GLU E 102 -3.77 -11.76 -40.25
C GLU E 102 -4.04 -12.57 -41.49
N TYR E 103 -5.23 -12.42 -42.05
CA TYR E 103 -5.60 -13.20 -43.22
C TYR E 103 -4.87 -12.84 -44.51
N HIS E 104 -4.44 -11.60 -44.66
CA HIS E 104 -3.77 -11.15 -45.87
C HIS E 104 -2.32 -10.80 -45.61
N ALA E 105 -1.87 -11.08 -44.39
CA ALA E 105 -0.52 -10.81 -43.97
C ALA E 105 -0.03 -9.41 -44.32
N GLU E 106 -0.80 -8.41 -43.92
CA GLU E 106 -0.43 -7.02 -44.13
C GLU E 106 0.54 -6.59 -43.00
N SER E 107 1.72 -6.16 -43.39
CA SER E 107 2.77 -5.77 -42.46
C SER E 107 2.63 -4.35 -42.02
N ASP E 108 3.41 -3.94 -41.03
CA ASP E 108 3.34 -2.57 -40.57
C ASP E 108 3.79 -1.64 -41.66
N GLU E 109 4.77 -2.08 -42.44
CA GLU E 109 5.31 -1.28 -43.53
C GLU E 109 4.27 -1.08 -44.64
N PHE E 110 3.51 -2.13 -44.94
CA PHE E 110 2.46 -2.04 -45.96
C PHE E 110 1.36 -1.12 -45.42
N VAL E 111 0.93 -1.33 -44.18
CA VAL E 111 -0.11 -0.49 -43.57
C VAL E 111 0.33 0.97 -43.52
N ALA E 112 1.57 1.24 -43.13
CA ALA E 112 2.02 2.62 -43.09
C ALA E 112 2.03 3.22 -44.49
N LYS E 113 2.32 2.42 -45.52
CA LYS E 113 2.29 2.95 -46.87
C LYS E 113 0.87 3.37 -47.22
N LYS E 114 -0.11 2.58 -46.79
CA LYS E 114 -1.50 2.96 -47.03
C LYS E 114 -1.88 4.25 -46.28
N PHE E 115 -1.26 4.48 -45.12
CA PHE E 115 -1.54 5.67 -44.33
C PHE E 115 -1.10 6.93 -45.06
N ALA E 116 0.09 6.86 -45.65
CA ALA E 116 0.65 7.98 -46.38
C ALA E 116 -0.12 8.31 -47.65
N PHE E 117 -0.53 7.26 -48.36
CA PHE E 117 -1.27 7.47 -49.60
C PHE E 117 -2.62 8.10 -49.30
N LEU E 118 -3.25 7.67 -48.20
CA LEU E 118 -4.53 8.22 -47.82
C LEU E 118 -4.35 9.69 -47.53
N LYS E 119 -3.37 10.00 -46.71
CA LYS E 119 -3.11 11.39 -46.40
C LYS E 119 -2.89 12.15 -47.69
N GLU E 120 -2.03 11.64 -48.57
CA GLU E 120 -1.80 12.33 -49.87
C GLU E 120 -3.07 12.62 -50.62
N ASN E 121 -4.05 11.72 -50.49
CA ASN E 121 -5.30 11.90 -51.20
C ASN E 121 -6.36 12.69 -50.48
N GLY E 122 -6.04 13.21 -49.31
CA GLY E 122 -6.98 14.02 -48.55
C GLY E 122 -8.01 13.25 -47.78
N LEU E 123 -7.79 11.94 -47.60
CA LEU E 123 -8.71 11.07 -46.89
C LEU E 123 -8.25 10.87 -45.45
N THR E 124 -9.16 10.34 -44.63
CA THR E 124 -8.90 10.12 -43.22
C THR E 124 -8.64 8.68 -42.87
N PRO E 125 -7.40 8.33 -42.58
CA PRO E 125 -7.11 6.95 -42.22
C PRO E 125 -7.58 6.61 -40.80
N VAL E 126 -8.10 5.39 -40.59
CA VAL E 126 -8.49 4.95 -39.27
C VAL E 126 -7.49 3.83 -39.09
N LEU E 127 -6.39 4.17 -38.45
CA LEU E 127 -5.31 3.21 -38.26
C LEU E 127 -5.63 2.24 -37.14
N CYS E 128 -5.69 0.95 -37.43
CA CYS E 128 -5.95 -0.03 -36.38
C CYS E 128 -4.63 -0.59 -35.84
N ILE E 129 -4.52 -0.74 -34.53
CA ILE E 129 -3.33 -1.28 -33.87
C ILE E 129 -3.85 -2.14 -32.72
N GLY E 130 -3.08 -3.11 -32.22
CA GLY E 130 -3.57 -3.96 -31.14
C GLY E 130 -2.69 -5.16 -30.88
N GLU E 131 -2.72 -5.69 -29.68
CA GLU E 131 -1.88 -6.82 -29.33
C GLU E 131 -2.65 -8.12 -29.36
N SER E 132 -1.96 -9.24 -29.51
CA SER E 132 -2.64 -10.53 -29.48
C SER E 132 -2.69 -11.07 -28.03
N ASP E 133 -3.45 -12.15 -27.84
CA ASP E 133 -3.58 -12.80 -26.54
C ASP E 133 -2.24 -13.11 -25.87
N ALA E 134 -1.32 -13.65 -26.65
CA ALA E 134 -0.04 -14.00 -26.10
C ALA E 134 0.76 -12.78 -25.74
N GLN E 135 0.79 -11.78 -26.62
CA GLN E 135 1.54 -10.54 -26.37
C GLN E 135 1.00 -9.86 -25.12
N ASN E 136 -0.32 -9.89 -25.02
CA ASN E 136 -1.01 -9.34 -23.90
C ASN E 136 -0.52 -10.02 -22.63
N GLU E 137 -0.69 -11.34 -22.59
CA GLU E 137 -0.28 -12.14 -21.44
C GLU E 137 1.21 -11.96 -21.14
N ALA E 138 2.03 -11.89 -22.18
CA ALA E 138 3.47 -11.71 -21.99
C ALA E 138 3.80 -10.27 -21.60
N GLY E 139 2.76 -9.45 -21.46
CA GLY E 139 2.93 -8.06 -21.10
C GLY E 139 3.61 -7.18 -22.14
N GLU E 140 3.42 -7.44 -23.43
CA GLU E 140 4.06 -6.63 -24.46
C GLU E 140 3.14 -5.65 -25.16
N THR E 141 1.93 -5.44 -24.64
CA THR E 141 0.94 -4.53 -25.24
C THR E 141 1.46 -3.19 -25.81
N MET E 142 2.14 -2.39 -25.00
CA MET E 142 2.66 -1.14 -25.50
C MET E 142 3.83 -1.34 -26.47
N ALA E 143 4.54 -2.45 -26.31
CA ALA E 143 5.64 -2.75 -27.20
C ALA E 143 5.06 -2.92 -28.62
N VAL E 144 4.01 -3.76 -28.74
CA VAL E 144 3.37 -3.99 -30.02
C VAL E 144 2.76 -2.70 -30.58
N CYS E 145 1.99 -2.02 -29.73
CA CYS E 145 1.32 -0.80 -30.14
C CYS E 145 2.33 0.22 -30.59
N ALA E 146 3.29 0.55 -29.75
CA ALA E 146 4.31 1.54 -30.10
C ALA E 146 4.97 1.18 -31.42
N ARG E 147 5.19 -0.10 -31.62
CA ARG E 147 5.82 -0.59 -32.82
C ARG E 147 4.97 -0.30 -34.03
N GLN E 148 3.68 -0.63 -33.95
CA GLN E 148 2.78 -0.37 -35.08
C GLN E 148 2.55 1.12 -35.42
N LEU E 149 2.54 1.97 -34.39
CA LEU E 149 2.37 3.42 -34.57
C LEU E 149 3.63 3.99 -35.16
N ASP E 150 4.75 3.55 -34.62
CA ASP E 150 6.08 3.95 -35.04
C ASP E 150 6.37 3.70 -36.50
N ALA E 151 5.65 2.74 -37.08
CA ALA E 151 5.80 2.47 -38.49
C ALA E 151 5.40 3.74 -39.29
N VAL E 152 4.44 4.52 -38.82
CA VAL E 152 4.11 5.71 -39.56
C VAL E 152 4.84 6.92 -39.01
N ILE E 153 4.98 6.98 -37.68
CA ILE E 153 5.68 8.09 -37.03
C ILE E 153 7.14 8.21 -37.46
N ASN E 154 7.86 7.10 -37.46
CA ASN E 154 9.26 7.12 -37.86
C ASN E 154 9.54 7.33 -39.33
N THR E 155 8.59 7.04 -40.20
CA THR E 155 8.81 7.21 -41.61
C THR E 155 8.13 8.46 -42.12
N GLN E 156 7.13 8.95 -41.38
CA GLN E 156 6.42 10.12 -41.83
C GLN E 156 6.40 11.34 -40.89
N GLY E 157 6.61 11.13 -39.59
CA GLY E 157 6.62 12.23 -38.64
C GLY E 157 5.34 12.30 -37.85
N VAL E 158 5.41 12.65 -36.56
CA VAL E 158 4.19 12.72 -35.74
C VAL E 158 3.08 13.52 -36.34
N GLU E 159 3.40 14.57 -37.07
CA GLU E 159 2.34 15.39 -37.62
C GLU E 159 1.49 14.68 -38.64
N ALA E 160 1.95 13.52 -39.09
CA ALA E 160 1.17 12.73 -40.04
C ALA E 160 -0.12 12.24 -39.37
N LEU E 161 -0.12 12.11 -38.03
CA LEU E 161 -1.28 11.62 -37.27
C LEU E 161 -2.36 12.68 -37.12
N GLU E 162 -2.00 13.91 -37.48
CA GLU E 162 -2.93 15.01 -37.41
C GLU E 162 -4.03 14.76 -38.43
N GLY E 163 -5.29 14.69 -37.97
CA GLY E 163 -6.41 14.43 -38.85
C GLY E 163 -6.64 12.94 -39.12
N ALA E 164 -5.98 12.09 -38.33
CA ALA E 164 -6.10 10.64 -38.44
C ALA E 164 -6.81 10.16 -37.20
N ILE E 165 -7.38 8.96 -37.29
CA ILE E 165 -8.05 8.34 -36.18
C ILE E 165 -7.25 7.06 -35.96
N ILE E 166 -7.05 6.69 -34.69
CA ILE E 166 -6.32 5.49 -34.29
C ILE E 166 -7.34 4.65 -33.52
N ALA E 167 -7.47 3.38 -33.87
CA ALA E 167 -8.41 2.52 -33.18
C ALA E 167 -7.62 1.45 -32.51
N TYR E 168 -7.62 1.48 -31.19
CA TYR E 168 -6.92 0.47 -30.47
C TYR E 168 -7.84 -0.74 -30.34
N GLU E 169 -7.44 -1.90 -30.85
CA GLU E 169 -8.24 -3.11 -30.74
C GLU E 169 -7.49 -4.31 -30.15
N PRO E 170 -7.83 -4.73 -28.92
CA PRO E 170 -7.14 -5.88 -28.33
C PRO E 170 -7.63 -7.03 -29.16
N ILE E 171 -6.78 -7.59 -30.01
CA ILE E 171 -7.18 -8.67 -30.90
C ILE E 171 -8.12 -9.70 -30.28
N TRP E 172 -7.78 -10.19 -29.10
CA TRP E 172 -8.67 -11.15 -28.43
C TRP E 172 -10.06 -10.60 -28.05
N ALA E 173 -10.31 -9.31 -28.25
CA ALA E 173 -11.61 -8.73 -27.90
C ALA E 173 -12.51 -8.63 -29.10
N ILE E 174 -11.90 -8.76 -30.27
CA ILE E 174 -12.66 -8.66 -31.53
C ILE E 174 -13.46 -9.93 -31.77
N GLY E 175 -14.77 -9.73 -32.00
CA GLY E 175 -15.72 -10.80 -32.26
C GLY E 175 -15.96 -11.84 -31.17
N THR E 176 -15.04 -11.88 -30.21
CA THR E 176 -15.02 -12.85 -29.12
C THR E 176 -16.03 -12.68 -27.97
N GLY E 177 -16.63 -11.49 -27.87
CA GLY E 177 -17.57 -11.23 -26.77
C GLY E 177 -16.83 -10.74 -25.53
N LYS E 178 -15.56 -11.07 -25.42
CA LYS E 178 -14.74 -10.68 -24.28
C LYS E 178 -14.09 -9.30 -24.52
N ALA E 179 -14.71 -8.26 -23.96
CA ALA E 179 -14.17 -6.90 -24.07
C ALA E 179 -13.23 -6.61 -22.92
N ALA E 180 -12.21 -5.81 -23.19
CA ALA E 180 -11.27 -5.38 -22.16
C ALA E 180 -12.12 -4.53 -21.17
N THR E 181 -11.65 -4.26 -19.97
CA THR E 181 -12.45 -3.44 -19.10
C THR E 181 -12.16 -2.00 -19.48
N ALA E 182 -13.09 -1.12 -19.23
CA ALA E 182 -12.91 0.29 -19.55
C ALA E 182 -11.69 0.90 -18.84
N GLU E 183 -11.33 0.36 -17.68
CA GLU E 183 -10.19 0.87 -16.92
C GLU E 183 -8.87 0.45 -17.59
N ASP E 184 -8.77 -0.80 -18.06
CA ASP E 184 -7.57 -1.25 -18.76
C ASP E 184 -7.46 -0.58 -20.10
N ALA E 185 -8.60 -0.39 -20.77
CA ALA E 185 -8.64 0.31 -22.05
C ALA E 185 -8.13 1.76 -21.85
N GLN E 186 -8.64 2.44 -20.82
CA GLN E 186 -8.23 3.81 -20.53
C GLN E 186 -6.73 3.84 -20.24
N ARG E 187 -6.24 2.80 -19.60
CA ARG E 187 -4.83 2.70 -19.27
C ARG E 187 -3.97 2.59 -20.51
N ILE E 188 -4.41 1.84 -21.53
CA ILE E 188 -3.65 1.69 -22.76
C ILE E 188 -3.73 2.94 -23.62
N HIS E 189 -4.90 3.57 -23.65
CA HIS E 189 -5.07 4.79 -24.44
C HIS E 189 -4.19 5.94 -23.93
N ALA E 190 -4.08 6.07 -22.62
CA ALA E 190 -3.28 7.12 -22.02
C ALA E 190 -1.81 6.93 -22.40
N GLN E 191 -1.38 5.68 -22.50
CA GLN E 191 0.00 5.37 -22.87
C GLN E 191 0.22 5.54 -24.38
N ILE E 192 -0.78 5.17 -25.18
CA ILE E 192 -0.68 5.36 -26.62
C ILE E 192 -0.56 6.87 -26.80
N ARG E 193 -1.34 7.63 -26.05
CA ARG E 193 -1.28 9.09 -26.16
C ARG E 193 0.04 9.62 -25.69
N ALA E 194 0.57 9.06 -24.60
CA ALA E 194 1.85 9.52 -24.05
C ALA E 194 2.96 9.29 -25.06
N HIS E 195 2.88 8.20 -25.82
CA HIS E 195 3.89 7.86 -26.83
C HIS E 195 3.97 8.90 -27.95
N ILE E 196 2.81 9.34 -28.41
CA ILE E 196 2.73 10.34 -29.45
C ILE E 196 3.17 11.69 -28.88
N ALA E 197 2.77 11.98 -27.65
CA ALA E 197 3.13 13.22 -26.97
C ALA E 197 4.63 13.32 -26.76
N GLU E 198 5.33 12.19 -26.71
CA GLU E 198 6.76 12.27 -26.51
C GLU E 198 7.32 12.98 -27.74
N LYS E 199 6.62 12.88 -28.86
CA LYS E 199 7.06 13.52 -30.09
C LYS E 199 6.35 14.83 -30.36
N SER E 200 5.08 14.94 -29.99
CA SER E 200 4.29 16.19 -30.12
C SER E 200 3.09 16.24 -29.18
N GLU E 201 3.00 17.26 -28.34
CA GLU E 201 1.88 17.37 -27.42
C GLU E 201 0.66 17.89 -28.14
N ALA E 202 0.88 18.75 -29.13
CA ALA E 202 -0.20 19.32 -29.91
C ALA E 202 -0.92 18.18 -30.64
N VAL E 203 -0.17 17.32 -31.33
CA VAL E 203 -0.77 16.20 -32.06
C VAL E 203 -1.44 15.29 -31.02
N ALA E 204 -0.72 14.86 -30.00
CA ALA E 204 -1.30 14.00 -28.99
C ALA E 204 -2.63 14.50 -28.40
N LYS E 205 -2.74 15.78 -28.10
CA LYS E 205 -3.96 16.28 -27.48
C LYS E 205 -5.18 16.21 -28.37
N ASN E 206 -4.94 16.23 -29.67
CA ASN E 206 -6.02 16.26 -30.61
C ASN E 206 -6.34 15.00 -31.35
N VAL E 207 -5.49 14.00 -31.26
CA VAL E 207 -5.74 12.77 -32.00
C VAL E 207 -6.86 12.00 -31.33
N VAL E 208 -7.84 11.57 -32.15
CA VAL E 208 -8.97 10.76 -31.71
C VAL E 208 -8.50 9.31 -31.62
N ILE E 209 -8.51 8.72 -30.42
CA ILE E 209 -8.12 7.35 -30.27
C ILE E 209 -9.39 6.56 -29.95
N GLN E 210 -9.78 5.67 -30.83
CA GLN E 210 -10.97 4.89 -30.60
C GLN E 210 -10.67 3.55 -29.94
N TYR E 211 -11.68 3.01 -29.26
CA TYR E 211 -11.55 1.69 -28.65
C TYR E 211 -12.24 0.68 -29.58
N GLY E 212 -11.63 -0.47 -29.78
CA GLY E 212 -12.21 -1.46 -30.65
C GLY E 212 -12.44 -2.89 -30.19
N GLY E 213 -12.72 -3.12 -28.93
CA GLY E 213 -12.96 -4.48 -28.50
C GLY E 213 -14.36 -4.84 -28.92
N SER E 214 -15.15 -5.44 -28.04
CA SER E 214 -16.53 -5.76 -28.39
C SER E 214 -17.44 -4.69 -27.77
N VAL E 215 -17.48 -3.51 -28.36
CA VAL E 215 -18.35 -2.47 -27.82
C VAL E 215 -19.82 -2.85 -28.09
N LYS E 216 -20.63 -2.84 -27.02
CA LYS E 216 -22.05 -3.16 -27.09
C LYS E 216 -22.78 -2.07 -26.36
N PRO E 217 -24.10 -1.97 -26.57
CA PRO E 217 -24.84 -0.93 -25.87
C PRO E 217 -24.74 -1.10 -24.35
N GLU E 218 -24.56 -2.33 -23.88
CA GLU E 218 -24.47 -2.53 -22.43
C GLU E 218 -23.18 -2.02 -21.78
N ASN E 219 -22.10 -1.98 -22.55
CA ASN E 219 -20.81 -1.50 -22.03
C ASN E 219 -20.29 -0.20 -22.66
N ALA E 220 -21.05 0.43 -23.55
CA ALA E 220 -20.55 1.64 -24.17
C ALA E 220 -20.23 2.79 -23.24
N ALA E 221 -21.20 3.24 -22.45
CA ALA E 221 -21.02 4.38 -21.52
C ALA E 221 -19.83 4.29 -20.57
N ALA E 222 -19.53 3.07 -20.15
CA ALA E 222 -18.41 2.82 -19.28
C ALA E 222 -17.16 3.24 -20.05
N TYR E 223 -17.07 2.87 -21.32
CA TYR E 223 -15.92 3.24 -22.15
C TYR E 223 -15.85 4.74 -22.41
N PHE E 224 -16.95 5.30 -22.91
CA PHE E 224 -16.97 6.72 -23.23
C PHE E 224 -16.79 7.60 -22.02
N ALA E 225 -16.82 7.01 -20.84
CA ALA E 225 -16.63 7.73 -19.61
C ALA E 225 -15.14 8.06 -19.34
N GLN E 226 -14.23 7.24 -19.92
CA GLN E 226 -12.79 7.40 -19.75
C GLN E 226 -12.26 8.61 -20.55
N PRO E 227 -11.40 9.41 -19.94
CA PRO E 227 -10.89 10.57 -20.68
C PRO E 227 -10.10 10.31 -21.96
N ASP E 228 -9.38 9.22 -22.03
CA ASP E 228 -8.60 9.00 -23.23
C ASP E 228 -9.26 8.15 -24.28
N ILE E 229 -10.54 7.80 -24.09
CA ILE E 229 -11.27 7.00 -25.09
C ILE E 229 -12.21 7.97 -25.84
N ASP E 230 -11.85 8.30 -27.10
CA ASP E 230 -12.57 9.25 -27.98
C ASP E 230 -13.68 8.70 -28.92
N GLY E 231 -13.94 7.42 -28.85
CA GLY E 231 -14.98 6.86 -29.68
C GLY E 231 -14.84 5.37 -29.70
N ALA E 232 -15.48 4.75 -30.68
CA ALA E 232 -15.45 3.30 -30.83
C ALA E 232 -15.49 2.91 -32.30
N LEU E 233 -14.84 1.79 -32.61
CA LEU E 233 -14.87 1.20 -33.95
C LEU E 233 -15.69 -0.03 -33.64
N VAL E 234 -16.94 -0.03 -34.08
CA VAL E 234 -17.87 -1.10 -33.81
C VAL E 234 -18.03 -2.09 -34.96
N GLY E 235 -18.11 -3.37 -34.61
CA GLY E 235 -18.29 -4.40 -35.62
C GLY E 235 -19.71 -4.94 -35.57
N GLY E 236 -19.91 -6.06 -34.88
CA GLY E 236 -21.20 -6.68 -34.77
C GLY E 236 -22.37 -5.82 -34.35
N ALA E 237 -22.19 -4.90 -33.40
CA ALA E 237 -23.29 -4.05 -32.98
C ALA E 237 -23.61 -3.00 -34.01
N ALA E 238 -22.77 -2.87 -35.05
CA ALA E 238 -22.95 -1.89 -36.12
C ALA E 238 -24.06 -2.26 -37.08
N LEU E 239 -24.39 -3.55 -37.10
CA LEU E 239 -25.38 -4.15 -37.99
C LEU E 239 -26.83 -4.03 -37.52
N ASP E 240 -27.04 -3.41 -36.37
CA ASP E 240 -28.37 -3.20 -35.83
C ASP E 240 -28.50 -1.69 -35.63
N ALA E 241 -29.42 -1.05 -36.33
CA ALA E 241 -29.62 0.37 -36.22
C ALA E 241 -29.90 0.83 -34.80
N LYS E 242 -30.64 0.03 -34.03
CA LYS E 242 -30.95 0.41 -32.65
C LYS E 242 -29.77 0.29 -31.74
N SER E 243 -28.90 -0.68 -32.01
CA SER E 243 -27.68 -0.91 -31.23
C SER E 243 -26.61 0.14 -31.51
N PHE E 244 -26.34 0.39 -32.79
CA PHE E 244 -25.34 1.36 -33.19
C PHE E 244 -25.77 2.78 -32.75
N ALA E 245 -27.06 3.10 -32.89
CA ALA E 245 -27.55 4.41 -32.47
C ALA E 245 -27.43 4.60 -30.96
N ALA E 246 -27.59 3.52 -30.19
CA ALA E 246 -27.46 3.56 -28.74
C ALA E 246 -26.02 3.87 -28.39
N ILE E 247 -25.09 3.14 -29.01
CA ILE E 247 -23.67 3.36 -28.81
C ILE E 247 -23.32 4.80 -29.17
N ALA E 248 -23.76 5.29 -30.34
CA ALA E 248 -23.48 6.69 -30.71
C ALA E 248 -23.98 7.71 -29.66
N LYS E 249 -25.21 7.55 -29.16
CA LYS E 249 -25.75 8.46 -28.15
C LYS E 249 -24.96 8.49 -26.84
N ALA E 250 -24.55 7.33 -26.34
CA ALA E 250 -23.73 7.26 -25.13
C ALA E 250 -22.45 8.10 -25.33
N ALA E 251 -21.85 8.05 -26.52
CA ALA E 251 -20.67 8.84 -26.77
C ALA E 251 -20.99 10.33 -26.75
N ALA E 252 -22.14 10.71 -27.33
CA ALA E 252 -22.55 12.13 -27.40
C ALA E 252 -22.83 12.69 -26.02
N GLU E 253 -23.59 11.96 -25.22
CA GLU E 253 -23.88 12.42 -23.88
C GLU E 253 -22.59 12.44 -23.04
N ALA E 254 -21.77 11.39 -23.16
CA ALA E 254 -20.53 11.27 -22.37
C ALA E 254 -19.52 12.36 -22.56
N LYS E 255 -19.42 12.89 -23.77
CA LYS E 255 -18.42 13.90 -24.05
C LYS E 255 -18.90 15.34 -24.14
N ALA E 256 -20.13 15.61 -23.69
CA ALA E 256 -20.66 16.98 -23.68
C ALA E 256 -20.32 17.71 -22.38
N ARG F 2 -16.49 -24.22 -79.79
CA ARG F 2 -16.70 -23.39 -78.55
C ARG F 2 -17.08 -21.97 -78.98
N HIS F 3 -18.14 -21.43 -78.38
CA HIS F 3 -18.60 -20.09 -78.69
C HIS F 3 -17.51 -19.13 -78.19
N PRO F 4 -17.06 -18.17 -79.01
CA PRO F 4 -16.01 -17.28 -78.48
C PRO F 4 -16.50 -16.32 -77.38
N VAL F 5 -15.58 -15.99 -76.47
CA VAL F 5 -15.85 -15.07 -75.35
C VAL F 5 -14.78 -13.98 -75.35
N VAL F 6 -15.21 -12.72 -75.35
CA VAL F 6 -14.28 -11.59 -75.30
C VAL F 6 -14.54 -10.82 -74.02
N MET F 7 -13.50 -10.68 -73.19
CA MET F 7 -13.62 -10.02 -71.90
C MET F 7 -12.69 -8.88 -71.73
N GLY F 8 -13.22 -7.78 -71.21
CA GLY F 8 -12.40 -6.62 -70.97
C GLY F 8 -12.13 -6.46 -69.49
N ASN F 9 -10.86 -6.35 -69.15
CA ASN F 9 -10.45 -6.16 -67.77
C ASN F 9 -10.11 -4.67 -67.64
N TRP F 10 -10.96 -3.87 -66.99
CA TRP F 10 -10.65 -2.45 -66.88
C TRP F 10 -9.56 -2.15 -65.88
N LYS F 11 -9.23 -3.12 -65.03
CA LYS F 11 -8.21 -2.92 -64.02
C LYS F 11 -8.57 -1.75 -63.07
N LEU F 12 -7.62 -0.87 -62.77
CA LEU F 12 -7.87 0.24 -61.86
C LEU F 12 -8.17 1.46 -62.68
N ASN F 13 -9.29 1.42 -63.39
CA ASN F 13 -9.70 2.52 -64.24
C ASN F 13 -11.18 2.57 -64.20
N GLY F 14 -11.67 3.76 -63.88
CA GLY F 14 -13.10 3.97 -63.81
C GLY F 14 -13.38 5.27 -63.09
N SER F 15 -14.49 5.89 -63.48
CA SER F 15 -14.97 7.11 -62.87
C SER F 15 -16.47 7.08 -63.16
N LYS F 16 -17.26 7.86 -62.44
CA LYS F 16 -18.68 7.86 -62.68
C LYS F 16 -19.05 8.24 -64.12
N GLU F 17 -18.31 9.18 -64.73
CA GLU F 17 -18.58 9.61 -66.12
C GLU F 17 -18.17 8.52 -67.14
N MET F 18 -16.95 8.06 -67.01
CA MET F 18 -16.39 7.03 -67.88
C MET F 18 -17.20 5.73 -67.91
N VAL F 19 -17.51 5.18 -66.75
CA VAL F 19 -18.25 3.95 -66.73
C VAL F 19 -19.51 4.03 -67.58
N VAL F 20 -20.24 5.12 -67.43
CA VAL F 20 -21.48 5.30 -68.16
C VAL F 20 -21.20 5.50 -69.62
N ASP F 21 -20.31 6.42 -69.94
CA ASP F 21 -19.95 6.66 -71.32
C ASP F 21 -19.54 5.36 -72.02
N LEU F 22 -18.49 4.72 -71.52
CA LEU F 22 -17.98 3.49 -72.11
C LEU F 22 -19.04 2.43 -72.33
N LEU F 23 -19.77 2.10 -71.27
CA LEU F 23 -20.81 1.08 -71.37
C LEU F 23 -21.90 1.41 -72.36
N ASN F 24 -22.19 2.69 -72.53
CA ASN F 24 -23.25 3.11 -73.45
C ASN F 24 -22.75 3.01 -74.89
N GLY F 25 -21.54 3.55 -75.09
CA GLY F 25 -20.91 3.50 -76.40
C GLY F 25 -20.72 2.06 -76.79
N LEU F 26 -20.26 1.25 -75.85
CA LEU F 26 -20.03 -0.15 -76.08
C LEU F 26 -21.31 -0.77 -76.62
N ASN F 27 -22.42 -0.56 -75.95
CA ASN F 27 -23.68 -1.16 -76.36
C ASN F 27 -24.13 -0.66 -77.73
N ALA F 28 -23.81 0.59 -78.02
CA ALA F 28 -24.17 1.16 -79.31
C ALA F 28 -23.43 0.39 -80.40
N GLU F 29 -22.10 0.32 -80.28
CA GLU F 29 -21.26 -0.35 -81.25
C GLU F 29 -21.53 -1.82 -81.42
N LEU F 30 -22.01 -2.49 -80.38
CA LEU F 30 -22.24 -3.93 -80.52
C LEU F 30 -23.64 -4.23 -80.97
N GLU F 31 -24.38 -3.15 -81.23
CA GLU F 31 -25.77 -3.23 -81.67
C GLU F 31 -25.96 -4.26 -82.79
N GLY F 32 -26.63 -5.37 -82.44
CA GLY F 32 -26.88 -6.42 -83.42
C GLY F 32 -25.78 -7.45 -83.66
N VAL F 33 -24.57 -7.25 -83.12
CA VAL F 33 -23.48 -8.21 -83.30
C VAL F 33 -23.81 -9.49 -82.54
N THR F 34 -23.74 -10.63 -83.22
CA THR F 34 -24.07 -11.90 -82.57
C THR F 34 -22.91 -12.86 -82.71
N GLY F 35 -22.92 -13.92 -81.90
CA GLY F 35 -21.87 -14.91 -81.96
C GLY F 35 -20.61 -14.76 -81.12
N VAL F 36 -20.70 -13.94 -80.09
CA VAL F 36 -19.60 -13.69 -79.17
C VAL F 36 -20.19 -13.30 -77.84
N ASP F 37 -19.60 -13.80 -76.78
CA ASP F 37 -20.01 -13.42 -75.44
C ASP F 37 -19.06 -12.30 -75.05
N VAL F 38 -19.57 -11.10 -74.88
CA VAL F 38 -18.73 -9.98 -74.50
C VAL F 38 -18.92 -9.76 -73.03
N ALA F 39 -17.82 -9.56 -72.32
CA ALA F 39 -17.89 -9.35 -70.88
C ALA F 39 -17.03 -8.18 -70.43
N VAL F 40 -17.44 -7.52 -69.34
CA VAL F 40 -16.64 -6.42 -68.79
C VAL F 40 -16.40 -6.61 -67.27
N ALA F 41 -15.22 -6.25 -66.80
CA ALA F 41 -14.88 -6.39 -65.38
C ALA F 41 -14.48 -5.06 -64.85
N PRO F 42 -15.44 -4.30 -64.28
CA PRO F 42 -15.14 -2.99 -63.72
C PRO F 42 -14.60 -3.17 -62.32
N PRO F 43 -14.02 -2.11 -61.75
CA PRO F 43 -13.52 -2.23 -60.38
C PRO F 43 -14.77 -2.46 -59.54
N ALA F 44 -14.65 -3.16 -58.42
CA ALA F 44 -15.80 -3.45 -57.56
C ALA F 44 -16.62 -2.23 -57.19
N LEU F 45 -15.99 -1.08 -56.98
CA LEU F 45 -16.77 0.13 -56.67
C LEU F 45 -17.78 0.53 -57.76
N PHE F 46 -17.59 0.09 -59.03
CA PHE F 46 -18.49 0.43 -60.15
C PHE F 46 -19.35 -0.68 -60.73
N VAL F 47 -19.48 -1.78 -59.99
CA VAL F 47 -20.30 -2.90 -60.41
C VAL F 47 -21.78 -2.49 -60.31
N ASP F 48 -22.11 -1.77 -59.23
CA ASP F 48 -23.47 -1.26 -59.03
C ASP F 48 -23.85 -0.41 -60.24
N LEU F 49 -23.07 0.62 -60.53
CA LEU F 49 -23.27 1.51 -61.68
C LEU F 49 -23.39 0.69 -62.97
N ALA F 50 -22.41 -0.17 -63.22
CA ALA F 50 -22.41 -1.00 -64.40
C ALA F 50 -23.70 -1.81 -64.50
N GLU F 51 -24.17 -2.41 -63.42
CA GLU F 51 -25.41 -3.18 -63.51
C GLU F 51 -26.61 -2.29 -63.90
N ARG F 52 -26.72 -1.11 -63.30
CA ARG F 52 -27.81 -0.21 -63.59
C ARG F 52 -27.75 0.30 -65.01
N THR F 53 -26.57 0.67 -65.45
CA THR F 53 -26.43 1.16 -66.80
C THR F 53 -26.78 0.11 -67.85
N LEU F 54 -26.29 -1.11 -67.67
CA LEU F 54 -26.55 -2.18 -68.62
C LEU F 54 -28.02 -2.57 -68.68
N THR F 55 -28.64 -2.72 -67.51
CA THR F 55 -30.05 -3.08 -67.43
C THR F 55 -30.89 -2.04 -68.15
N GLU F 56 -30.65 -0.76 -67.87
CA GLU F 56 -31.38 0.31 -68.54
C GLU F 56 -31.27 0.12 -70.04
N ALA F 57 -30.08 -0.21 -70.53
CA ALA F 57 -29.87 -0.40 -71.95
C ALA F 57 -30.39 -1.75 -72.44
N GLY F 58 -30.84 -2.60 -71.54
CA GLY F 58 -31.29 -3.92 -71.95
C GLY F 58 -30.12 -4.62 -72.65
N SER F 59 -28.89 -4.25 -72.27
CA SER F 59 -27.68 -4.80 -72.86
C SER F 59 -27.47 -6.27 -72.59
N ALA F 60 -26.82 -6.95 -73.52
CA ALA F 60 -26.56 -8.38 -73.33
C ALA F 60 -25.12 -8.61 -72.88
N ILE F 61 -24.37 -7.52 -72.73
CA ILE F 61 -23.00 -7.57 -72.26
C ILE F 61 -23.03 -8.22 -70.86
N ILE F 62 -22.06 -9.11 -70.60
CA ILE F 62 -21.98 -9.81 -69.33
C ILE F 62 -21.21 -8.99 -68.31
N LEU F 63 -21.59 -9.10 -67.04
CA LEU F 63 -20.92 -8.37 -65.99
C LEU F 63 -19.94 -9.28 -65.25
N GLY F 64 -18.70 -8.84 -65.13
CA GLY F 64 -17.74 -9.64 -64.41
C GLY F 64 -17.10 -8.80 -63.32
N ALA F 65 -16.12 -9.33 -62.61
CA ALA F 65 -15.40 -8.56 -61.58
C ALA F 65 -13.95 -9.04 -61.66
N GLN F 66 -13.02 -8.29 -61.09
CA GLN F 66 -11.58 -8.58 -61.16
C GLN F 66 -10.90 -9.45 -60.12
N ASN F 67 -11.65 -9.94 -59.13
CA ASN F 67 -11.07 -10.77 -58.10
C ASN F 67 -12.16 -11.27 -57.20
N THR F 68 -11.78 -12.19 -56.33
CA THR F 68 -12.69 -12.75 -55.35
C THR F 68 -11.90 -13.25 -54.17
N ASP F 69 -12.58 -13.31 -53.04
CA ASP F 69 -12.00 -13.83 -51.81
C ASP F 69 -12.69 -15.13 -51.47
N LEU F 70 -12.31 -15.74 -50.36
CA LEU F 70 -12.82 -17.05 -49.99
C LEU F 70 -14.02 -17.17 -49.07
N ASN F 71 -14.77 -16.11 -48.88
CA ASN F 71 -15.94 -16.17 -48.01
C ASN F 71 -17.04 -15.31 -48.55
N ASN F 72 -18.26 -15.71 -48.26
CA ASN F 72 -19.39 -14.96 -48.72
C ASN F 72 -19.87 -13.94 -47.72
N SER F 73 -19.57 -14.20 -46.44
CA SER F 73 -19.98 -13.30 -45.36
C SER F 73 -19.22 -13.58 -44.09
N GLY F 74 -19.28 -12.65 -43.15
CA GLY F 74 -18.58 -12.86 -41.91
C GLY F 74 -17.59 -11.78 -41.57
N ALA F 75 -16.75 -12.06 -40.58
CA ALA F 75 -15.73 -11.14 -40.12
C ALA F 75 -14.48 -11.20 -40.98
N PHE F 76 -14.56 -10.58 -42.16
CA PHE F 76 -13.46 -10.54 -43.06
C PHE F 76 -13.43 -9.16 -43.66
N THR F 77 -12.97 -8.21 -42.87
CA THR F 77 -12.84 -6.81 -43.29
C THR F 77 -12.15 -6.63 -44.64
N GLY F 78 -12.81 -5.91 -45.54
CA GLY F 78 -12.27 -5.64 -46.85
C GLY F 78 -12.39 -6.73 -47.92
N ASP F 79 -12.94 -7.90 -47.62
CA ASP F 79 -13.01 -8.97 -48.63
C ASP F 79 -14.06 -8.85 -49.70
N MET F 80 -13.85 -9.60 -50.78
CA MET F 80 -14.76 -9.64 -51.93
C MET F 80 -15.61 -10.88 -51.79
N SER F 81 -16.92 -10.70 -51.71
CA SER F 81 -17.86 -11.82 -51.53
C SER F 81 -18.50 -12.28 -52.84
N PRO F 82 -18.35 -13.59 -53.19
CA PRO F 82 -18.96 -14.11 -54.41
C PRO F 82 -20.48 -13.90 -54.31
N ALA F 83 -21.03 -14.16 -53.13
CA ALA F 83 -22.46 -14.00 -52.94
C ALA F 83 -22.96 -12.57 -53.18
N MET F 84 -22.17 -11.59 -52.75
CA MET F 84 -22.56 -10.19 -52.94
C MET F 84 -22.42 -9.81 -54.40
N LEU F 85 -21.44 -10.39 -55.09
CA LEU F 85 -21.22 -10.10 -56.50
C LEU F 85 -22.44 -10.56 -57.32
N LYS F 86 -23.04 -11.69 -56.91
CA LYS F 86 -24.22 -12.28 -57.56
C LYS F 86 -25.39 -11.33 -57.47
N GLU F 87 -25.46 -10.56 -56.41
CA GLU F 87 -26.56 -9.65 -56.26
C GLU F 87 -26.64 -8.58 -57.37
N PHE F 88 -25.51 -8.33 -58.03
CA PHE F 88 -25.47 -7.33 -59.09
C PHE F 88 -25.41 -7.99 -60.45
N GLY F 89 -25.66 -9.29 -60.45
CA GLY F 89 -25.63 -10.05 -61.68
C GLY F 89 -24.24 -10.32 -62.25
N ALA F 90 -23.18 -10.20 -61.45
CA ALA F 90 -21.83 -10.47 -61.95
C ALA F 90 -21.64 -12.00 -62.02
N THR F 91 -21.06 -12.51 -63.12
CA THR F 91 -20.87 -13.96 -63.22
C THR F 91 -19.48 -14.41 -63.56
N HIS F 92 -18.73 -13.61 -64.31
CA HIS F 92 -17.38 -13.99 -64.72
C HIS F 92 -16.35 -13.29 -63.86
N ILE F 93 -15.63 -14.06 -63.04
CA ILE F 93 -14.65 -13.47 -62.12
C ILE F 93 -13.21 -13.78 -62.45
N ILE F 94 -12.42 -12.75 -62.75
CA ILE F 94 -11.01 -12.94 -63.06
C ILE F 94 -10.23 -13.31 -61.78
N ILE F 95 -9.47 -14.40 -61.83
CA ILE F 95 -8.67 -14.85 -60.68
C ILE F 95 -7.30 -15.27 -61.18
N GLY F 96 -6.30 -15.10 -60.31
CA GLY F 96 -4.94 -15.46 -60.65
C GLY F 96 -4.27 -14.51 -61.62
N HIS F 97 -4.87 -13.36 -61.87
CA HIS F 97 -4.23 -12.44 -62.78
C HIS F 97 -2.78 -12.20 -62.30
N SER F 98 -1.84 -12.00 -63.20
CA SER F 98 -0.44 -11.82 -62.79
C SER F 98 -0.18 -10.60 -61.94
N GLU F 99 -1.00 -9.57 -62.11
CA GLU F 99 -0.83 -8.35 -61.33
C GLU F 99 -1.09 -8.67 -59.87
N ARG F 100 -2.09 -9.52 -59.62
CA ARG F 100 -2.38 -9.93 -58.25
C ARG F 100 -1.36 -10.98 -57.78
N ARG F 101 -0.83 -11.79 -58.69
CA ARG F 101 0.15 -12.79 -58.27
C ARG F 101 1.46 -12.10 -57.89
N GLU F 102 1.89 -11.14 -58.71
CA GLU F 102 3.10 -10.36 -58.46
C GLU F 102 2.93 -9.46 -57.24
N TYR F 103 1.97 -8.53 -57.31
CA TYR F 103 1.76 -7.56 -56.26
C TYR F 103 1.19 -8.03 -54.95
N HIS F 104 0.26 -8.97 -54.99
CA HIS F 104 -0.38 -9.47 -53.79
C HIS F 104 0.09 -10.83 -53.40
N ALA F 105 1.12 -11.28 -54.10
CA ALA F 105 1.72 -12.57 -53.85
C ALA F 105 0.70 -13.70 -53.74
N GLU F 106 -0.18 -13.82 -54.73
CA GLU F 106 -1.16 -14.87 -54.70
C GLU F 106 -0.52 -16.12 -55.27
N SER F 107 -0.51 -17.18 -54.47
CA SER F 107 0.08 -18.45 -54.87
C SER F 107 -0.90 -19.30 -55.72
N ASP F 108 -0.38 -20.35 -56.35
CA ASP F 108 -1.19 -21.26 -57.15
C ASP F 108 -2.27 -21.87 -56.27
N GLU F 109 -1.93 -22.21 -55.03
CA GLU F 109 -2.89 -22.83 -54.12
C GLU F 109 -4.06 -21.90 -53.80
N PHE F 110 -3.74 -20.64 -53.51
CA PHE F 110 -4.74 -19.64 -53.18
C PHE F 110 -5.68 -19.47 -54.36
N VAL F 111 -5.10 -19.22 -55.53
CA VAL F 111 -5.90 -19.04 -56.74
C VAL F 111 -6.79 -20.26 -56.99
N ALA F 112 -6.33 -21.44 -56.65
CA ALA F 112 -7.11 -22.65 -56.87
C ALA F 112 -8.27 -22.75 -55.89
N LYS F 113 -8.06 -22.33 -54.64
CA LYS F 113 -9.14 -22.34 -53.66
C LYS F 113 -10.23 -21.40 -54.16
N LYS F 114 -9.81 -20.27 -54.72
CA LYS F 114 -10.75 -19.29 -55.27
C LYS F 114 -11.53 -19.94 -56.43
N PHE F 115 -10.84 -20.72 -57.26
CA PHE F 115 -11.46 -21.40 -58.41
C PHE F 115 -12.57 -22.32 -57.90
N ALA F 116 -12.28 -23.05 -56.83
CA ALA F 116 -13.24 -23.96 -56.24
C ALA F 116 -14.42 -23.24 -55.59
N PHE F 117 -14.15 -22.15 -54.86
CA PHE F 117 -15.21 -21.40 -54.22
C PHE F 117 -16.15 -20.80 -55.28
N LEU F 118 -15.59 -20.29 -56.36
CA LEU F 118 -16.41 -19.71 -57.41
C LEU F 118 -17.35 -20.74 -58.03
N LYS F 119 -16.84 -21.94 -58.29
CA LYS F 119 -17.64 -23.01 -58.87
C LYS F 119 -18.76 -23.38 -57.92
N GLU F 120 -18.43 -23.41 -56.65
CA GLU F 120 -19.38 -23.78 -55.59
C GLU F 120 -20.46 -22.71 -55.45
N ASN F 121 -20.20 -21.51 -55.94
CA ASN F 121 -21.18 -20.46 -55.84
C ASN F 121 -21.84 -20.23 -57.16
N GLY F 122 -21.62 -21.15 -58.08
CA GLY F 122 -22.22 -21.02 -59.38
C GLY F 122 -21.72 -19.90 -60.25
N LEU F 123 -20.52 -19.41 -59.95
CA LEU F 123 -19.91 -18.35 -60.76
C LEU F 123 -18.94 -19.00 -61.75
N THR F 124 -18.55 -18.27 -62.78
CA THR F 124 -17.62 -18.75 -63.80
C THR F 124 -16.22 -18.18 -63.60
N PRO F 125 -15.23 -19.03 -63.28
CA PRO F 125 -13.86 -18.56 -63.08
C PRO F 125 -13.17 -18.27 -64.40
N VAL F 126 -12.37 -17.21 -64.45
CA VAL F 126 -11.57 -16.88 -65.63
C VAL F 126 -10.16 -17.05 -65.06
N LEU F 127 -9.66 -18.29 -65.10
CA LEU F 127 -8.35 -18.63 -64.52
C LEU F 127 -7.23 -18.09 -65.34
N CYS F 128 -6.39 -17.24 -64.74
CA CYS F 128 -5.25 -16.67 -65.46
C CYS F 128 -3.94 -17.43 -65.22
N ILE F 129 -3.31 -17.85 -66.31
CA ILE F 129 -2.04 -18.57 -66.24
C ILE F 129 -1.06 -17.92 -67.21
N GLY F 130 0.23 -18.08 -66.97
CA GLY F 130 1.19 -17.46 -67.87
C GLY F 130 2.59 -17.42 -67.30
N GLU F 131 3.60 -17.39 -68.19
CA GLU F 131 5.03 -17.41 -67.83
C GLU F 131 5.73 -16.04 -67.88
N SER F 132 6.80 -15.87 -67.11
CA SER F 132 7.49 -14.60 -67.13
C SER F 132 8.44 -14.52 -68.32
N ASP F 133 9.17 -13.44 -68.39
CA ASP F 133 10.10 -13.25 -69.48
C ASP F 133 11.24 -14.25 -69.37
N ALA F 134 11.77 -14.38 -68.16
CA ALA F 134 12.85 -15.28 -67.87
C ALA F 134 12.45 -16.72 -68.11
N GLN F 135 11.26 -17.11 -67.64
CA GLN F 135 10.80 -18.48 -67.84
C GLN F 135 10.66 -18.80 -69.31
N ASN F 136 10.38 -17.79 -70.11
CA ASN F 136 10.24 -17.96 -71.54
C ASN F 136 11.62 -18.16 -72.21
N GLU F 137 12.58 -17.32 -71.82
CA GLU F 137 13.94 -17.40 -72.34
C GLU F 137 14.48 -18.75 -72.06
N ALA F 138 14.19 -19.26 -70.86
CA ALA F 138 14.63 -20.57 -70.41
C ALA F 138 13.88 -21.74 -71.04
N GLY F 139 12.80 -21.46 -71.76
CA GLY F 139 12.04 -22.53 -72.38
C GLY F 139 11.15 -23.24 -71.39
N GLU F 140 10.60 -22.52 -70.42
CA GLU F 140 9.74 -23.10 -69.38
C GLU F 140 8.26 -22.79 -69.51
N THR F 141 7.87 -22.13 -70.60
CA THR F 141 6.48 -21.76 -70.80
C THR F 141 5.46 -22.79 -70.41
N MET F 142 5.47 -23.95 -71.06
CA MET F 142 4.50 -25.01 -70.74
C MET F 142 4.63 -25.65 -69.38
N ALA F 143 5.83 -25.65 -68.82
CA ALA F 143 6.04 -26.20 -67.49
C ALA F 143 5.22 -25.34 -66.52
N VAL F 144 5.42 -24.01 -66.60
CA VAL F 144 4.69 -23.03 -65.80
C VAL F 144 3.16 -23.14 -66.02
N CYS F 145 2.68 -23.12 -67.27
CA CYS F 145 1.24 -23.27 -67.50
C CYS F 145 0.73 -24.60 -66.98
N ALA F 146 1.55 -25.64 -67.08
CA ALA F 146 1.12 -26.96 -66.62
C ALA F 146 1.04 -26.98 -65.09
N ARG F 147 1.99 -26.31 -64.45
CA ARG F 147 2.03 -26.25 -62.99
C ARG F 147 0.81 -25.47 -62.43
N GLN F 148 0.59 -24.27 -62.94
CA GLN F 148 -0.51 -23.43 -62.51
C GLN F 148 -1.88 -24.04 -62.74
N LEU F 149 -1.98 -24.87 -63.78
CA LEU F 149 -3.24 -25.52 -64.12
C LEU F 149 -3.51 -26.75 -63.27
N ASP F 150 -2.44 -27.49 -62.95
CA ASP F 150 -2.55 -28.71 -62.17
C ASP F 150 -2.94 -28.46 -60.74
N ALA F 151 -2.73 -27.22 -60.31
CA ALA F 151 -3.08 -26.83 -58.94
C ALA F 151 -4.57 -27.02 -58.74
N VAL F 152 -5.30 -26.96 -59.86
CA VAL F 152 -6.74 -27.15 -59.90
C VAL F 152 -7.02 -28.59 -60.31
N ILE F 153 -6.48 -28.97 -61.48
CA ILE F 153 -6.69 -30.31 -62.04
C ILE F 153 -6.36 -31.43 -61.07
N ASN F 154 -5.16 -31.38 -60.50
CA ASN F 154 -4.73 -32.44 -59.59
C ASN F 154 -5.42 -32.43 -58.25
N THR F 155 -6.20 -31.40 -57.98
CA THR F 155 -6.83 -31.35 -56.68
C THR F 155 -8.36 -31.43 -56.77
N GLN F 156 -8.93 -30.83 -57.80
CA GLN F 156 -10.37 -30.85 -57.99
C GLN F 156 -10.77 -31.77 -59.14
N GLY F 157 -9.80 -32.31 -59.88
CA GLY F 157 -10.10 -33.16 -61.00
C GLY F 157 -10.36 -32.36 -62.26
N VAL F 158 -10.13 -32.99 -63.43
CA VAL F 158 -10.31 -32.32 -64.71
C VAL F 158 -11.69 -31.78 -64.89
N GLU F 159 -12.70 -32.55 -64.53
CA GLU F 159 -14.08 -32.10 -64.70
C GLU F 159 -14.27 -30.68 -64.14
N ALA F 160 -13.45 -30.30 -63.14
CA ALA F 160 -13.55 -28.97 -62.52
C ALA F 160 -13.44 -27.85 -63.55
N LEU F 161 -12.76 -28.10 -64.66
CA LEU F 161 -12.61 -27.11 -65.71
C LEU F 161 -13.84 -26.96 -66.56
N GLU F 162 -14.87 -27.76 -66.37
CA GLU F 162 -16.00 -27.50 -67.24
C GLU F 162 -16.78 -26.32 -66.77
N GLY F 163 -17.04 -25.43 -67.72
CA GLY F 163 -17.75 -24.22 -67.43
C GLY F 163 -16.84 -23.10 -67.00
N ALA F 164 -15.54 -23.31 -67.04
CA ALA F 164 -14.60 -22.26 -66.66
C ALA F 164 -13.92 -21.77 -67.90
N ILE F 165 -13.28 -20.61 -67.79
CA ILE F 165 -12.53 -20.02 -68.89
C ILE F 165 -11.04 -19.95 -68.45
N ILE F 166 -10.15 -20.26 -69.37
CA ILE F 166 -8.72 -20.22 -69.09
C ILE F 166 -8.15 -19.09 -69.94
N ALA F 167 -7.43 -18.18 -69.31
CA ALA F 167 -6.86 -17.11 -70.08
C ALA F 167 -5.35 -17.27 -70.07
N TYR F 168 -4.77 -17.58 -71.23
CA TYR F 168 -3.34 -17.73 -71.27
C TYR F 168 -2.79 -16.37 -71.60
N GLU F 169 -1.99 -15.81 -70.70
CA GLU F 169 -1.40 -14.48 -70.90
C GLU F 169 0.09 -14.49 -70.57
N PRO F 170 0.95 -14.33 -71.58
CA PRO F 170 2.38 -14.33 -71.26
C PRO F 170 2.62 -12.99 -70.62
N ILE F 171 3.17 -13.02 -69.41
CA ILE F 171 3.41 -11.83 -68.62
C ILE F 171 4.11 -10.69 -69.34
N TRP F 172 5.11 -10.99 -70.14
CA TRP F 172 5.84 -9.94 -70.85
C TRP F 172 5.08 -9.22 -71.99
N ALA F 173 3.87 -9.69 -72.30
CA ALA F 173 3.01 -9.13 -73.36
C ALA F 173 1.90 -8.28 -72.78
N ILE F 174 1.75 -8.32 -71.45
CA ILE F 174 0.71 -7.57 -70.75
C ILE F 174 1.01 -6.08 -70.64
N GLY F 175 0.25 -5.31 -71.41
CA GLY F 175 0.39 -3.88 -71.42
C GLY F 175 1.74 -3.43 -71.90
N THR F 176 2.44 -4.28 -72.64
CA THR F 176 3.77 -3.94 -73.15
C THR F 176 3.76 -3.63 -74.64
N GLY F 177 2.74 -4.12 -75.35
CA GLY F 177 2.70 -3.90 -76.77
C GLY F 177 3.55 -4.94 -77.47
N LYS F 178 4.22 -5.78 -76.68
CA LYS F 178 5.05 -6.86 -77.21
C LYS F 178 4.19 -8.09 -77.07
N ALA F 179 3.27 -8.26 -78.01
CA ALA F 179 2.35 -9.40 -78.01
C ALA F 179 2.96 -10.64 -78.61
N ALA F 180 2.41 -11.79 -78.21
CA ALA F 180 2.87 -13.07 -78.73
C ALA F 180 2.35 -13.21 -80.18
N THR F 181 3.12 -13.82 -81.07
CA THR F 181 2.62 -13.99 -82.43
C THR F 181 1.39 -14.92 -82.35
N ALA F 182 0.51 -14.85 -83.35
CA ALA F 182 -0.68 -15.68 -83.33
C ALA F 182 -0.33 -17.15 -83.38
N GLU F 183 0.86 -17.44 -83.92
CA GLU F 183 1.38 -18.80 -84.08
C GLU F 183 1.87 -19.39 -82.77
N ASP F 184 2.56 -18.59 -81.96
CA ASP F 184 3.02 -19.05 -80.66
C ASP F 184 1.83 -19.29 -79.78
N ALA F 185 0.94 -18.29 -79.76
CA ALA F 185 -0.27 -18.33 -78.97
C ALA F 185 -1.03 -19.62 -79.31
N GLN F 186 -1.14 -19.92 -80.60
CA GLN F 186 -1.83 -21.14 -81.00
C GLN F 186 -1.09 -22.38 -80.55
N ARG F 187 0.24 -22.33 -80.58
CA ARG F 187 1.11 -23.45 -80.18
C ARG F 187 0.84 -23.76 -78.73
N ILE F 188 1.00 -22.75 -77.91
CA ILE F 188 0.76 -22.87 -76.49
C ILE F 188 -0.67 -23.33 -76.14
N HIS F 189 -1.69 -22.76 -76.80
CA HIS F 189 -3.07 -23.12 -76.50
C HIS F 189 -3.30 -24.55 -76.89
N ALA F 190 -2.65 -25.01 -77.93
CA ALA F 190 -2.84 -26.39 -78.35
C ALA F 190 -2.22 -27.34 -77.37
N GLN F 191 -1.07 -26.94 -76.82
CA GLN F 191 -0.40 -27.79 -75.83
C GLN F 191 -1.12 -27.77 -74.47
N ILE F 192 -1.82 -26.68 -74.14
CA ILE F 192 -2.56 -26.61 -72.87
C ILE F 192 -3.75 -27.53 -72.99
N ARG F 193 -4.47 -27.40 -74.10
CA ARG F 193 -5.63 -28.20 -74.36
C ARG F 193 -5.20 -29.64 -74.34
N ALA F 194 -4.07 -29.92 -74.98
CA ALA F 194 -3.49 -31.27 -75.03
C ALA F 194 -3.20 -31.84 -73.65
N HIS F 195 -2.67 -30.99 -72.79
CA HIS F 195 -2.34 -31.37 -71.42
C HIS F 195 -3.62 -31.78 -70.71
N ILE F 196 -4.68 -31.02 -70.97
CA ILE F 196 -5.96 -31.30 -70.39
C ILE F 196 -6.53 -32.60 -70.97
N ALA F 197 -6.46 -32.76 -72.29
CA ALA F 197 -6.99 -33.96 -72.98
C ALA F 197 -6.30 -35.25 -72.57
N GLU F 198 -5.18 -35.12 -71.88
CA GLU F 198 -4.47 -36.28 -71.42
C GLU F 198 -5.22 -36.85 -70.21
N LYS F 199 -6.24 -36.14 -69.74
CA LYS F 199 -7.07 -36.57 -68.60
C LYS F 199 -8.57 -36.64 -68.98
N SER F 200 -8.97 -35.87 -69.99
CA SER F 200 -10.33 -35.86 -70.48
C SER F 200 -10.39 -35.07 -71.78
N GLU F 201 -10.69 -35.72 -72.88
CA GLU F 201 -10.77 -35.03 -74.18
C GLU F 201 -12.12 -34.36 -74.29
N ALA F 202 -13.08 -34.83 -73.52
CA ALA F 202 -14.40 -34.25 -73.53
C ALA F 202 -14.31 -32.88 -72.89
N VAL F 203 -13.57 -32.80 -71.79
CA VAL F 203 -13.39 -31.53 -71.10
C VAL F 203 -12.52 -30.67 -72.00
N ALA F 204 -11.41 -31.24 -72.44
CA ALA F 204 -10.46 -30.53 -73.27
C ALA F 204 -11.01 -29.90 -74.54
N LYS F 205 -11.88 -30.59 -75.25
CA LYS F 205 -12.37 -29.97 -76.45
C LYS F 205 -13.41 -28.91 -76.18
N ASN F 206 -14.00 -28.96 -74.98
CA ASN F 206 -15.02 -27.97 -74.61
C ASN F 206 -14.58 -26.67 -73.91
N VAL F 207 -13.47 -26.71 -73.18
CA VAL F 207 -12.98 -25.56 -72.43
C VAL F 207 -12.55 -24.42 -73.34
N VAL F 208 -13.02 -23.22 -73.00
CA VAL F 208 -12.71 -22.02 -73.72
C VAL F 208 -11.36 -21.53 -73.24
N ILE F 209 -10.41 -21.34 -74.17
CA ILE F 209 -9.10 -20.86 -73.81
C ILE F 209 -8.88 -19.52 -74.50
N GLN F 210 -8.70 -18.45 -73.72
CA GLN F 210 -8.52 -17.12 -74.27
C GLN F 210 -7.04 -16.74 -74.28
N TYR F 211 -6.65 -15.82 -75.15
CA TYR F 211 -5.27 -15.36 -75.19
C TYR F 211 -5.27 -13.98 -74.54
N GLY F 212 -4.22 -13.69 -73.76
CA GLY F 212 -4.12 -12.43 -73.04
C GLY F 212 -3.19 -11.37 -73.55
N GLY F 213 -1.92 -11.68 -73.70
CA GLY F 213 -0.97 -10.69 -74.24
C GLY F 213 -1.39 -9.27 -74.52
N SER F 214 -1.14 -8.72 -75.71
CA SER F 214 -1.56 -7.32 -75.95
C SER F 214 -2.54 -7.22 -77.14
N VAL F 215 -3.69 -7.88 -77.03
CA VAL F 215 -4.68 -7.91 -78.10
C VAL F 215 -5.14 -6.50 -78.44
N LYS F 216 -5.15 -6.18 -79.72
CA LYS F 216 -5.58 -4.87 -80.19
C LYS F 216 -6.43 -5.08 -81.40
N PRO F 217 -7.20 -4.04 -81.79
CA PRO F 217 -8.06 -4.19 -82.97
C PRO F 217 -7.23 -4.62 -84.20
N GLU F 218 -6.04 -4.06 -84.34
CA GLU F 218 -5.17 -4.37 -85.47
C GLU F 218 -4.62 -5.81 -85.51
N ASN F 219 -4.62 -6.53 -84.39
CA ASN F 219 -4.10 -7.90 -84.38
C ASN F 219 -5.09 -8.98 -83.91
N ALA F 220 -6.29 -8.57 -83.55
CA ALA F 220 -7.25 -9.53 -83.06
C ALA F 220 -7.64 -10.66 -83.99
N ALA F 221 -7.87 -10.38 -85.27
CA ALA F 221 -8.31 -11.46 -86.17
C ALA F 221 -7.25 -12.52 -86.52
N ALA F 222 -5.99 -12.16 -86.45
CA ALA F 222 -4.92 -13.13 -86.69
C ALA F 222 -5.05 -14.19 -85.59
N TYR F 223 -5.30 -13.74 -84.36
CA TYR F 223 -5.47 -14.64 -83.22
C TYR F 223 -6.71 -15.46 -83.41
N PHE F 224 -7.81 -14.78 -83.66
CA PHE F 224 -9.10 -15.44 -83.80
C PHE F 224 -9.24 -16.41 -84.94
N ALA F 225 -8.24 -16.43 -85.81
CA ALA F 225 -8.22 -17.38 -86.92
C ALA F 225 -7.70 -18.75 -86.42
N GLN F 226 -6.78 -18.74 -85.45
CA GLN F 226 -6.23 -19.97 -84.89
C GLN F 226 -7.33 -20.78 -84.27
N PRO F 227 -7.34 -22.08 -84.51
CA PRO F 227 -8.37 -22.96 -83.98
C PRO F 227 -8.45 -23.18 -82.46
N ASP F 228 -7.36 -22.97 -81.75
CA ASP F 228 -7.41 -23.20 -80.30
C ASP F 228 -7.50 -21.98 -79.42
N ILE F 229 -7.62 -20.82 -80.04
CA ILE F 229 -7.75 -19.55 -79.36
C ILE F 229 -9.25 -19.23 -79.44
N ASP F 230 -9.97 -19.42 -78.33
CA ASP F 230 -11.42 -19.17 -78.28
C ASP F 230 -11.90 -17.77 -77.89
N GLY F 231 -10.99 -16.80 -77.77
CA GLY F 231 -11.41 -15.46 -77.39
C GLY F 231 -10.22 -14.67 -76.94
N ALA F 232 -10.43 -13.56 -76.24
CA ALA F 232 -9.30 -12.77 -75.79
C ALA F 232 -9.63 -12.01 -74.51
N LEU F 233 -8.65 -11.84 -73.63
CA LEU F 233 -8.82 -11.09 -72.39
C LEU F 233 -8.08 -9.79 -72.72
N VAL F 234 -8.83 -8.69 -72.78
CA VAL F 234 -8.28 -7.41 -73.17
C VAL F 234 -8.11 -6.41 -72.02
N GLY F 235 -6.98 -5.71 -72.01
CA GLY F 235 -6.72 -4.74 -70.99
C GLY F 235 -6.90 -3.36 -71.58
N GLY F 236 -5.83 -2.75 -72.04
CA GLY F 236 -5.90 -1.43 -72.63
C GLY F 236 -6.95 -1.20 -73.70
N ALA F 237 -7.06 -2.07 -74.68
CA ALA F 237 -8.03 -1.83 -75.72
C ALA F 237 -9.48 -1.90 -75.22
N ALA F 238 -9.68 -2.28 -73.96
CA ALA F 238 -11.03 -2.40 -73.39
C ALA F 238 -11.57 -1.10 -72.84
N LEU F 239 -10.70 -0.13 -72.71
CA LEU F 239 -11.05 1.14 -72.16
C LEU F 239 -11.61 2.10 -73.16
N ASP F 240 -11.78 1.61 -74.38
CA ASP F 240 -12.33 2.37 -75.52
C ASP F 240 -13.41 1.51 -76.25
N ALA F 241 -14.59 2.06 -76.45
CA ALA F 241 -15.68 1.32 -77.08
C ALA F 241 -15.43 0.87 -78.53
N LYS F 242 -14.81 1.75 -79.31
CA LYS F 242 -14.54 1.44 -80.70
C LYS F 242 -13.64 0.24 -80.76
N SER F 243 -12.47 0.35 -80.13
CA SER F 243 -11.50 -0.75 -80.12
C SER F 243 -12.08 -2.07 -79.67
N PHE F 244 -12.54 -2.10 -78.43
CA PHE F 244 -13.09 -3.30 -77.85
C PHE F 244 -14.25 -3.94 -78.65
N ALA F 245 -15.14 -3.10 -79.24
CA ALA F 245 -16.24 -3.63 -80.06
C ALA F 245 -15.61 -4.25 -81.31
N ALA F 246 -14.57 -3.59 -81.81
CA ALA F 246 -13.82 -4.08 -82.96
C ALA F 246 -13.35 -5.51 -82.63
N ILE F 247 -12.52 -5.62 -81.58
CA ILE F 247 -12.00 -6.93 -81.15
C ILE F 247 -13.14 -7.95 -81.01
N ALA F 248 -14.27 -7.53 -80.45
CA ALA F 248 -15.38 -8.44 -80.29
C ALA F 248 -15.94 -8.84 -81.64
N LYS F 249 -16.02 -7.90 -82.57
CA LYS F 249 -16.57 -8.24 -83.88
C LYS F 249 -15.68 -9.21 -84.61
N ALA F 250 -14.37 -9.00 -84.50
CA ALA F 250 -13.39 -9.88 -85.14
C ALA F 250 -13.61 -11.32 -84.70
N ALA F 251 -13.79 -11.55 -83.41
CA ALA F 251 -14.01 -12.90 -82.91
C ALA F 251 -15.27 -13.52 -83.48
N ALA F 252 -16.32 -12.72 -83.61
CA ALA F 252 -17.61 -13.19 -84.13
C ALA F 252 -17.46 -13.65 -85.58
N GLU F 253 -16.85 -12.81 -86.40
CA GLU F 253 -16.58 -13.08 -87.82
C GLU F 253 -15.82 -14.41 -87.94
N ALA F 254 -14.60 -14.42 -87.40
CA ALA F 254 -13.73 -15.57 -87.46
C ALA F 254 -14.32 -16.89 -86.98
N LYS F 255 -15.02 -16.89 -85.85
CA LYS F 255 -15.57 -18.15 -85.34
C LYS F 255 -16.94 -18.56 -85.92
N ARG G 2 -7.99 21.92 8.65
CA ARG G 2 -7.01 22.07 7.52
C ARG G 2 -6.52 20.71 6.97
N HIS G 3 -6.63 20.59 5.65
CA HIS G 3 -6.25 19.38 4.92
C HIS G 3 -4.72 19.38 4.89
N PRO G 4 -4.10 18.28 5.34
CA PRO G 4 -2.65 18.32 5.32
C PRO G 4 -2.02 18.36 3.96
N VAL G 5 -0.85 18.99 3.90
CA VAL G 5 -0.09 19.10 2.67
C VAL G 5 1.33 18.62 2.97
N VAL G 6 1.77 17.64 2.18
CA VAL G 6 3.11 17.08 2.27
C VAL G 6 3.82 17.37 0.94
N MET G 7 4.89 18.15 1.02
CA MET G 7 5.65 18.53 -0.16
C MET G 7 7.08 18.03 -0.15
N GLY G 8 7.53 17.47 -1.28
CA GLY G 8 8.89 17.00 -1.40
C GLY G 8 9.78 17.98 -2.16
N ASN G 9 10.79 18.52 -1.51
CA ASN G 9 11.68 19.44 -2.20
C ASN G 9 12.89 18.59 -2.62
N TRP G 10 13.00 18.27 -3.91
CA TRP G 10 14.09 17.44 -4.39
C TRP G 10 15.42 18.15 -4.42
N LYS G 11 15.41 19.47 -4.33
CA LYS G 11 16.64 20.23 -4.37
C LYS G 11 17.40 19.92 -5.65
N LEU G 12 18.73 19.82 -5.56
CA LEU G 12 19.55 19.58 -6.73
C LEU G 12 19.78 18.08 -6.94
N ASN G 13 18.68 17.37 -7.22
CA ASN G 13 18.70 15.93 -7.42
C ASN G 13 17.74 15.63 -8.54
N GLY G 14 18.10 14.71 -9.41
CA GLY G 14 17.22 14.37 -10.51
C GLY G 14 18.00 13.91 -11.72
N SER G 15 17.44 12.99 -12.49
CA SER G 15 18.05 12.51 -13.73
C SER G 15 16.86 11.96 -14.46
N LYS G 16 16.95 11.88 -15.77
CA LYS G 16 15.80 11.40 -16.52
C LYS G 16 15.20 10.11 -16.01
N GLU G 17 16.05 9.15 -15.66
CA GLU G 17 15.57 7.86 -15.18
C GLU G 17 15.06 7.98 -13.76
N MET G 18 15.73 8.77 -12.94
CA MET G 18 15.30 8.93 -11.57
C MET G 18 13.94 9.59 -11.47
N VAL G 19 13.67 10.60 -12.28
CA VAL G 19 12.39 11.27 -12.24
C VAL G 19 11.23 10.31 -12.52
N VAL G 20 11.29 9.56 -13.61
CA VAL G 20 10.18 8.67 -13.89
C VAL G 20 10.05 7.53 -12.93
N ASP G 21 11.14 6.97 -12.44
CA ASP G 21 10.97 5.89 -11.46
C ASP G 21 10.39 6.36 -10.16
N LEU G 22 10.88 7.48 -9.62
CA LEU G 22 10.37 8.01 -8.38
C LEU G 22 8.90 8.41 -8.50
N LEU G 23 8.51 9.11 -9.57
CA LEU G 23 7.12 9.51 -9.73
C LEU G 23 6.25 8.32 -10.00
N ASN G 24 6.73 7.35 -10.76
CA ASN G 24 5.91 6.17 -11.01
C ASN G 24 5.68 5.40 -9.74
N GLY G 25 6.74 5.17 -8.96
CA GLY G 25 6.60 4.41 -7.72
C GLY G 25 5.79 5.08 -6.62
N LEU G 26 6.01 6.38 -6.51
CA LEU G 26 5.34 7.18 -5.50
C LEU G 26 3.86 7.06 -5.73
N ASN G 27 3.47 7.13 -6.99
CA ASN G 27 2.06 7.05 -7.37
C ASN G 27 1.48 5.67 -7.09
N ALA G 28 2.28 4.63 -7.19
CA ALA G 28 1.78 3.30 -6.91
C ALA G 28 1.50 3.20 -5.41
N GLU G 29 2.42 3.73 -4.62
CA GLU G 29 2.32 3.71 -3.16
C GLU G 29 1.12 4.46 -2.59
N LEU G 30 0.62 5.47 -3.29
CA LEU G 30 -0.44 6.30 -2.74
C LEU G 30 -1.80 5.95 -3.26
N GLU G 31 -1.87 4.77 -3.83
CA GLU G 31 -3.04 4.18 -4.49
C GLU G 31 -4.38 4.03 -3.82
N GLY G 32 -4.73 4.88 -2.87
CA GLY G 32 -6.03 4.81 -2.24
C GLY G 32 -6.04 5.89 -1.19
N VAL G 33 -4.87 6.54 -1.04
CA VAL G 33 -4.60 7.61 -0.09
C VAL G 33 -5.20 8.91 -0.60
N THR G 34 -6.17 9.47 0.13
CA THR G 34 -6.83 10.70 -0.31
C THR G 34 -6.93 11.82 0.71
N GLY G 35 -6.49 11.56 1.95
CA GLY G 35 -6.56 12.58 2.96
C GLY G 35 -5.39 13.53 3.09
N VAL G 36 -4.53 13.61 2.08
CA VAL G 36 -3.36 14.49 2.07
C VAL G 36 -3.14 15.01 0.67
N ASP G 37 -2.50 16.18 0.56
CA ASP G 37 -2.14 16.75 -0.73
C ASP G 37 -0.65 16.44 -0.82
N VAL G 38 -0.22 15.72 -1.85
CA VAL G 38 1.16 15.36 -2.01
C VAL G 38 1.68 16.18 -3.18
N ALA G 39 2.70 16.99 -2.94
CA ALA G 39 3.23 17.79 -4.03
C ALA G 39 4.68 17.43 -4.15
N VAL G 40 5.24 17.67 -5.32
CA VAL G 40 6.63 17.33 -5.59
C VAL G 40 7.25 18.52 -6.31
N ALA G 41 8.49 18.85 -5.99
CA ALA G 41 9.18 20.00 -6.59
C ALA G 41 10.47 19.57 -7.23
N PRO G 42 10.47 19.31 -8.53
CA PRO G 42 11.75 18.91 -9.11
C PRO G 42 12.58 20.09 -9.63
N PRO G 43 13.86 19.84 -9.99
CA PRO G 43 14.70 20.93 -10.51
C PRO G 43 14.02 21.43 -11.77
N ALA G 44 14.11 22.73 -12.08
CA ALA G 44 13.50 23.32 -13.29
C ALA G 44 13.71 22.47 -14.54
N LEU G 45 14.92 21.96 -14.76
CA LEU G 45 15.19 21.09 -15.90
C LEU G 45 14.22 19.89 -16.07
N PHE G 46 13.65 19.37 -14.97
CA PHE G 46 12.75 18.20 -15.03
C PHE G 46 11.26 18.45 -14.80
N VAL G 47 10.83 19.70 -14.82
CA VAL G 47 9.41 20.01 -14.66
C VAL G 47 8.62 19.44 -15.83
N ASP G 48 9.20 19.47 -17.02
CA ASP G 48 8.54 18.91 -18.20
C ASP G 48 8.36 17.39 -18.09
N LEU G 49 9.45 16.67 -17.81
CA LEU G 49 9.40 15.22 -17.67
C LEU G 49 8.46 14.82 -16.54
N ALA G 50 8.39 15.63 -15.48
CA ALA G 50 7.49 15.34 -14.38
C ALA G 50 6.03 15.48 -14.81
N GLU G 51 5.72 16.51 -15.59
CA GLU G 51 4.34 16.67 -16.06
C GLU G 51 3.97 15.51 -16.96
N ARG G 52 4.86 15.17 -17.89
CA ARG G 52 4.60 14.07 -18.83
C ARG G 52 4.28 12.75 -18.11
N THR G 53 5.08 12.43 -17.11
CA THR G 53 4.92 11.22 -16.33
C THR G 53 3.61 11.21 -15.53
N LEU G 54 3.36 12.28 -14.78
CA LEU G 54 2.16 12.39 -13.95
C LEU G 54 0.92 12.37 -14.80
N THR G 55 0.99 12.96 -15.99
CA THR G 55 -0.13 12.97 -16.89
C THR G 55 -0.40 11.57 -17.40
N GLU G 56 0.61 10.92 -17.94
CA GLU G 56 0.42 9.57 -18.44
C GLU G 56 -0.22 8.65 -17.43
N ALA G 57 0.14 8.83 -16.16
CA ALA G 57 -0.40 7.99 -15.09
C ALA G 57 -1.71 8.49 -14.51
N GLY G 58 -2.09 9.71 -14.85
CA GLY G 58 -3.32 10.25 -14.29
C GLY G 58 -3.12 10.48 -12.81
N SER G 59 -1.88 10.79 -12.40
CA SER G 59 -1.60 11.00 -11.00
C SER G 59 -2.25 12.25 -10.46
N ALA G 60 -2.53 12.24 -9.17
CA ALA G 60 -3.13 13.37 -8.49
C ALA G 60 -2.02 14.16 -7.81
N ILE G 61 -0.80 13.64 -7.86
CA ILE G 61 0.33 14.32 -7.26
C ILE G 61 0.45 15.71 -7.88
N ILE G 62 0.62 16.71 -7.03
CA ILE G 62 0.76 18.10 -7.43
C ILE G 62 2.21 18.39 -7.81
N LEU G 63 2.37 19.23 -8.83
CA LEU G 63 3.68 19.63 -9.33
C LEU G 63 4.03 21.05 -8.84
N GLY G 64 5.25 21.23 -8.37
CA GLY G 64 5.69 22.52 -7.90
C GLY G 64 7.08 22.79 -8.41
N ALA G 65 7.72 23.85 -7.91
CA ALA G 65 9.07 24.24 -8.31
C ALA G 65 9.84 24.78 -7.10
N GLN G 66 11.15 24.92 -7.23
CA GLN G 66 11.97 25.31 -6.11
C GLN G 66 12.23 26.76 -5.91
N ASN G 67 11.77 27.59 -6.86
CA ASN G 67 12.00 29.01 -6.80
C ASN G 67 11.33 29.72 -7.96
N THR G 68 11.24 31.04 -7.90
CA THR G 68 10.70 31.87 -9.00
C THR G 68 11.39 33.21 -9.03
N ASP G 69 11.29 33.90 -10.16
CA ASP G 69 11.82 35.24 -10.26
C ASP G 69 10.62 36.18 -10.38
N LEU G 70 10.89 37.46 -10.61
CA LEU G 70 9.81 38.42 -10.63
C LEU G 70 9.25 38.85 -11.98
N ASN G 71 9.53 38.10 -13.04
CA ASN G 71 9.02 38.48 -14.35
C ASN G 71 8.49 37.29 -15.11
N ASN G 72 7.51 37.54 -15.95
CA ASN G 72 6.94 36.50 -16.76
C ASN G 72 7.62 36.36 -18.08
N SER G 73 8.09 37.49 -18.61
CA SER G 73 8.79 37.48 -19.89
C SER G 73 9.61 38.73 -20.04
N GLY G 74 10.48 38.74 -21.04
CA GLY G 74 11.31 39.91 -21.23
C GLY G 74 12.79 39.59 -21.22
N ALA G 75 13.59 40.64 -21.14
CA ALA G 75 15.02 40.51 -21.15
C ALA G 75 15.59 40.24 -19.78
N PHE G 76 15.48 39.00 -19.33
CA PHE G 76 16.03 38.65 -18.04
C PHE G 76 16.64 37.26 -18.20
N THR G 77 17.85 37.23 -18.73
CA THR G 77 18.57 35.99 -18.96
C THR G 77 18.70 35.15 -17.71
N GLY G 78 18.38 33.87 -17.86
CA GLY G 78 18.52 32.94 -16.78
C GLY G 78 17.45 32.94 -15.73
N ASP G 79 16.39 33.73 -15.88
CA ASP G 79 15.32 33.81 -14.87
C ASP G 79 14.18 32.79 -15.00
N MET G 80 13.50 32.56 -13.88
CA MET G 80 12.37 31.62 -13.77
C MET G 80 11.09 32.40 -13.90
N SER G 81 10.23 31.99 -14.82
CA SER G 81 9.00 32.70 -15.04
C SER G 81 7.76 31.96 -14.63
N PRO G 82 6.93 32.56 -13.76
CA PRO G 82 5.67 31.97 -13.27
C PRO G 82 4.76 31.58 -14.43
N ALA G 83 4.76 32.35 -15.50
CA ALA G 83 3.90 32.02 -16.63
C ALA G 83 4.36 30.75 -17.37
N MET G 84 5.68 30.54 -17.42
CA MET G 84 6.27 29.34 -18.04
C MET G 84 6.01 28.14 -17.15
N LEU G 85 6.06 28.35 -15.83
CA LEU G 85 5.78 27.28 -14.88
C LEU G 85 4.33 26.82 -15.07
N LYS G 86 3.41 27.77 -15.19
CA LYS G 86 2.00 27.49 -15.40
C LYS G 86 1.71 26.69 -16.64
N GLU G 87 2.60 26.69 -17.62
CA GLU G 87 2.35 25.88 -18.82
C GLU G 87 2.55 24.42 -18.56
N PHE G 88 3.26 24.10 -17.49
CA PHE G 88 3.51 22.72 -17.13
C PHE G 88 2.56 22.24 -16.02
N GLY G 89 1.63 23.10 -15.61
CA GLY G 89 0.74 22.75 -14.54
C GLY G 89 1.35 22.90 -13.14
N ALA G 90 2.58 23.44 -13.01
CA ALA G 90 3.24 23.61 -11.72
C ALA G 90 2.47 24.65 -10.91
N THR G 91 2.15 24.39 -9.65
CA THR G 91 1.37 25.35 -8.88
C THR G 91 1.93 25.80 -7.58
N HIS G 92 2.60 24.88 -6.88
CA HIS G 92 3.18 25.19 -5.57
C HIS G 92 4.64 25.55 -5.77
N ILE G 93 4.99 26.79 -5.46
CA ILE G 93 6.37 27.27 -5.66
C ILE G 93 7.06 27.64 -4.39
N ILE G 94 8.14 26.94 -4.05
CA ILE G 94 8.89 27.22 -2.84
C ILE G 94 9.65 28.55 -3.03
N ILE G 95 9.58 29.44 -2.05
CA ILE G 95 10.32 30.70 -2.11
C ILE G 95 10.84 30.98 -0.71
N GLY G 96 12.01 31.59 -0.65
CA GLY G 96 12.60 31.90 0.63
C GLY G 96 13.32 30.77 1.32
N HIS G 97 13.56 29.66 0.65
CA HIS G 97 14.23 28.56 1.29
C HIS G 97 15.52 29.06 1.89
N SER G 98 15.96 28.48 3.00
CA SER G 98 17.17 28.93 3.65
C SER G 98 18.41 28.85 2.81
N GLU G 99 18.49 27.84 1.94
CA GLU G 99 19.64 27.67 1.08
C GLU G 99 19.75 28.87 0.13
N ARG G 100 18.62 29.38 -0.36
CA ARG G 100 18.65 30.56 -1.24
C ARG G 100 18.88 31.83 -0.43
N ARG G 101 18.22 31.93 0.72
CA ARG G 101 18.37 33.08 1.60
C ARG G 101 19.85 33.17 1.99
N GLU G 102 20.52 32.04 2.07
CA GLU G 102 21.91 32.09 2.43
C GLU G 102 22.87 32.17 1.29
N TYR G 103 22.79 31.20 0.39
CA TYR G 103 23.71 31.17 -0.75
C TYR G 103 23.52 32.26 -1.79
N HIS G 104 22.30 32.76 -1.95
CA HIS G 104 22.01 33.77 -2.95
C HIS G 104 21.64 35.09 -2.32
N ALA G 105 21.77 35.15 -1.01
CA ALA G 105 21.46 36.34 -0.24
C ALA G 105 20.11 36.95 -0.60
N GLU G 106 19.05 36.15 -0.56
CA GLU G 106 17.71 36.62 -0.81
C GLU G 106 17.14 37.22 0.50
N SER G 107 16.76 38.49 0.42
CA SER G 107 16.26 39.23 1.56
C SER G 107 14.80 39.02 1.77
N ASP G 108 14.27 39.49 2.89
CA ASP G 108 12.85 39.35 3.14
C ASP G 108 12.07 40.14 2.13
N GLU G 109 12.61 41.29 1.73
CA GLU G 109 11.95 42.15 0.75
C GLU G 109 11.89 41.49 -0.62
N PHE G 110 12.97 40.81 -1.01
CA PHE G 110 13.01 40.11 -2.29
C PHE G 110 12.02 38.94 -2.22
N VAL G 111 12.08 38.16 -1.14
CA VAL G 111 11.16 37.02 -0.98
C VAL G 111 9.71 37.48 -0.97
N ALA G 112 9.40 38.56 -0.27
CA ALA G 112 8.02 39.04 -0.27
C ALA G 112 7.60 39.48 -1.66
N LYS G 113 8.53 40.02 -2.45
CA LYS G 113 8.18 40.42 -3.81
C LYS G 113 7.80 39.17 -4.60
N LYS G 114 8.53 38.08 -4.40
CA LYS G 114 8.18 36.84 -5.08
C LYS G 114 6.79 36.31 -4.64
N PHE G 115 6.43 36.56 -3.39
CA PHE G 115 5.13 36.12 -2.86
C PHE G 115 3.98 36.81 -3.57
N ALA G 116 4.14 38.10 -3.78
CA ALA G 116 3.12 38.90 -4.43
C ALA G 116 2.95 38.55 -5.90
N PHE G 117 4.07 38.34 -6.57
CA PHE G 117 4.03 38.00 -7.99
C PHE G 117 3.37 36.63 -8.18
N LEU G 118 3.63 35.70 -7.27
CA LEU G 118 3.05 34.38 -7.36
C LEU G 118 1.56 34.54 -7.21
N LYS G 119 1.15 35.24 -6.17
CA LYS G 119 -0.27 35.45 -5.97
C LYS G 119 -0.86 36.07 -7.22
N GLU G 120 -0.24 37.13 -7.74
CA GLU G 120 -0.76 37.77 -8.98
C GLU G 120 -0.96 36.78 -10.11
N ASN G 121 -0.09 35.77 -10.17
CA ASN G 121 -0.18 34.79 -11.23
C ASN G 121 -1.05 33.60 -10.97
N GLY G 122 -1.71 33.58 -9.80
CA GLY G 122 -2.61 32.49 -9.47
C GLY G 122 -1.95 31.24 -8.95
N LEU G 123 -0.68 31.36 -8.56
CA LEU G 123 0.09 30.23 -8.05
C LEU G 123 0.11 30.24 -6.53
N THR G 124 0.53 29.12 -5.95
CA THR G 124 0.57 28.94 -4.52
C THR G 124 1.95 29.03 -3.95
N PRO G 125 2.26 30.12 -3.25
CA PRO G 125 3.60 30.23 -2.67
C PRO G 125 3.74 29.35 -1.41
N VAL G 126 4.93 28.75 -1.22
CA VAL G 126 5.19 27.97 -0.03
C VAL G 126 6.28 28.82 0.56
N LEU G 127 5.88 29.70 1.47
CA LEU G 127 6.80 30.64 2.07
C LEU G 127 7.62 29.97 3.16
N CYS G 128 8.94 29.95 3.02
CA CYS G 128 9.79 29.35 4.05
C CYS G 128 10.27 30.43 5.02
N ILE G 129 10.24 30.14 6.31
CA ILE G 129 10.69 31.06 7.36
C ILE G 129 11.41 30.19 8.40
N GLY G 130 12.31 30.75 9.22
CA GLY G 130 13.01 29.93 10.20
C GLY G 130 14.18 30.65 10.84
N GLU G 131 14.54 30.23 12.05
CA GLU G 131 15.63 30.90 12.76
C GLU G 131 16.92 30.11 12.65
N SER G 132 18.05 30.78 12.86
CA SER G 132 19.32 30.07 12.84
C SER G 132 19.68 29.56 14.25
N ASP G 133 20.72 28.74 14.34
CA ASP G 133 21.20 28.21 15.61
C ASP G 133 21.43 29.29 16.68
N ALA G 134 22.07 30.37 16.28
CA ALA G 134 22.35 31.42 17.22
C ALA G 134 21.08 32.13 17.65
N GLN G 135 20.21 32.46 16.70
CA GLN G 135 18.95 33.15 17.02
C GLN G 135 18.11 32.29 17.96
N ASN G 136 18.13 31.00 17.67
CA ASN G 136 17.44 30.03 18.46
C ASN G 136 17.95 30.10 19.88
N GLU G 137 19.26 29.88 20.03
CA GLU G 137 19.91 29.91 21.35
C GLU G 137 19.71 31.24 22.04
N ALA G 138 19.76 32.33 21.29
CA ALA G 138 19.56 33.65 21.88
C ALA G 138 18.08 33.91 22.18
N GLY G 139 17.25 32.91 21.89
CA GLY G 139 15.82 33.03 22.12
C GLY G 139 15.08 34.03 21.24
N GLU G 140 15.50 34.20 19.99
CA GLU G 140 14.83 35.15 19.10
C GLU G 140 13.95 34.51 18.04
N THR G 141 13.67 33.21 18.16
CA THR G 141 12.84 32.48 17.20
C THR G 141 11.59 33.20 16.65
N MET G 142 10.69 33.64 17.52
CA MET G 142 9.52 34.35 17.04
C MET G 142 9.85 35.73 16.51
N ALA G 143 10.92 36.31 16.99
CA ALA G 143 11.34 37.61 16.51
C ALA G 143 11.70 37.47 15.01
N VAL G 144 12.52 36.48 14.69
CA VAL G 144 12.92 36.23 13.31
C VAL G 144 11.70 35.86 12.45
N CYS G 145 10.93 34.90 12.94
CA CYS G 145 9.77 34.44 12.21
C CYS G 145 8.82 35.57 11.95
N ALA G 146 8.39 36.26 13.00
CA ALA G 146 7.45 37.36 12.85
C ALA G 146 7.97 38.37 11.84
N ARG G 147 9.28 38.59 11.87
CA ARG G 147 9.91 39.53 10.97
C ARG G 147 9.78 39.08 9.54
N GLN G 148 10.09 37.81 9.28
CA GLN G 148 9.97 37.29 7.92
C GLN G 148 8.53 37.24 7.34
N LEU G 149 7.55 36.96 8.21
CA LEU G 149 6.15 36.89 7.82
C LEU G 149 5.66 38.30 7.55
N ASP G 150 6.03 39.20 8.47
CA ASP G 150 5.69 40.61 8.41
C ASP G 150 6.12 41.30 7.14
N ALA G 151 7.14 40.75 6.48
CA ALA G 151 7.59 41.30 5.23
C ALA G 151 6.44 41.19 4.20
N VAL G 152 5.59 40.16 4.28
CA VAL G 152 4.51 40.11 3.32
C VAL G 152 3.25 40.70 3.92
N ILE G 153 3.02 40.45 5.21
CA ILE G 153 1.83 40.97 5.91
C ILE G 153 1.77 42.50 5.91
N ASN G 154 2.88 43.13 6.25
CA ASN G 154 2.91 44.60 6.29
C ASN G 154 2.89 45.31 4.96
N THR G 155 3.29 44.64 3.89
CA THR G 155 3.30 45.27 2.59
C THR G 155 2.12 44.82 1.77
N GLN G 156 1.54 43.66 2.11
CA GLN G 156 0.42 43.16 1.33
C GLN G 156 -0.90 42.92 2.07
N GLY G 157 -0.85 42.73 3.39
CA GLY G 157 -2.08 42.50 4.15
C GLY G 157 -2.24 41.04 4.52
N VAL G 158 -2.75 40.75 5.71
CA VAL G 158 -2.92 39.35 6.13
C VAL G 158 -3.65 38.50 5.14
N GLU G 159 -4.60 39.06 4.41
CA GLU G 159 -5.35 38.24 3.48
C GLU G 159 -4.51 37.71 2.35
N ALA G 160 -3.30 38.22 2.19
CA ALA G 160 -2.40 37.73 1.17
C ALA G 160 -2.01 36.28 1.47
N LEU G 161 -2.04 35.89 2.75
CA LEU G 161 -1.66 34.53 3.19
C LEU G 161 -2.72 33.51 2.88
N GLU G 162 -3.90 34.00 2.50
CA GLU G 162 -5.01 33.14 2.16
C GLU G 162 -4.62 32.37 0.90
N GLY G 163 -4.63 31.04 0.98
CA GLY G 163 -4.25 30.21 -0.16
C GLY G 163 -2.74 30.01 -0.30
N ALA G 164 -2.00 30.37 0.74
CA ALA G 164 -0.54 30.24 0.77
C ALA G 164 -0.22 29.17 1.80
N ILE G 165 0.97 28.60 1.68
CA ILE G 165 1.45 27.61 2.62
C ILE G 165 2.68 28.27 3.22
N ILE G 166 2.89 28.07 4.52
CA ILE G 166 4.03 28.61 5.26
C ILE G 166 4.77 27.38 5.78
N ALA G 167 6.07 27.29 5.57
CA ALA G 167 6.83 26.16 6.06
C ALA G 167 7.81 26.68 7.05
N TYR G 168 7.61 26.30 8.29
CA TYR G 168 8.53 26.71 9.31
C TYR G 168 9.71 25.74 9.30
N GLU G 169 10.93 26.23 9.08
CA GLU G 169 12.11 25.37 9.09
C GLU G 169 13.23 25.88 10.01
N PRO G 170 13.49 25.17 11.12
CA PRO G 170 14.56 25.61 12.03
C PRO G 170 15.80 25.34 11.24
N ILE G 171 16.46 26.39 10.76
CA ILE G 171 17.65 26.21 9.92
C ILE G 171 18.59 25.11 10.35
N TRP G 172 18.92 25.06 11.63
CA TRP G 172 19.80 23.98 12.12
C TRP G 172 19.21 22.55 12.00
N ALA G 173 17.94 22.43 11.58
CA ALA G 173 17.31 21.11 11.46
C ALA G 173 17.36 20.60 10.05
N ILE G 174 17.65 21.53 9.12
CA ILE G 174 17.71 21.17 7.71
C ILE G 174 19.00 20.42 7.39
N GLY G 175 18.82 19.25 6.76
CA GLY G 175 19.91 18.38 6.35
C GLY G 175 20.80 17.79 7.45
N THR G 176 20.73 18.38 8.64
CA THR G 176 21.54 18.04 9.79
C THR G 176 21.23 16.75 10.56
N GLY G 177 20.05 16.19 10.34
CA GLY G 177 19.64 14.99 11.06
C GLY G 177 18.98 15.34 12.40
N LYS G 178 19.31 16.52 12.93
CA LYS G 178 18.79 16.98 14.20
C LYS G 178 17.45 17.73 14.01
N ALA G 179 16.34 17.02 14.21
CA ALA G 179 15.01 17.61 14.11
C ALA G 179 14.58 18.18 15.44
N ALA G 180 13.81 19.27 15.39
CA ALA G 180 13.27 19.88 16.59
C ALA G 180 12.30 18.82 17.18
N THR G 181 11.88 18.92 18.42
CA THR G 181 10.94 17.94 18.91
C THR G 181 9.58 18.38 18.46
N ALA G 182 8.66 17.44 18.32
CA ALA G 182 7.30 17.78 17.90
C ALA G 182 6.62 18.76 18.87
N GLU G 183 7.01 18.75 20.14
CA GLU G 183 6.41 19.62 21.13
C GLU G 183 6.91 21.06 20.94
N ASP G 184 8.20 21.26 20.66
CA ASP G 184 8.75 22.58 20.41
C ASP G 184 8.25 23.11 19.10
N ALA G 185 8.15 22.22 18.10
CA ALA G 185 7.61 22.59 16.79
C ALA G 185 6.14 23.07 16.95
N GLN G 186 5.35 22.31 17.71
CA GLN G 186 3.95 22.67 17.93
C GLN G 186 3.89 24.03 18.65
N ARG G 187 4.84 24.27 19.52
CA ARG G 187 4.90 25.51 20.26
C ARG G 187 5.17 26.69 19.36
N ILE G 188 6.05 26.53 18.36
CA ILE G 188 6.36 27.62 17.43
C ILE G 188 5.22 27.84 16.43
N HIS G 189 4.59 26.76 15.99
CA HIS G 189 3.48 26.87 15.05
C HIS G 189 2.27 27.61 15.64
N ALA G 190 1.99 27.34 16.91
CA ALA G 190 0.87 27.97 17.58
C ALA G 190 1.11 29.47 17.68
N GLN G 191 2.37 29.86 17.87
CA GLN G 191 2.72 31.27 17.96
C GLN G 191 2.75 31.95 16.58
N ILE G 192 3.21 31.22 15.57
CA ILE G 192 3.20 31.73 14.21
C ILE G 192 1.73 31.97 13.89
N ARG G 193 0.88 31.02 14.29
CA ARG G 193 -0.55 31.18 14.03
C ARG G 193 -1.13 32.33 14.80
N ALA G 194 -0.72 32.48 16.05
CA ALA G 194 -1.24 33.56 16.89
C ALA G 194 -0.88 34.91 16.30
N HIS G 195 0.29 35.01 15.69
CA HIS G 195 0.76 36.25 15.07
C HIS G 195 -0.12 36.71 13.90
N ILE G 196 -0.50 35.75 13.07
CA ILE G 196 -1.37 36.02 11.94
C ILE G 196 -2.79 36.33 12.45
N ALA G 197 -3.22 35.60 13.46
CA ALA G 197 -4.54 35.79 14.06
C ALA G 197 -4.66 37.17 14.71
N GLU G 198 -3.55 37.77 15.08
CA GLU G 198 -3.65 39.08 15.68
C GLU G 198 -4.19 40.00 14.61
N LYS G 199 -3.96 39.65 13.34
CA LYS G 199 -4.43 40.47 12.23
C LYS G 199 -5.70 39.92 11.62
N SER G 200 -5.86 38.60 11.58
CA SER G 200 -7.08 37.95 11.07
C SER G 200 -7.25 36.51 11.60
N GLU G 201 -8.37 36.23 12.24
CA GLU G 201 -8.61 34.89 12.77
C GLU G 201 -9.03 33.96 11.67
N ALA G 202 -9.75 34.50 10.69
CA ALA G 202 -10.22 33.71 9.57
C ALA G 202 -9.00 33.19 8.79
N VAL G 203 -8.07 34.08 8.46
CA VAL G 203 -6.86 33.68 7.73
C VAL G 203 -6.09 32.69 8.61
N ALA G 204 -5.79 33.07 9.85
CA ALA G 204 -5.07 32.18 10.74
C ALA G 204 -5.64 30.76 10.85
N LYS G 205 -6.95 30.62 10.95
CA LYS G 205 -7.53 29.29 11.11
C LYS G 205 -7.35 28.39 9.91
N ASN G 206 -7.20 28.99 8.76
CA ASN G 206 -7.11 28.23 7.53
C ASN G 206 -5.77 28.10 6.90
N VAL G 207 -4.79 28.84 7.35
CA VAL G 207 -3.48 28.77 6.72
C VAL G 207 -2.80 27.47 7.12
N VAL G 208 -2.27 26.77 6.10
CA VAL G 208 -1.53 25.53 6.28
C VAL G 208 -0.10 25.89 6.68
N ILE G 209 0.33 25.49 7.88
CA ILE G 209 1.68 25.78 8.32
C ILE G 209 2.42 24.44 8.34
N GLN G 210 3.41 24.29 7.49
CA GLN G 210 4.15 23.05 7.44
C GLN G 210 5.40 23.09 8.33
N TYR G 211 5.84 21.91 8.74
CA TYR G 211 7.07 21.79 9.50
C TYR G 211 8.18 21.38 8.54
N GLY G 212 9.36 21.97 8.68
CA GLY G 212 10.45 21.63 7.79
C GLY G 212 11.80 21.22 8.33
N GLY G 213 11.87 20.57 9.47
CA GLY G 213 13.18 20.16 9.98
C GLY G 213 13.57 18.93 9.21
N SER G 214 14.06 17.90 9.88
CA SER G 214 14.43 16.66 9.19
C SER G 214 13.28 15.66 9.37
N VAL G 215 12.17 15.84 8.66
CA VAL G 215 11.08 14.89 8.79
C VAL G 215 11.49 13.55 8.15
N LYS G 216 11.34 12.47 8.91
CA LYS G 216 11.66 11.11 8.46
C LYS G 216 10.49 10.25 8.80
N PRO G 217 10.42 9.05 8.22
CA PRO G 217 9.29 8.18 8.53
C PRO G 217 9.27 7.83 10.01
N GLU G 218 10.43 7.81 10.66
CA GLU G 218 10.44 7.47 12.09
C GLU G 218 9.85 8.53 13.02
N ASN G 219 9.91 9.80 12.62
CA ASN G 219 9.38 10.87 13.43
C ASN G 219 8.17 11.62 12.83
N ALA G 220 7.65 11.18 11.68
CA ALA G 220 6.53 11.89 11.10
C ALA G 220 5.27 11.96 11.94
N ALA G 221 4.72 10.83 12.35
CA ALA G 221 3.46 10.77 13.14
C ALA G 221 3.45 11.62 14.40
N ALA G 222 4.61 11.74 15.04
CA ALA G 222 4.74 12.55 16.22
C ALA G 222 4.43 13.98 15.82
N TYR G 223 4.96 14.42 14.67
CA TYR G 223 4.70 15.78 14.20
C TYR G 223 3.25 15.98 13.78
N PHE G 224 2.76 15.10 12.93
CA PHE G 224 1.38 15.23 12.44
C PHE G 224 0.36 15.09 13.53
N ALA G 225 0.80 14.68 14.71
CA ALA G 225 -0.08 14.55 15.85
C ALA G 225 -0.43 15.90 16.51
N GLN G 226 0.45 16.90 16.33
CA GLN G 226 0.27 18.24 16.89
C GLN G 226 -0.82 19.01 16.14
N PRO G 227 -1.68 19.71 16.87
CA PRO G 227 -2.74 20.44 16.19
C PRO G 227 -2.33 21.57 15.24
N ASP G 228 -1.22 22.22 15.52
CA ASP G 228 -0.86 23.31 14.65
C ASP G 228 0.12 22.96 13.55
N ILE G 229 0.44 21.68 13.40
CA ILE G 229 1.36 21.23 12.33
C ILE G 229 0.49 20.59 11.23
N ASP G 230 0.33 21.32 10.10
CA ASP G 230 -0.51 20.93 8.94
C ASP G 230 0.14 20.13 7.79
N GLY G 231 1.41 19.81 7.92
CA GLY G 231 2.07 19.03 6.90
C GLY G 231 3.55 19.11 7.11
N ALA G 232 4.29 18.76 6.06
CA ALA G 232 5.75 18.78 6.10
C ALA G 232 6.32 19.15 4.74
N LEU G 233 7.48 19.83 4.78
CA LEU G 233 8.23 20.17 3.57
C LEU G 233 9.41 19.24 3.76
N VAL G 234 9.45 18.18 2.97
CA VAL G 234 10.48 17.16 3.09
C VAL G 234 11.61 17.30 2.07
N GLY G 235 12.83 17.08 2.53
CA GLY G 235 13.99 17.17 1.65
C GLY G 235 14.51 15.78 1.33
N GLY G 236 15.53 15.34 2.07
CA GLY G 236 16.13 14.03 1.86
C GLY G 236 15.21 12.83 1.80
N ALA G 237 14.19 12.77 2.65
CA ALA G 237 13.29 11.63 2.63
C ALA G 237 12.38 11.66 1.42
N ALA G 238 12.39 12.77 0.67
CA ALA G 238 11.55 12.97 -0.51
C ALA G 238 12.03 12.16 -1.70
N LEU G 239 13.32 11.81 -1.67
CA LEU G 239 14.02 11.09 -2.73
C LEU G 239 13.84 9.58 -2.74
N ASP G 240 13.07 9.07 -1.78
CA ASP G 240 12.80 7.64 -1.68
C ASP G 240 11.27 7.52 -1.71
N ALA G 241 10.72 6.88 -2.73
CA ALA G 241 9.30 6.71 -2.85
C ALA G 241 8.66 6.05 -1.64
N LYS G 242 9.36 5.08 -1.04
CA LYS G 242 8.80 4.39 0.12
C LYS G 242 8.82 5.25 1.36
N SER G 243 9.82 6.12 1.48
CA SER G 243 9.94 7.05 2.60
C SER G 243 8.95 8.20 2.53
N PHE G 244 8.85 8.83 1.37
CA PHE G 244 7.96 9.94 1.17
C PHE G 244 6.48 9.45 1.29
N ALA G 245 6.18 8.29 0.74
CA ALA G 245 4.82 7.74 0.83
C ALA G 245 4.44 7.42 2.28
N ALA G 246 5.42 7.00 3.08
CA ALA G 246 5.19 6.70 4.49
C ALA G 246 4.84 7.99 5.22
N ILE G 247 5.65 9.03 4.99
CA ILE G 247 5.40 10.34 5.58
C ILE G 247 4.03 10.83 5.16
N ALA G 248 3.70 10.79 3.87
CA ALA G 248 2.35 11.21 3.43
C ALA G 248 1.21 10.46 4.16
N LYS G 249 1.29 9.14 4.28
CA LYS G 249 0.27 8.36 4.97
C LYS G 249 0.07 8.74 6.44
N ALA G 250 1.16 8.93 7.18
CA ALA G 250 1.07 9.36 8.58
C ALA G 250 0.27 10.68 8.66
N ALA G 251 0.47 11.58 7.72
CA ALA G 251 -0.27 12.82 7.73
C ALA G 251 -1.76 12.57 7.48
N ALA G 252 -2.06 11.66 6.54
CA ALA G 252 -3.47 11.34 6.19
C ALA G 252 -4.20 10.71 7.34
N GLU G 253 -3.58 9.70 7.97
CA GLU G 253 -4.20 9.05 9.10
C GLU G 253 -4.33 10.04 10.27
N ALA G 254 -3.28 10.81 10.53
CA ALA G 254 -3.25 11.76 11.65
C ALA G 254 -4.30 12.83 11.64
N LYS G 255 -4.68 13.29 10.47
CA LYS G 255 -5.64 14.38 10.37
C LYS G 255 -7.07 14.00 9.97
N ALA G 256 -7.39 12.71 10.01
CA ALA G 256 -8.74 12.25 9.68
C ALA G 256 -9.64 12.23 10.93
N ARG H 2 39.26 31.05 -37.28
CA ARG H 2 38.26 30.51 -36.27
C ARG H 2 36.92 30.34 -36.96
N HIS H 3 36.31 29.18 -36.78
CA HIS H 3 35.01 28.87 -37.36
C HIS H 3 34.00 29.81 -36.68
N PRO H 4 33.15 30.51 -37.45
CA PRO H 4 32.20 31.40 -36.74
C PRO H 4 31.12 30.65 -35.95
N VAL H 5 30.67 31.27 -34.86
CA VAL H 5 29.61 30.74 -33.99
C VAL H 5 28.54 31.78 -33.82
N VAL H 6 27.28 31.43 -34.09
CA VAL H 6 26.17 32.35 -33.90
C VAL H 6 25.23 31.76 -32.85
N MET H 7 25.00 32.51 -31.77
CA MET H 7 24.18 32.03 -30.67
C MET H 7 23.03 32.93 -30.37
N GLY H 8 21.86 32.31 -30.16
CA GLY H 8 20.68 33.07 -29.83
C GLY H 8 20.33 32.91 -28.38
N ASN H 9 20.19 34.02 -27.68
CA ASN H 9 19.83 34.01 -26.28
C ASN H 9 18.34 34.35 -26.25
N TRP H 10 17.47 33.38 -25.97
CA TRP H 10 16.03 33.70 -25.95
C TRP H 10 15.61 34.47 -24.71
N LYS H 11 16.47 34.49 -23.69
CA LYS H 11 16.15 35.18 -22.44
C LYS H 11 14.87 34.61 -21.80
N LEU H 12 13.95 35.46 -21.35
CA LEU H 12 12.74 35.00 -20.69
C LEU H 12 11.63 35.00 -21.70
N ASN H 13 11.77 34.14 -22.70
CA ASN H 13 10.78 34.04 -23.76
C ASN H 13 10.72 32.62 -24.16
N GLY H 14 9.50 32.10 -24.15
CA GLY H 14 9.27 30.73 -24.54
C GLY H 14 7.88 30.30 -24.10
N SER H 15 7.32 29.38 -24.86
CA SER H 15 6.03 28.79 -24.58
C SER H 15 6.09 27.43 -25.29
N LYS H 16 5.23 26.50 -24.93
CA LYS H 16 5.25 25.21 -25.58
C LYS H 16 5.06 25.30 -27.10
N GLU H 17 4.20 26.22 -27.57
CA GLU H 17 3.96 26.40 -29.03
C GLU H 17 5.16 27.03 -29.74
N MET H 18 5.61 28.16 -29.19
CA MET H 18 6.74 28.89 -29.72
C MET H 18 8.04 28.09 -29.84
N VAL H 19 8.43 27.42 -28.77
CA VAL H 19 9.66 26.66 -28.83
C VAL H 19 9.67 25.71 -30.01
N VAL H 20 8.57 25.02 -30.21
CA VAL H 20 8.49 24.05 -31.29
C VAL H 20 8.47 24.75 -32.62
N ASP H 21 7.60 25.73 -32.77
CA ASP H 21 7.54 26.49 -34.00
C ASP H 21 8.91 27.03 -34.39
N LEU H 22 9.50 27.86 -33.52
CA LEU H 22 10.80 28.48 -33.78
C LEU H 22 11.87 27.49 -34.18
N LEU H 23 12.05 26.46 -33.36
CA LEU H 23 13.08 25.46 -33.62
C LEU H 23 12.88 24.73 -34.93
N ASN H 24 11.63 24.54 -35.33
CA ASN H 24 11.33 23.82 -36.57
C ASN H 24 11.60 24.72 -37.77
N GLY H 25 11.10 25.96 -37.68
CA GLY H 25 11.32 26.94 -38.72
C GLY H 25 12.80 27.18 -38.86
N LEU H 26 13.47 27.31 -37.74
CA LEU H 26 14.89 27.53 -37.72
C LEU H 26 15.58 26.45 -38.54
N ASN H 27 15.27 25.20 -38.24
CA ASN H 27 15.92 24.10 -38.94
C ASN H 27 15.60 24.09 -40.43
N ALA H 28 14.40 24.53 -40.77
CA ALA H 28 13.99 24.58 -42.15
C ALA H 28 14.90 25.58 -42.89
N GLU H 29 14.96 26.81 -42.36
CA GLU H 29 15.75 27.87 -42.95
C GLU H 29 17.23 27.60 -43.02
N LEU H 30 17.76 26.82 -42.10
CA LEU H 30 19.20 26.58 -42.12
C LEU H 30 19.55 25.37 -42.93
N GLU H 31 18.52 24.77 -43.53
CA GLU H 31 18.66 23.57 -44.34
C GLU H 31 19.82 23.68 -45.33
N GLY H 32 20.87 22.90 -45.07
CA GLY H 32 22.02 22.91 -45.94
C GLY H 32 23.09 23.98 -45.72
N VAL H 33 22.82 24.98 -44.87
CA VAL H 33 23.81 26.04 -44.61
C VAL H 33 24.98 25.46 -43.83
N THR H 34 26.20 25.67 -44.32
CA THR H 34 27.37 25.12 -43.65
C THR H 34 28.34 26.23 -43.32
N GLY H 35 29.28 25.93 -42.42
CA GLY H 35 30.29 26.92 -42.06
C GLY H 35 30.03 27.88 -40.91
N VAL H 36 29.07 27.52 -40.05
CA VAL H 36 28.71 28.32 -38.88
C VAL H 36 28.16 27.39 -37.86
N ASP H 37 28.53 27.61 -36.60
CA ASP H 37 27.99 26.84 -35.51
C ASP H 37 26.83 27.69 -34.99
N VAL H 38 25.61 27.19 -35.12
CA VAL H 38 24.45 27.92 -34.65
C VAL H 38 24.04 27.32 -33.34
N ALA H 39 23.76 28.17 -32.36
CA ALA H 39 23.38 27.70 -31.05
C ALA H 39 22.15 28.42 -30.51
N VAL H 40 21.36 27.74 -29.68
CA VAL H 40 20.20 28.39 -29.05
C VAL H 40 20.21 28.16 -27.52
N ALA H 41 19.78 29.17 -26.76
CA ALA H 41 19.75 29.08 -25.30
C ALA H 41 18.36 29.36 -24.83
N PRO H 42 17.54 28.31 -24.68
CA PRO H 42 16.16 28.48 -24.22
C PRO H 42 16.15 28.57 -22.70
N PRO H 43 15.03 29.01 -22.13
CA PRO H 43 14.99 29.07 -20.67
C PRO H 43 15.11 27.62 -20.20
N ALA H 44 15.66 27.38 -19.03
CA ALA H 44 15.83 26.02 -18.52
C ALA H 44 14.57 25.18 -18.56
N LEU H 45 13.41 25.76 -18.31
CA LEU H 45 12.17 24.97 -18.39
C LEU H 45 11.91 24.34 -19.78
N PHE H 46 12.50 24.88 -20.87
CA PHE H 46 12.31 24.36 -22.23
C PHE H 46 13.48 23.67 -22.90
N VAL H 47 14.47 23.29 -22.11
CA VAL H 47 15.65 22.57 -22.62
C VAL H 47 15.22 21.15 -23.00
N ASP H 48 14.37 20.54 -22.17
CA ASP H 48 13.83 19.21 -22.44
C ASP H 48 13.14 19.23 -23.81
N LEU H 49 12.16 20.11 -23.97
CA LEU H 49 11.41 20.28 -25.23
C LEU H 49 12.39 20.52 -26.39
N ALA H 50 13.29 21.50 -26.22
CA ALA H 50 14.26 21.80 -27.25
C ALA H 50 15.07 20.57 -27.64
N GLU H 51 15.52 19.78 -26.67
CA GLU H 51 16.30 18.59 -27.03
C GLU H 51 15.46 17.60 -27.87
N ARG H 52 14.21 17.37 -27.47
CA ARG H 52 13.36 16.44 -28.17
C ARG H 52 13.03 16.93 -29.56
N THR H 53 12.72 18.21 -29.66
CA THR H 53 12.40 18.76 -30.97
C THR H 53 13.58 18.69 -31.95
N LEU H 54 14.77 19.05 -31.49
CA LEU H 54 15.95 19.04 -32.33
C LEU H 54 16.34 17.65 -32.78
N THR H 55 16.34 16.71 -31.84
CA THR H 55 16.69 15.32 -32.14
C THR H 55 15.74 14.76 -33.19
N GLU H 56 14.43 14.97 -33.01
CA GLU H 56 13.46 14.50 -33.99
C GLU H 56 13.84 15.03 -35.35
N ALA H 57 14.22 16.31 -35.42
CA ALA H 57 14.60 16.93 -36.68
C ALA H 57 16.00 16.53 -37.14
N GLY H 58 16.73 15.79 -36.32
CA GLY H 58 18.09 15.43 -36.68
C GLY H 58 18.87 16.72 -36.90
N SER H 59 18.46 17.79 -36.23
CA SER H 59 19.09 19.10 -36.36
C SER H 59 20.50 19.16 -35.88
N ALA H 60 21.31 20.04 -36.48
CA ALA H 60 22.70 20.17 -36.04
C ALA H 60 22.87 21.40 -35.18
N ILE H 61 21.78 22.12 -34.94
CA ILE H 61 21.76 23.28 -34.08
C ILE H 61 22.24 22.83 -32.68
N ILE H 62 23.08 23.64 -32.05
CA ILE H 62 23.63 23.31 -30.74
C ILE H 62 22.68 23.79 -29.65
N LEU H 63 22.63 23.04 -28.54
CA LEU H 63 21.76 23.40 -27.43
C LEU H 63 22.58 24.08 -26.33
N GLY H 64 22.13 25.25 -25.90
CA GLY H 64 22.84 25.92 -24.84
C GLY H 64 21.87 26.25 -23.73
N ALA H 65 22.31 26.96 -22.69
CA ALA H 65 21.42 27.38 -21.60
C ALA H 65 21.91 28.77 -21.18
N GLN H 66 21.08 29.52 -20.46
CA GLN H 66 21.38 30.90 -20.07
C GLN H 66 22.12 31.21 -18.77
N ASN H 67 22.48 30.18 -17.99
CA ASN H 67 23.17 30.39 -16.75
C ASN H 67 23.55 29.08 -16.16
N THR H 68 24.36 29.15 -15.11
CA THR H 68 24.78 27.97 -14.39
C THR H 68 25.13 28.36 -12.98
N ASP H 69 25.05 27.37 -12.09
CA ASP H 69 25.40 27.55 -10.70
C ASP H 69 26.65 26.73 -10.43
N LEU H 70 27.12 26.75 -9.19
CA LEU H 70 28.37 26.10 -8.83
C LEU H 70 28.37 24.68 -8.29
N ASN H 71 27.29 23.94 -8.47
CA ASN H 71 27.25 22.57 -7.98
C ASN H 71 26.45 21.73 -8.92
N ASN H 72 26.81 20.45 -8.96
CA ASN H 72 26.11 19.53 -9.82
C ASN H 72 24.98 18.82 -9.14
N SER H 73 25.08 18.73 -7.81
CA SER H 73 24.04 18.06 -7.02
C SER H 73 24.17 18.39 -5.55
N GLY H 74 23.12 18.09 -4.78
CA GLY H 74 23.17 18.39 -3.37
C GLY H 74 22.06 19.29 -2.89
N ALA H 75 22.22 19.79 -1.67
CA ALA H 75 21.25 20.65 -1.05
C ALA H 75 21.42 22.11 -1.49
N PHE H 76 20.95 22.40 -2.69
CA PHE H 76 21.03 23.71 -3.23
C PHE H 76 19.74 23.97 -3.97
N THR H 77 18.69 24.23 -3.20
CA THR H 77 17.36 24.53 -3.72
C THR H 77 17.35 25.58 -4.81
N GLY H 78 16.75 25.24 -5.94
CA GLY H 78 16.66 26.16 -7.06
C GLY H 78 17.86 26.31 -7.98
N ASP H 79 19.00 25.66 -7.72
CA ASP H 79 20.19 25.84 -8.57
C ASP H 79 20.19 25.16 -9.90
N MET H 80 21.08 25.64 -10.79
CA MET H 80 21.27 25.12 -12.13
C MET H 80 22.47 24.21 -12.10
N SER H 81 22.28 22.94 -12.43
CA SER H 81 23.37 21.95 -12.42
C SER H 81 23.99 21.70 -13.78
N PRO H 82 25.33 21.89 -13.91
CA PRO H 82 25.99 21.65 -15.18
C PRO H 82 25.77 20.19 -15.57
N ALA H 83 25.88 19.30 -14.59
CA ALA H 83 25.70 17.88 -14.84
C ALA H 83 24.31 17.54 -15.39
N MET H 84 23.28 18.19 -14.86
CA MET H 84 21.92 17.95 -15.33
C MET H 84 21.72 18.51 -16.71
N LEU H 85 22.39 19.63 -17.01
CA LEU H 85 22.28 20.26 -18.32
C LEU H 85 22.85 19.32 -19.41
N LYS H 86 23.90 18.59 -19.06
CA LYS H 86 24.57 17.62 -19.94
C LYS H 86 23.62 16.51 -20.33
N GLU H 87 22.71 16.17 -19.43
CA GLU H 87 21.79 15.11 -19.72
C GLU H 87 20.87 15.40 -20.93
N PHE H 88 20.71 16.68 -21.26
CA PHE H 88 19.85 17.08 -22.36
C PHE H 88 20.68 17.50 -23.55
N GLY H 89 21.98 17.21 -23.47
CA GLY H 89 22.88 17.57 -24.54
C GLY H 89 23.22 19.06 -24.64
N ALA H 90 23.01 19.84 -23.57
CA ALA H 90 23.34 21.27 -23.62
C ALA H 90 24.86 21.42 -23.45
N THR H 91 25.52 22.26 -24.25
CA THR H 91 26.96 22.42 -24.12
C THR H 91 27.47 23.83 -23.97
N HIS H 92 26.75 24.79 -24.56
CA HIS H 92 27.18 26.19 -24.50
C HIS H 92 26.40 26.95 -23.47
N ILE H 93 27.06 27.36 -22.39
CA ILE H 93 26.36 28.05 -21.29
C ILE H 93 26.70 29.51 -21.15
N ILE H 94 25.72 30.39 -21.32
CA ILE H 94 25.96 31.84 -21.17
C ILE H 94 26.16 32.19 -19.68
N ILE H 95 27.25 32.88 -19.37
CA ILE H 95 27.55 33.29 -18.00
C ILE H 95 28.04 34.72 -18.00
N GLY H 96 27.76 35.43 -16.91
CA GLY H 96 28.17 36.81 -16.79
C GLY H 96 27.34 37.76 -17.62
N HIS H 97 26.23 37.32 -18.17
CA HIS H 97 25.44 38.24 -18.97
C HIS H 97 25.15 39.49 -18.09
N SER H 98 25.06 40.67 -18.70
CA SER H 98 24.84 41.89 -17.93
C SER H 98 23.53 41.93 -17.19
N GLU H 99 22.52 41.23 -17.71
CA GLU H 99 21.21 41.22 -17.07
C GLU H 99 21.34 40.53 -15.72
N ARG H 100 22.15 39.48 -15.69
CA ARG H 100 22.38 38.78 -14.43
C ARG H 100 23.37 39.57 -13.55
N ARG H 101 24.28 40.32 -14.15
CA ARG H 101 25.23 41.09 -13.34
C ARG H 101 24.49 42.26 -12.68
N GLU H 102 23.64 42.94 -13.44
CA GLU H 102 22.85 44.06 -12.95
C GLU H 102 21.79 43.57 -11.95
N TYR H 103 20.89 42.72 -12.42
CA TYR H 103 19.79 42.23 -11.60
C TYR H 103 20.08 41.30 -10.47
N HIS H 104 21.02 40.38 -10.67
CA HIS H 104 21.36 39.39 -9.66
C HIS H 104 22.67 39.67 -8.99
N ALA H 105 23.20 40.85 -9.29
CA ALA H 105 24.45 41.30 -8.72
C ALA H 105 25.56 40.25 -8.78
N GLU H 106 25.79 39.70 -9.96
CA GLU H 106 26.84 38.70 -10.09
C GLU H 106 28.15 39.43 -10.30
N SER H 107 29.10 39.16 -9.42
CA SER H 107 30.41 39.79 -9.46
C SER H 107 31.35 39.08 -10.46
N ASP H 108 32.49 39.72 -10.77
CA ASP H 108 33.48 39.14 -11.67
C ASP H 108 33.98 37.82 -11.07
N GLU H 109 34.16 37.77 -9.76
CA GLU H 109 34.66 36.56 -9.10
C GLU H 109 33.68 35.39 -9.26
N PHE H 110 32.40 35.67 -9.04
CA PHE H 110 31.37 34.66 -9.15
C PHE H 110 31.34 34.11 -10.55
N VAL H 111 31.25 35.01 -11.54
CA VAL H 111 31.22 34.61 -12.93
C VAL H 111 32.45 33.78 -13.30
N ALA H 112 33.59 34.08 -12.69
CA ALA H 112 34.81 33.36 -12.98
C ALA H 112 34.78 31.95 -12.39
N LYS H 113 34.22 31.81 -11.20
CA LYS H 113 34.09 30.49 -10.58
C LYS H 113 33.22 29.62 -11.49
N LYS H 114 32.16 30.23 -12.03
CA LYS H 114 31.27 29.55 -12.95
C LYS H 114 32.06 29.11 -14.20
N PHE H 115 32.93 29.98 -14.69
CA PHE H 115 33.75 29.70 -15.88
C PHE H 115 34.61 28.45 -15.62
N ALA H 116 35.19 28.38 -14.43
CA ALA H 116 36.02 27.25 -14.05
C ALA H 116 35.21 25.97 -13.86
N PHE H 117 34.05 26.06 -13.22
CA PHE H 117 33.22 24.88 -13.02
C PHE H 117 32.75 24.32 -14.37
N LEU H 118 32.39 25.20 -15.30
CA LEU H 118 31.94 24.75 -16.61
C LEU H 118 33.03 23.98 -17.34
N LYS H 119 34.26 24.50 -17.29
CA LYS H 119 35.40 23.87 -17.95
C LYS H 119 35.65 22.50 -17.34
N GLU H 120 35.51 22.45 -16.03
CA GLU H 120 35.73 21.22 -15.27
C GLU H 120 34.66 20.18 -15.58
N ASN H 121 33.53 20.62 -16.12
CA ASN H 121 32.47 19.70 -16.44
C ASN H 121 32.41 19.47 -17.90
N GLY H 122 33.45 19.91 -18.60
CA GLY H 122 33.48 19.71 -20.03
C GLY H 122 32.47 20.50 -20.84
N LEU H 123 31.95 21.57 -20.26
CA LEU H 123 31.01 22.43 -20.97
C LEU H 123 31.79 23.63 -21.54
N THR H 124 31.18 24.33 -22.50
CA THR H 124 31.80 25.50 -23.13
C THR H 124 31.22 26.80 -22.59
N PRO H 125 32.02 27.62 -21.89
CA PRO H 125 31.53 28.89 -21.35
C PRO H 125 31.41 29.94 -22.44
N VAL H 126 30.37 30.76 -22.38
CA VAL H 126 30.20 31.89 -23.30
C VAL H 126 30.29 33.06 -22.32
N LEU H 127 31.52 33.50 -22.05
CA LEU H 127 31.79 34.56 -21.08
C LEU H 127 31.36 35.90 -21.59
N CYS H 128 30.45 36.56 -20.87
CA CYS H 128 29.98 37.88 -21.29
C CYS H 128 30.71 39.03 -20.58
N ILE H 129 31.27 39.94 -21.38
CA ILE H 129 31.96 41.10 -20.85
C ILE H 129 31.46 42.35 -21.56
N GLY H 130 31.57 43.51 -20.92
CA GLY H 130 31.08 44.71 -21.57
C GLY H 130 30.97 45.89 -20.62
N GLU H 131 31.05 47.11 -21.16
CA GLU H 131 31.03 48.36 -20.41
C GLU H 131 29.68 49.09 -20.42
N SER H 132 29.42 49.90 -19.39
CA SER H 132 28.16 50.63 -19.36
C SER H 132 28.24 51.88 -20.20
N ASP H 133 27.18 52.65 -20.18
CA ASP H 133 27.13 53.86 -20.97
C ASP H 133 28.11 54.88 -20.40
N ALA H 134 28.09 55.02 -19.09
CA ALA H 134 28.95 55.94 -18.38
C ALA H 134 30.41 55.56 -18.55
N GLN H 135 30.72 54.28 -18.42
CA GLN H 135 32.10 53.84 -18.58
C GLN H 135 32.62 54.12 -19.98
N ASN H 136 31.70 54.13 -20.94
CA ASN H 136 32.06 54.41 -22.32
C ASN H 136 32.35 55.92 -22.51
N GLU H 137 31.47 56.76 -21.97
CA GLU H 137 31.62 58.19 -22.05
C GLU H 137 32.93 58.58 -21.45
N ALA H 138 33.28 57.94 -20.35
CA ALA H 138 34.53 58.17 -19.63
C ALA H 138 35.76 57.59 -20.31
N GLY H 139 35.57 56.79 -21.34
CA GLY H 139 36.70 56.20 -22.03
C GLY H 139 37.29 55.03 -21.27
N GLU H 140 36.45 54.24 -20.59
CA GLU H 140 36.88 53.10 -19.79
C GLU H 140 36.59 51.73 -20.40
N THR H 141 36.08 51.70 -21.62
CA THR H 141 35.73 50.45 -22.27
C THR H 141 36.70 49.32 -22.08
N MET H 142 37.93 49.48 -22.54
CA MET H 142 38.95 48.42 -22.41
C MET H 142 39.40 48.11 -21.00
N ALA H 143 39.33 49.10 -20.11
CA ALA H 143 39.72 48.89 -18.73
C ALA H 143 38.73 47.86 -18.15
N VAL H 144 37.43 48.11 -18.32
CA VAL H 144 36.35 47.23 -17.90
C VAL H 144 36.48 45.83 -18.55
N CYS H 145 36.62 45.74 -19.88
CA CYS H 145 36.79 44.42 -20.51
C CYS H 145 38.06 43.73 -20.02
N ALA H 146 39.11 44.49 -19.74
CA ALA H 146 40.34 43.90 -19.26
C ALA H 146 40.17 43.37 -17.83
N ARG H 147 39.43 44.12 -17.02
CA ARG H 147 39.18 43.73 -15.65
C ARG H 147 38.34 42.43 -15.57
N GLN H 148 37.21 42.42 -16.26
CA GLN H 148 36.31 41.27 -16.27
C GLN H 148 36.95 40.02 -16.82
N LEU H 149 37.89 40.18 -17.75
CA LEU H 149 38.59 39.06 -18.37
C LEU H 149 39.71 38.51 -17.49
N ASP H 150 40.40 39.40 -16.78
CA ASP H 150 41.51 39.01 -15.93
C ASP H 150 41.07 38.24 -14.72
N ALA H 151 39.79 38.35 -14.40
CA ALA H 151 39.23 37.64 -13.25
C ALA H 151 39.39 36.15 -13.49
N VAL H 152 39.47 35.78 -14.77
CA VAL H 152 39.66 34.41 -15.21
C VAL H 152 41.14 34.21 -15.51
N ILE H 153 41.67 35.05 -16.41
CA ILE H 153 43.07 34.96 -16.84
C ILE H 153 44.05 34.95 -15.69
N ASN H 154 43.93 35.93 -14.80
CA ASN H 154 44.87 36.03 -13.68
C ASN H 154 44.69 34.99 -12.61
N THR H 155 43.63 34.20 -12.71
CA THR H 155 43.41 33.21 -11.68
C THR H 155 43.51 31.78 -12.20
N GLN H 156 43.04 31.56 -13.42
CA GLN H 156 43.08 30.24 -14.02
C GLN H 156 44.14 30.15 -15.13
N GLY H 157 44.77 31.28 -15.47
CA GLY H 157 45.75 31.29 -16.52
C GLY H 157 45.12 31.44 -17.88
N VAL H 158 45.89 31.97 -18.85
CA VAL H 158 45.39 32.20 -20.19
C VAL H 158 44.87 30.97 -20.85
N GLU H 159 45.59 29.86 -20.71
CA GLU H 159 45.16 28.61 -21.33
C GLU H 159 43.68 28.33 -21.02
N ALA H 160 43.18 28.82 -19.88
CA ALA H 160 41.78 28.61 -19.48
C ALA H 160 40.80 29.05 -20.57
N LEU H 161 41.20 30.02 -21.38
CA LEU H 161 40.35 30.51 -22.44
C LEU H 161 40.29 29.60 -23.64
N GLU H 162 41.07 28.52 -23.67
CA GLU H 162 40.92 27.70 -24.86
C GLU H 162 39.69 26.87 -24.78
N GLY H 163 38.92 26.95 -25.86
CA GLY H 163 37.68 26.22 -25.95
C GLY H 163 36.52 27.00 -25.41
N ALA H 164 36.74 28.26 -25.04
CA ALA H 164 35.66 29.08 -24.52
C ALA H 164 35.32 30.11 -25.56
N ILE H 165 34.16 30.74 -25.40
CA ILE H 165 33.71 31.80 -26.28
C ILE H 165 33.59 33.10 -25.45
N ILE H 166 34.02 34.21 -26.02
CA ILE H 166 33.94 35.49 -25.33
C ILE H 166 32.93 36.33 -26.10
N ALA H 167 31.97 36.88 -25.40
CA ALA H 167 30.99 37.68 -26.09
C ALA H 167 31.16 39.12 -25.62
N TYR H 168 31.62 40.00 -26.51
CA TYR H 168 31.76 41.37 -26.11
C TYR H 168 30.46 42.04 -26.42
N GLU H 169 29.79 42.57 -25.39
CA GLU H 169 28.50 43.24 -25.57
C GLU H 169 28.48 44.57 -24.82
N PRO H 170 28.45 45.70 -25.54
CA PRO H 170 28.40 46.97 -24.81
C PRO H 170 27.00 47.06 -24.30
N ILE H 171 26.87 47.22 -22.99
CA ILE H 171 25.59 47.28 -22.31
C ILE H 171 24.56 48.20 -22.92
N TRP H 172 24.95 49.37 -23.34
CA TRP H 172 24.01 50.33 -23.93
C TRP H 172 23.43 49.96 -25.31
N ALA H 173 23.94 48.88 -25.91
CA ALA H 173 23.52 48.39 -27.23
C ALA H 173 22.60 47.19 -27.12
N ILE H 174 22.47 46.67 -25.90
CA ILE H 174 21.63 45.49 -25.63
C ILE H 174 20.15 45.80 -25.63
N GLY H 175 19.48 45.33 -26.67
CA GLY H 175 18.06 45.53 -26.81
C GLY H 175 17.67 46.98 -26.91
N THR H 176 18.62 47.83 -27.31
CA THR H 176 18.35 49.26 -27.44
C THR H 176 18.23 49.70 -28.89
N GLY H 177 18.80 48.91 -29.80
CA GLY H 177 18.75 49.31 -31.20
C GLY H 177 19.89 50.28 -31.47
N LYS H 178 20.63 50.66 -30.43
CA LYS H 178 21.76 51.55 -30.55
C LYS H 178 22.96 50.64 -30.53
N ALA H 179 23.25 50.04 -31.68
CA ALA H 179 24.38 49.12 -31.82
C ALA H 179 25.69 49.82 -32.05
N ALA H 180 26.77 49.13 -31.69
CA ALA H 180 28.11 49.68 -31.89
C ALA H 180 28.44 49.59 -33.40
N THR H 181 29.15 50.57 -33.94
CA THR H 181 29.49 50.49 -35.37
C THR H 181 30.40 49.25 -35.54
N ALA H 182 30.45 48.71 -36.75
CA ALA H 182 31.27 47.54 -36.99
C ALA H 182 32.74 47.82 -36.76
N GLU H 183 33.09 49.11 -36.88
CA GLU H 183 34.47 49.59 -36.71
C GLU H 183 34.89 49.64 -35.25
N ASP H 184 33.99 50.10 -34.39
CA ASP H 184 34.28 50.14 -32.96
C ASP H 184 34.41 48.75 -32.45
N ALA H 185 33.41 47.92 -32.82
CA ALA H 185 33.35 46.54 -32.42
C ALA H 185 34.67 45.87 -32.80
N GLN H 186 35.13 46.12 -34.02
CA GLN H 186 36.39 45.52 -34.47
C GLN H 186 37.57 46.05 -33.67
N ARG H 187 37.52 47.34 -33.31
CA ARG H 187 38.59 48.01 -32.54
C ARG H 187 38.71 47.31 -31.21
N ILE H 188 37.60 47.26 -30.50
CA ILE H 188 37.54 46.61 -29.22
C ILE H 188 37.94 45.13 -29.26
N HIS H 189 37.46 44.37 -30.26
CA HIS H 189 37.77 42.94 -30.34
C HIS H 189 39.24 42.78 -30.59
N ALA H 190 39.84 43.69 -31.34
CA ALA H 190 41.26 43.58 -31.62
C ALA H 190 42.07 43.85 -30.40
N GLN H 191 41.62 44.81 -29.59
CA GLN H 191 42.32 45.12 -28.34
C GLN H 191 42.14 44.03 -27.27
N ILE H 192 41.02 43.30 -27.30
CA ILE H 192 40.78 42.23 -26.32
C ILE H 192 41.70 41.09 -26.67
N ARG H 193 41.71 40.74 -27.96
CA ARG H 193 42.54 39.66 -28.45
C ARG H 193 43.96 40.02 -28.12
N ALA H 194 44.33 41.28 -28.36
CA ALA H 194 45.68 41.79 -28.08
C ALA H 194 46.06 41.65 -26.62
N HIS H 195 45.11 41.93 -25.74
CA HIS H 195 45.32 41.82 -24.30
C HIS H 195 45.62 40.37 -23.97
N ILE H 196 44.90 39.47 -24.61
CA ILE H 196 45.12 38.07 -24.40
C ILE H 196 46.47 37.64 -24.97
N ALA H 197 46.80 38.09 -26.19
CA ALA H 197 48.07 37.74 -26.86
C ALA H 197 49.30 38.23 -26.10
N GLU H 198 49.09 39.11 -25.14
CA GLU H 198 50.19 39.60 -24.34
C GLU H 198 50.60 38.50 -23.35
N LYS H 199 49.83 37.42 -23.30
CA LYS H 199 50.11 36.27 -22.41
C LYS H 199 50.23 34.96 -23.21
N SER H 200 49.58 34.90 -24.37
CA SER H 200 49.64 33.73 -25.24
C SER H 200 49.01 34.09 -26.58
N GLU H 201 49.81 34.11 -27.65
CA GLU H 201 49.28 34.44 -28.97
C GLU H 201 48.62 33.21 -29.57
N ALA H 202 49.00 32.04 -29.06
CA ALA H 202 48.42 30.81 -29.53
C ALA H 202 46.98 30.76 -29.07
N VAL H 203 46.76 31.15 -27.81
CA VAL H 203 45.42 31.17 -27.26
C VAL H 203 44.68 32.30 -27.95
N ALA H 204 45.30 33.47 -27.98
CA ALA H 204 44.71 34.65 -28.56
C ALA H 204 44.23 34.51 -30.00
N LYS H 205 45.02 33.86 -30.85
CA LYS H 205 44.54 33.77 -32.22
C LYS H 205 43.46 32.74 -32.39
N ASN H 206 43.35 31.83 -31.42
CA ASN H 206 42.32 30.79 -31.50
C ASN H 206 40.95 31.06 -30.85
N VAL H 207 40.90 31.90 -29.83
CA VAL H 207 39.67 32.19 -29.13
C VAL H 207 38.64 32.91 -29.98
N VAL H 208 37.42 32.41 -29.94
CA VAL H 208 36.31 32.98 -30.68
C VAL H 208 35.77 34.14 -29.89
N ILE H 209 35.70 35.32 -30.51
CA ILE H 209 35.18 36.49 -29.83
C ILE H 209 33.94 36.96 -30.58
N GLN H 210 32.78 36.94 -29.92
CA GLN H 210 31.53 37.34 -30.55
C GLN H 210 31.17 38.75 -30.17
N TYR H 211 30.36 39.42 -30.99
CA TYR H 211 29.91 40.77 -30.68
C TYR H 211 28.45 40.64 -30.23
N GLY H 212 28.07 41.43 -29.21
CA GLY H 212 26.74 41.36 -28.64
C GLY H 212 25.74 42.44 -28.98
N GLY H 213 26.07 43.69 -28.72
CA GLY H 213 25.17 44.79 -29.06
C GLY H 213 23.79 44.52 -29.63
N SER H 214 23.40 45.13 -30.74
CA SER H 214 22.04 44.86 -31.27
C SER H 214 22.10 44.27 -32.69
N VAL H 215 22.74 43.12 -32.85
CA VAL H 215 22.88 42.48 -34.16
C VAL H 215 21.54 42.20 -34.77
N LYS H 216 21.38 42.58 -36.04
CA LYS H 216 20.13 42.36 -36.77
C LYS H 216 20.50 41.90 -38.14
N PRO H 217 19.52 41.30 -38.85
CA PRO H 217 19.82 40.83 -40.21
C PRO H 217 20.40 41.97 -41.09
N GLU H 218 19.86 43.17 -40.93
CA GLU H 218 20.32 44.32 -41.70
C GLU H 218 21.75 44.80 -41.41
N ASN H 219 22.32 44.44 -40.26
CA ASN H 219 23.68 44.87 -39.93
C ASN H 219 24.68 43.76 -39.65
N ALA H 220 24.24 42.52 -39.71
CA ALA H 220 25.11 41.42 -39.42
C ALA H 220 26.36 41.28 -40.27
N ALA H 221 26.24 41.44 -41.59
CA ALA H 221 27.43 41.25 -42.44
C ALA H 221 28.53 42.31 -42.34
N ALA H 222 28.16 43.52 -41.93
CA ALA H 222 29.15 44.57 -41.73
C ALA H 222 30.07 44.08 -40.61
N TYR H 223 29.46 43.49 -39.56
CA TYR H 223 30.21 42.97 -38.43
C TYR H 223 31.05 41.80 -38.88
N PHE H 224 30.40 40.85 -39.52
CA PHE H 224 31.07 39.63 -39.95
C PHE H 224 32.18 39.80 -40.96
N ALA H 225 32.32 41.01 -41.48
CA ALA H 225 33.40 41.32 -42.42
C ALA H 225 34.70 41.60 -41.63
N GLN H 226 34.57 42.20 -40.44
CA GLN H 226 35.71 42.52 -39.59
C GLN H 226 36.45 41.25 -39.24
N PRO H 227 37.75 41.27 -39.32
CA PRO H 227 38.56 40.09 -39.00
C PRO H 227 38.59 39.56 -37.57
N ASP H 228 38.29 40.40 -36.58
CA ASP H 228 38.33 39.91 -35.21
C ASP H 228 37.01 39.61 -34.54
N ILE H 229 35.93 39.74 -35.31
CA ILE H 229 34.59 39.46 -34.85
C ILE H 229 34.28 38.06 -35.41
N ASP H 230 34.33 37.04 -34.55
CA ASP H 230 34.07 35.65 -34.96
C ASP H 230 32.62 35.13 -34.90
N GLY H 231 31.66 35.99 -34.64
CA GLY H 231 30.28 35.55 -34.56
C GLY H 231 29.43 36.58 -33.88
N ALA H 232 28.25 36.23 -33.41
CA ALA H 232 27.40 37.21 -32.74
C ALA H 232 26.49 36.54 -31.72
N LEU H 233 26.22 37.23 -30.62
CA LEU H 233 25.31 36.73 -29.59
C LEU H 233 24.07 37.58 -29.84
N VAL H 234 22.98 36.93 -30.24
CA VAL H 234 21.75 37.61 -30.61
C VAL H 234 20.62 37.48 -29.59
N GLY H 235 19.94 38.59 -29.33
CA GLY H 235 18.83 38.58 -28.40
C GLY H 235 17.55 38.62 -29.18
N GLY H 236 17.00 39.82 -29.38
CA GLY H 236 15.76 39.97 -30.11
C GLY H 236 15.68 39.29 -31.46
N ALA H 237 16.66 39.44 -32.32
CA ALA H 237 16.55 38.82 -33.62
C ALA H 237 16.56 37.29 -33.57
N ALA H 238 16.78 36.72 -32.39
CA ALA H 238 16.82 35.26 -32.23
C ALA H 238 15.45 34.63 -32.02
N LEU H 239 14.47 35.47 -31.77
CA LEU H 239 13.14 35.01 -31.49
C LEU H 239 12.31 34.82 -32.72
N ASP H 240 12.96 34.99 -33.88
CA ASP H 240 12.35 34.82 -35.21
C ASP H 240 13.30 33.98 -36.12
N ALA H 241 12.77 32.93 -36.73
CA ALA H 241 13.58 32.05 -37.55
C ALA H 241 14.20 32.69 -38.80
N LYS H 242 13.44 33.56 -39.46
CA LYS H 242 13.93 34.20 -40.65
C LYS H 242 15.12 35.03 -40.32
N SER H 243 14.94 35.97 -39.37
CA SER H 243 16.03 36.86 -38.94
C SER H 243 17.28 36.12 -38.53
N PHE H 244 17.15 35.31 -37.49
CA PHE H 244 18.27 34.56 -36.96
C PHE H 244 18.99 33.66 -37.98
N ALA H 245 18.24 33.03 -38.91
CA ALA H 245 18.87 32.18 -39.94
C ALA H 245 19.65 33.13 -40.87
N ALA H 246 19.06 34.29 -41.11
CA ALA H 246 19.69 35.33 -41.92
C ALA H 246 21.06 35.63 -41.30
N ILE H 247 21.06 36.11 -40.04
CA ILE H 247 22.29 36.42 -39.33
C ILE H 247 23.28 35.26 -39.41
N ALA H 248 22.78 34.03 -39.26
CA ALA H 248 23.67 32.88 -39.33
C ALA H 248 24.23 32.73 -40.73
N LYS H 249 23.43 32.96 -41.74
CA LYS H 249 23.92 32.81 -43.10
C LYS H 249 24.98 33.84 -43.42
N ALA H 250 24.76 35.07 -42.95
CA ALA H 250 25.71 36.16 -43.16
C ALA H 250 27.09 35.77 -42.63
N ALA H 251 27.15 35.20 -41.44
CA ALA H 251 28.43 34.79 -40.87
C ALA H 251 29.11 33.73 -41.71
N ALA H 252 28.33 32.80 -42.24
CA ALA H 252 28.86 31.70 -43.04
C ALA H 252 29.50 32.24 -44.33
N GLU H 253 28.76 33.11 -45.04
CA GLU H 253 29.22 33.76 -46.27
C GLU H 253 30.55 34.47 -45.99
N ALA H 254 30.50 35.47 -45.12
CA ALA H 254 31.65 36.28 -44.78
C ALA H 254 32.89 35.52 -44.34
N LYS H 255 32.75 34.52 -43.49
CA LYS H 255 33.93 33.79 -43.00
C LYS H 255 34.42 32.65 -43.91
P PGA I . 17.56 5.81 32.62
O1P PGA I . 17.41 4.48 33.53
O2P PGA I . 18.83 6.55 33.04
O3P PGA I . 16.31 6.62 32.80
O4P PGA I . 17.72 5.33 31.17
C2 PGA I . 16.31 3.59 33.28
C1 PGA I . 15.84 2.70 34.44
O1 PGA I . 14.61 2.39 34.43
O2 PGA I . 16.58 2.34 35.31
P PGA J . 25.15 -19.14 64.88
O1P PGA J . 25.64 -18.64 63.46
O2P PGA J . 23.68 -18.90 64.98
O3P PGA J . 25.95 -18.43 65.93
O4P PGA J . 25.39 -20.65 64.93
C2 PGA J . 26.75 -17.77 63.36
C1 PGA J . 26.90 -17.11 62.01
O1 PGA J . 27.88 -16.26 61.90
O2 PGA J . 26.15 -17.37 61.10
P PGA K . -20.78 -12.15 -3.51
O1P PGA K . -21.78 -12.18 -2.24
O2P PGA K . -19.94 -13.42 -3.49
O3P PGA K . -19.97 -10.89 -3.41
O4P PGA K . -21.67 -12.15 -4.77
C2 PGA K . -22.73 -11.10 -2.08
C1 PGA K . -23.24 -10.83 -0.65
O1 PGA K . -23.55 -9.62 -0.41
O2 PGA K . -23.32 -11.68 0.19
P PGA L . -35.00 -24.94 33.29
O1P PGA L . -34.95 -25.22 31.73
O2P PGA L . -34.77 -23.48 33.52
O3P PGA L . -34.01 -25.83 33.98
O4P PGA L . -36.44 -25.26 33.75
C2 PGA L . -34.13 -26.27 31.24
C1 PGA L . -33.89 -26.22 29.75
O1 PGA L . -33.11 -27.13 29.28
O2 PGA L . -34.42 -25.37 29.07
P PGA M . -16.72 -6.49 -32.80
O1P PGA M . -15.69 -6.15 -34.00
O2P PGA M . -17.73 -7.52 -33.27
O3P PGA M . -17.34 -5.19 -32.36
O4P PGA M . -15.87 -7.10 -31.66
C2 PGA M . -14.60 -5.25 -33.75
C1 PGA M . -14.03 -4.51 -34.97
O1 PGA M . -13.52 -3.36 -34.73
O2 PGA M . -14.04 -4.97 -36.07
P PGA N . -3.37 -5.76 -72.05
O1P PGA N . -3.51 -6.61 -70.73
O2P PGA N . -3.40 -4.31 -71.69
O3P PGA N . -4.46 -6.16 -73.00
O4P PGA N . -1.98 -6.07 -72.64
C2 PGA N . -4.48 -7.64 -70.65
C1 PGA N . -4.75 -8.14 -69.25
O1 PGA N . -5.67 -9.05 -69.15
O2 PGA N . -4.13 -7.71 -68.31
P PGA O . 15.70 17.76 5.04
O1P PGA O . 15.53 19.10 4.17
O2P PGA O . 16.78 16.89 4.42
O3P PGA O . 14.35 17.08 5.10
O4P PGA O . 16.17 18.20 6.44
C2 PGA O . 14.59 20.10 4.61
C1 PGA O . 14.03 21.05 3.53
O1 PGA O . 12.85 21.49 3.77
O2 PGA O . 14.62 21.35 2.54
P PGA P . 19.99 42.06 -28.29
O1P PGA P . 20.68 41.50 -26.97
O2P PGA P . 18.51 41.98 -28.13
O3P PGA P . 20.51 41.28 -29.46
O4P PGA P . 20.38 43.53 -28.41
C2 PGA P . 21.68 40.51 -27.07
C1 PGA P . 22.01 39.81 -25.76
O1 PGA P . 22.88 38.87 -25.83
O2 PGA P . 21.45 40.15 -24.73
#